data_7V4S
# 
_entry.id   7V4S 
# 
_audit_conform.dict_name       mmcif_pdbx.dic 
_audit_conform.dict_version    5.380 
_audit_conform.dict_location   http://mmcif.pdb.org/dictionaries/ascii/mmcif_pdbx.dic 
# 
loop_
_database_2.database_id 
_database_2.database_code 
_database_2.pdbx_database_accession 
_database_2.pdbx_DOI 
PDB   7V4S         pdb_00007v4s 10.2210/pdb7v4s/pdb 
WWPDB D_1300024005 ?            ?                   
# 
_pdbx_database_status.status_code                     REL 
_pdbx_database_status.status_code_sf                  REL 
_pdbx_database_status.status_code_mr                  ? 
_pdbx_database_status.entry_id                        7V4S 
_pdbx_database_status.recvd_initial_deposition_date   2021-08-14 
_pdbx_database_status.SG_entry                        N 
_pdbx_database_status.deposit_site                    PDBJ 
_pdbx_database_status.process_site                    PDBJ 
_pdbx_database_status.status_code_cs                  ? 
_pdbx_database_status.status_code_nmr_data            ? 
_pdbx_database_status.methods_development_category    ? 
_pdbx_database_status.pdb_format_compatible           Y 
# 
loop_
_audit_author.name 
_audit_author.pdbx_ordinal 
_audit_author.identifier_ORCID 
'Bobbili, K.B.'     1 ? 
'Sivaji, N.'        2 ? 
'Jayaprakash, N.G.' 3 ? 
'Narayanan, V.'     4 ? 
'Sekhar, A.'        5 ? 
'Suguna, K.'        6 ? 
'Surolia, A.'       7 ? 
# 
_citation.abstract                  ? 
_citation.abstract_id_CAS           ? 
_citation.book_id_ISBN              ? 
_citation.book_publisher            ? 
_citation.book_publisher_city       ? 
_citation.book_title                ? 
_citation.coordinate_linkage        ? 
_citation.country                   US 
_citation.database_id_Medline       ? 
_citation.details                   ? 
_citation.id                        primary 
_citation.journal_abbrev            Biochemistry 
_citation.journal_id_ASTM           BICHAW 
_citation.journal_id_CSD            0033 
_citation.journal_id_ISSN           0006-2960 
_citation.journal_full              ? 
_citation.journal_issue             ? 
_citation.journal_volume            61 
_citation.language                  ? 
_citation.page_first                464 
_citation.page_last                 478 
_citation.title                     'Structure and Carbohydrate Recognition by the Nonmitogenic Lectin Horcolin.' 
_citation.year                      2022 
_citation.database_id_CSD           ? 
_citation.pdbx_database_id_DOI      10.1021/acs.biochem.1c00778 
_citation.pdbx_database_id_PubMed   35225598 
_citation.pdbx_database_id_patent   ? 
_citation.unpublished_flag          ? 
# 
loop_
_citation_author.citation_id 
_citation_author.name 
_citation_author.ordinal 
_citation_author.identifier_ORCID 
primary 'Narayanan, V.'     1 ? 
primary 'Bobbili, K.B.'     2 ? 
primary 'Sivaji, N.'        3 ? 
primary 'Jayaprakash, N.G.' 4 ? 
primary 'Suguna, K.'        5 ? 
primary 'Surolia, A.'       6 ? 
primary 'Sekhar, A.'        7 ? 
# 
_cell.angle_alpha                  90.000 
_cell.angle_alpha_esd              ? 
_cell.angle_beta                   90.000 
_cell.angle_beta_esd               ? 
_cell.angle_gamma                  120.000 
_cell.angle_gamma_esd              ? 
_cell.entry_id                     7V4S 
_cell.details                      ? 
_cell.formula_units_Z              ? 
_cell.length_a                     42.840 
_cell.length_a_esd                 ? 
_cell.length_b                     42.840 
_cell.length_b_esd                 ? 
_cell.length_c                     139.201 
_cell.length_c_esd                 ? 
_cell.volume                       ? 
_cell.volume_esd                   ? 
_cell.Z_PDB                        6 
_cell.reciprocal_angle_alpha       ? 
_cell.reciprocal_angle_beta        ? 
_cell.reciprocal_angle_gamma       ? 
_cell.reciprocal_angle_alpha_esd   ? 
_cell.reciprocal_angle_beta_esd    ? 
_cell.reciprocal_angle_gamma_esd   ? 
_cell.reciprocal_length_a          ? 
_cell.reciprocal_length_b          ? 
_cell.reciprocal_length_c          ? 
_cell.reciprocal_length_a_esd      ? 
_cell.reciprocal_length_b_esd      ? 
_cell.reciprocal_length_c_esd      ? 
_cell.pdbx_unique_axis             ? 
# 
_symmetry.entry_id                         7V4S 
_symmetry.cell_setting                     ? 
_symmetry.Int_Tables_number                152 
_symmetry.space_group_name_Hall            ? 
_symmetry.space_group_name_H-M             'P 31 2 1' 
_symmetry.pdbx_full_space_group_name_H-M   ? 
# 
loop_
_entity.id 
_entity.type 
_entity.src_method 
_entity.pdbx_description 
_entity.formula_weight 
_entity.pdbx_number_of_molecules 
_entity.pdbx_ec 
_entity.pdbx_mutation 
_entity.pdbx_fragment 
_entity.details 
1 polymer     man Horcolin                         15136.077 1   ? ? ? ? 
2 non-polymer syn 'methyl alpha-D-mannopyranoside' 194.182   2   ? ? ? ? 
3 water       nat water                            18.015    209 ? ? ? ? 
# 
_entity_name_com.entity_id   1 
_entity_name_com.name        'Agglutinin,Mannose-specific lectin' 
# 
_entity_poly.entity_id                      1 
_entity_poly.type                           'polypeptide(L)' 
_entity_poly.nstd_linkage                   no 
_entity_poly.nstd_monomer                   no 
_entity_poly.pdbx_seq_one_letter_code       
;MSKPVKIGPWGGNGGSERDVQPKPIRMVSMTVSSGAIVDAIAFTYVGTDNVQHSSGIKWGGTGGTEDTINLDATNYVTEI
SGTVGKFGTDDIVTSLKIITSKGVTRTYGSGTGIPFRVPVLDGGKIAGFFGRAGAFLDAIGFYITP
;
_entity_poly.pdbx_seq_one_letter_code_can   
;MSKPVKIGPWGGNGGSERDVQPKPIRMVSMTVSSGAIVDAIAFTYVGTDNVQHSSGIKWGGTGGTEDTINLDATNYVTEI
SGTVGKFGTDDIVTSLKIITSKGVTRTYGSGTGIPFRVPVLDGGKIAGFFGRAGAFLDAIGFYITP
;
_entity_poly.pdbx_strand_id                 A 
_entity_poly.pdbx_target_identifier         ? 
# 
loop_
_entity_poly_seq.entity_id 
_entity_poly_seq.num 
_entity_poly_seq.mon_id 
_entity_poly_seq.hetero 
1 1   MET n 
1 2   SER n 
1 3   LYS n 
1 4   PRO n 
1 5   VAL n 
1 6   LYS n 
1 7   ILE n 
1 8   GLY n 
1 9   PRO n 
1 10  TRP n 
1 11  GLY n 
1 12  GLY n 
1 13  ASN n 
1 14  GLY n 
1 15  GLY n 
1 16  SER n 
1 17  GLU n 
1 18  ARG n 
1 19  ASP n 
1 20  VAL n 
1 21  GLN n 
1 22  PRO n 
1 23  LYS n 
1 24  PRO n 
1 25  ILE n 
1 26  ARG n 
1 27  MET n 
1 28  VAL n 
1 29  SER n 
1 30  MET n 
1 31  THR n 
1 32  VAL n 
1 33  SER n 
1 34  SER n 
1 35  GLY n 
1 36  ALA n 
1 37  ILE n 
1 38  VAL n 
1 39  ASP n 
1 40  ALA n 
1 41  ILE n 
1 42  ALA n 
1 43  PHE n 
1 44  THR n 
1 45  TYR n 
1 46  VAL n 
1 47  GLY n 
1 48  THR n 
1 49  ASP n 
1 50  ASN n 
1 51  VAL n 
1 52  GLN n 
1 53  HIS n 
1 54  SER n 
1 55  SER n 
1 56  GLY n 
1 57  ILE n 
1 58  LYS n 
1 59  TRP n 
1 60  GLY n 
1 61  GLY n 
1 62  THR n 
1 63  GLY n 
1 64  GLY n 
1 65  THR n 
1 66  GLU n 
1 67  ASP n 
1 68  THR n 
1 69  ILE n 
1 70  ASN n 
1 71  LEU n 
1 72  ASP n 
1 73  ALA n 
1 74  THR n 
1 75  ASN n 
1 76  TYR n 
1 77  VAL n 
1 78  THR n 
1 79  GLU n 
1 80  ILE n 
1 81  SER n 
1 82  GLY n 
1 83  THR n 
1 84  VAL n 
1 85  GLY n 
1 86  LYS n 
1 87  PHE n 
1 88  GLY n 
1 89  THR n 
1 90  ASP n 
1 91  ASP n 
1 92  ILE n 
1 93  VAL n 
1 94  THR n 
1 95  SER n 
1 96  LEU n 
1 97  LYS n 
1 98  ILE n 
1 99  ILE n 
1 100 THR n 
1 101 SER n 
1 102 LYS n 
1 103 GLY n 
1 104 VAL n 
1 105 THR n 
1 106 ARG n 
1 107 THR n 
1 108 TYR n 
1 109 GLY n 
1 110 SER n 
1 111 GLY n 
1 112 THR n 
1 113 GLY n 
1 114 ILE n 
1 115 PRO n 
1 116 PHE n 
1 117 ARG n 
1 118 VAL n 
1 119 PRO n 
1 120 VAL n 
1 121 LEU n 
1 122 ASP n 
1 123 GLY n 
1 124 GLY n 
1 125 LYS n 
1 126 ILE n 
1 127 ALA n 
1 128 GLY n 
1 129 PHE n 
1 130 PHE n 
1 131 GLY n 
1 132 ARG n 
1 133 ALA n 
1 134 GLY n 
1 135 ALA n 
1 136 PHE n 
1 137 LEU n 
1 138 ASP n 
1 139 ALA n 
1 140 ILE n 
1 141 GLY n 
1 142 PHE n 
1 143 TYR n 
1 144 ILE n 
1 145 THR n 
1 146 PRO n 
# 
_entity_src_gen.entity_id                          1 
_entity_src_gen.pdbx_src_id                        1 
_entity_src_gen.pdbx_alt_source_flag               sample 
_entity_src_gen.pdbx_seq_type                      'Biological sequence' 
_entity_src_gen.pdbx_beg_seq_num                   1 
_entity_src_gen.pdbx_end_seq_num                   146 
_entity_src_gen.gene_src_common_name               Barley 
_entity_src_gen.gene_src_genus                     ? 
_entity_src_gen.pdbx_gene_src_gene                 ? 
_entity_src_gen.gene_src_species                   ? 
_entity_src_gen.gene_src_strain                    ? 
_entity_src_gen.gene_src_tissue                    ? 
_entity_src_gen.gene_src_tissue_fraction           ? 
_entity_src_gen.gene_src_details                   ? 
_entity_src_gen.pdbx_gene_src_fragment             ? 
_entity_src_gen.pdbx_gene_src_scientific_name      'Hordeum vulgare' 
_entity_src_gen.pdbx_gene_src_ncbi_taxonomy_id     4513 
_entity_src_gen.pdbx_gene_src_variant              ? 
_entity_src_gen.pdbx_gene_src_cell_line            ? 
_entity_src_gen.pdbx_gene_src_atcc                 ? 
_entity_src_gen.pdbx_gene_src_organ                ? 
_entity_src_gen.pdbx_gene_src_organelle            ? 
_entity_src_gen.pdbx_gene_src_cell                 ? 
_entity_src_gen.pdbx_gene_src_cellular_location    ? 
_entity_src_gen.host_org_common_name               ? 
_entity_src_gen.pdbx_host_org_scientific_name      
;Escherichia coli 'BL21-Gold(DE3)pLysS AG'
;
_entity_src_gen.pdbx_host_org_ncbi_taxonomy_id     866768 
_entity_src_gen.host_org_genus                     ? 
_entity_src_gen.pdbx_host_org_gene                 ? 
_entity_src_gen.pdbx_host_org_organ                ? 
_entity_src_gen.host_org_species                   ? 
_entity_src_gen.pdbx_host_org_tissue               ? 
_entity_src_gen.pdbx_host_org_tissue_fraction      ? 
_entity_src_gen.pdbx_host_org_strain               ? 
_entity_src_gen.pdbx_host_org_variant              ? 
_entity_src_gen.pdbx_host_org_cell_line            ? 
_entity_src_gen.pdbx_host_org_atcc                 ? 
_entity_src_gen.pdbx_host_org_culture_collection   ? 
_entity_src_gen.pdbx_host_org_cell                 ? 
_entity_src_gen.pdbx_host_org_organelle            ? 
_entity_src_gen.pdbx_host_org_cellular_location    ? 
_entity_src_gen.pdbx_host_org_vector_type          ? 
_entity_src_gen.pdbx_host_org_vector               ? 
_entity_src_gen.host_org_details                   ? 
_entity_src_gen.expression_system_id               ? 
_entity_src_gen.plasmid_name                       ? 
_entity_src_gen.plasmid_details                    ? 
_entity_src_gen.pdbx_description                   ? 
# 
_struct_ref.id                         1 
_struct_ref.db_name                    UNP 
_struct_ref.db_code                    LECH_HORVU 
_struct_ref.pdbx_db_accession          Q5U9T2 
_struct_ref.pdbx_db_isoform            ? 
_struct_ref.entity_id                  1 
_struct_ref.pdbx_seq_one_letter_code   
;MSKPVKIGPWGGNGGSERDVQPKPIRMVSMTVSSGAIVDAIAFTYVGTDNVQHSSGIKWGGTGGTEDTINLDATNYVTEI
SGTVGKFGTDDIVTSLKIITSKGVTRTYGSGTGIPFRVPVLDGGKIAGFFGRAGAFLDAIGFYITP
;
_struct_ref.pdbx_align_begin           1 
# 
_struct_ref_seq.align_id                      1 
_struct_ref_seq.ref_id                        1 
_struct_ref_seq.pdbx_PDB_id_code              7V4S 
_struct_ref_seq.pdbx_strand_id                A 
_struct_ref_seq.seq_align_beg                 1 
_struct_ref_seq.pdbx_seq_align_beg_ins_code   ? 
_struct_ref_seq.seq_align_end                 146 
_struct_ref_seq.pdbx_seq_align_end_ins_code   ? 
_struct_ref_seq.pdbx_db_accession             Q5U9T2 
_struct_ref_seq.db_align_beg                  1 
_struct_ref_seq.pdbx_db_align_beg_ins_code    ? 
_struct_ref_seq.db_align_end                  146 
_struct_ref_seq.pdbx_db_align_end_ins_code    ? 
_struct_ref_seq.pdbx_auth_seq_align_beg       1 
_struct_ref_seq.pdbx_auth_seq_align_end       146 
# 
loop_
_chem_comp.id 
_chem_comp.type 
_chem_comp.mon_nstd_flag 
_chem_comp.name 
_chem_comp.pdbx_synonyms 
_chem_comp.formula 
_chem_comp.formula_weight 
ALA 'L-peptide linking' y ALANINE                          ? 'C3 H7 N O2'     89.093  
ARG 'L-peptide linking' y ARGININE                         ? 'C6 H15 N4 O2 1' 175.209 
ASN 'L-peptide linking' y ASPARAGINE                       ? 'C4 H8 N2 O3'    132.118 
ASP 'L-peptide linking' y 'ASPARTIC ACID'                  ? 'C4 H7 N O4'     133.103 
GLN 'L-peptide linking' y GLUTAMINE                        ? 'C5 H10 N2 O3'   146.144 
GLU 'L-peptide linking' y 'GLUTAMIC ACID'                  ? 'C5 H9 N O4'     147.129 
GLY 'peptide linking'   y GLYCINE                          ? 'C2 H5 N O2'     75.067  
HIS 'L-peptide linking' y HISTIDINE                        ? 'C6 H10 N3 O2 1' 156.162 
HOH non-polymer         . WATER                            ? 'H2 O'           18.015  
ILE 'L-peptide linking' y ISOLEUCINE                       ? 'C6 H13 N O2'    131.173 
LEU 'L-peptide linking' y LEUCINE                          ? 'C6 H13 N O2'    131.173 
LYS 'L-peptide linking' y LYSINE                           ? 'C6 H15 N2 O2 1' 147.195 
MET 'L-peptide linking' y METHIONINE                       ? 'C5 H11 N O2 S'  149.211 
MMA D-saccharide        n 'methyl alpha-D-mannopyranoside' 
'O1-METHYL-MANNOSE; methyl alpha-D-mannoside; methyl D-mannoside; methyl mannoside' 'C7 H14 O6'      194.182 
PHE 'L-peptide linking' y PHENYLALANINE                    ? 'C9 H11 N O2'    165.189 
PRO 'L-peptide linking' y PROLINE                          ? 'C5 H9 N O2'     115.130 
SER 'L-peptide linking' y SERINE                           ? 'C3 H7 N O3'     105.093 
THR 'L-peptide linking' y THREONINE                        ? 'C4 H9 N O3'     119.119 
TRP 'L-peptide linking' y TRYPTOPHAN                       ? 'C11 H12 N2 O2'  204.225 
TYR 'L-peptide linking' y TYROSINE                         ? 'C9 H11 N O3'    181.189 
VAL 'L-peptide linking' y VALINE                           ? 'C5 H11 N O2'    117.146 
# 
_exptl.absorpt_coefficient_mu     ? 
_exptl.absorpt_correction_T_max   ? 
_exptl.absorpt_correction_T_min   ? 
_exptl.absorpt_correction_type    ? 
_exptl.absorpt_process_details    ? 
_exptl.entry_id                   7V4S 
_exptl.crystals_number            1 
_exptl.details                    ? 
_exptl.method                     'X-RAY DIFFRACTION' 
_exptl.method_details             ? 
# 
_exptl_crystal.colour                      ? 
_exptl_crystal.density_diffrn              ? 
_exptl_crystal.density_Matthews            2.46 
_exptl_crystal.density_method              ? 
_exptl_crystal.density_percent_sol         50 
_exptl_crystal.description                 ? 
_exptl_crystal.F_000                       ? 
_exptl_crystal.id                          1 
_exptl_crystal.preparation                 ? 
_exptl_crystal.size_max                    ? 
_exptl_crystal.size_mid                    ? 
_exptl_crystal.size_min                    ? 
_exptl_crystal.size_rad                    ? 
_exptl_crystal.colour_lustre               ? 
_exptl_crystal.colour_modifier             ? 
_exptl_crystal.colour_primary              ? 
_exptl_crystal.density_meas                ? 
_exptl_crystal.density_meas_esd            ? 
_exptl_crystal.density_meas_gt             ? 
_exptl_crystal.density_meas_lt             ? 
_exptl_crystal.density_meas_temp           ? 
_exptl_crystal.density_meas_temp_esd       ? 
_exptl_crystal.density_meas_temp_gt        ? 
_exptl_crystal.density_meas_temp_lt        ? 
_exptl_crystal.pdbx_crystal_image_url      ? 
_exptl_crystal.pdbx_crystal_image_format   ? 
_exptl_crystal.pdbx_mosaicity              ? 
_exptl_crystal.pdbx_mosaicity_esd          ? 
# 
_exptl_crystal_grow.apparatus       ? 
_exptl_crystal_grow.atmosphere      ? 
_exptl_crystal_grow.crystal_id      1 
_exptl_crystal_grow.details         ? 
_exptl_crystal_grow.method          MICROBATCH 
_exptl_crystal_grow.method_ref      ? 
_exptl_crystal_grow.pH              ? 
_exptl_crystal_grow.pressure        ? 
_exptl_crystal_grow.pressure_esd    ? 
_exptl_crystal_grow.seeding         ? 
_exptl_crystal_grow.seeding_ref     ? 
_exptl_crystal_grow.temp            298 
_exptl_crystal_grow.temp_details    ? 
_exptl_crystal_grow.temp_esd        ? 
_exptl_crystal_grow.time            ? 
_exptl_crystal_grow.pdbx_details    
;0.2 M Magnesium chloride hexahydrate,
0.1 M TRIS hydrochloride pH 8.5,
30% w/v Polyethylene glycol 4,000
;
_exptl_crystal_grow.pdbx_pH_range   ? 
# 
_diffrn.ambient_environment              ? 
_diffrn.ambient_temp                     100 
_diffrn.ambient_temp_details             ? 
_diffrn.ambient_temp_esd                 ? 
_diffrn.crystal_id                       1 
_diffrn.crystal_support                  ? 
_diffrn.crystal_treatment                ? 
_diffrn.details                          ? 
_diffrn.id                               1 
_diffrn.ambient_pressure                 ? 
_diffrn.ambient_pressure_esd             ? 
_diffrn.ambient_pressure_gt              ? 
_diffrn.ambient_pressure_lt              ? 
_diffrn.ambient_temp_gt                  ? 
_diffrn.ambient_temp_lt                  ? 
_diffrn.pdbx_serial_crystal_experiment   N 
# 
_diffrn_detector.details                      ? 
_diffrn_detector.detector                     PIXEL 
_diffrn_detector.diffrn_id                    1 
_diffrn_detector.type                         'DECTRIS PILATUS3 6M' 
_diffrn_detector.area_resol_mean              ? 
_diffrn_detector.dtime                        ? 
_diffrn_detector.pdbx_frames_total            ? 
_diffrn_detector.pdbx_collection_time_total   ? 
_diffrn_detector.pdbx_collection_date         2019-09-11 
_diffrn_detector.pdbx_frequency               ? 
# 
_diffrn_radiation.collimation                      ? 
_diffrn_radiation.diffrn_id                        1 
_diffrn_radiation.filter_edge                      ? 
_diffrn_radiation.inhomogeneity                    ? 
_diffrn_radiation.monochromator                    ? 
_diffrn_radiation.polarisn_norm                    ? 
_diffrn_radiation.polarisn_ratio                   ? 
_diffrn_radiation.probe                            ? 
_diffrn_radiation.type                             ? 
_diffrn_radiation.xray_symbol                      ? 
_diffrn_radiation.wavelength_id                    1 
_diffrn_radiation.pdbx_monochromatic_or_laue_m_l   M 
_diffrn_radiation.pdbx_wavelength_list             ? 
_diffrn_radiation.pdbx_wavelength                  ? 
_diffrn_radiation.pdbx_diffrn_protocol             'SINGLE WAVELENGTH' 
_diffrn_radiation.pdbx_analyzer                    ? 
_diffrn_radiation.pdbx_scattering_type             x-ray 
# 
_diffrn_radiation_wavelength.id           1 
_diffrn_radiation_wavelength.wavelength   1.0 
_diffrn_radiation_wavelength.wt           1.0 
# 
_diffrn_source.current                     ? 
_diffrn_source.details                     ? 
_diffrn_source.diffrn_id                   1 
_diffrn_source.power                       ? 
_diffrn_source.size                        ? 
_diffrn_source.source                      SYNCHROTRON 
_diffrn_source.target                      ? 
_diffrn_source.type                        'ELETTRA BEAMLINE 11.2C' 
_diffrn_source.voltage                     ? 
_diffrn_source.take-off_angle              ? 
_diffrn_source.pdbx_wavelength_list        1.0 
_diffrn_source.pdbx_wavelength             ? 
_diffrn_source.pdbx_synchrotron_beamline   11.2C 
_diffrn_source.pdbx_synchrotron_site       ELETTRA 
# 
_reflns.B_iso_Wilson_estimate                          11.4 
_reflns.entry_id                                       7V4S 
_reflns.data_reduction_details                         ? 
_reflns.data_reduction_method                          ? 
_reflns.d_resolution_high                              1.2 
_reflns.d_resolution_low                               46.40 
_reflns.details                                        ? 
_reflns.limit_h_max                                    ? 
_reflns.limit_h_min                                    ? 
_reflns.limit_k_max                                    ? 
_reflns.limit_k_min                                    ? 
_reflns.limit_l_max                                    ? 
_reflns.limit_l_min                                    ? 
_reflns.number_all                                     ? 
_reflns.number_obs                                     45978 
_reflns.observed_criterion                             ? 
_reflns.observed_criterion_F_max                       ? 
_reflns.observed_criterion_F_min                       ? 
_reflns.observed_criterion_I_max                       ? 
_reflns.observed_criterion_I_min                       ? 
_reflns.observed_criterion_sigma_F                     ? 
_reflns.observed_criterion_sigma_I                     ? 
_reflns.percent_possible_obs                           97.3 
_reflns.R_free_details                                 ? 
_reflns.Rmerge_F_all                                   ? 
_reflns.Rmerge_F_obs                                   ? 
_reflns.Friedel_coverage                               ? 
_reflns.number_gt                                      ? 
_reflns.threshold_expression                           ? 
_reflns.pdbx_redundancy                                12 
_reflns.pdbx_Rmerge_I_obs                              0.128 
_reflns.pdbx_Rmerge_I_all                              ? 
_reflns.pdbx_Rsym_value                                ? 
_reflns.pdbx_netI_over_av_sigmaI                       ? 
_reflns.pdbx_netI_over_sigmaI                          10.5 
_reflns.pdbx_res_netI_over_av_sigmaI_2                 ? 
_reflns.pdbx_res_netI_over_sigmaI_2                    ? 
_reflns.pdbx_chi_squared                               ? 
_reflns.pdbx_scaling_rejects                           ? 
_reflns.pdbx_d_res_high_opt                            ? 
_reflns.pdbx_d_res_low_opt                             ? 
_reflns.pdbx_d_res_opt_method                          ? 
_reflns.phase_calculation_details                      ? 
_reflns.pdbx_Rrim_I_all                                ? 
_reflns.pdbx_Rpim_I_all                                0.038 
_reflns.pdbx_d_opt                                     ? 
_reflns.pdbx_number_measured_all                       ? 
_reflns.pdbx_diffrn_id                                 1 
_reflns.pdbx_ordinal                                   1 
_reflns.pdbx_CC_half                                   0.99 
_reflns.pdbx_CC_star                                   ? 
_reflns.pdbx_R_split                                   ? 
_reflns.pdbx_aniso_diffraction_limit_axis_1_ortho[1]   ? 
_reflns.pdbx_aniso_diffraction_limit_axis_1_ortho[2]   ? 
_reflns.pdbx_aniso_diffraction_limit_axis_1_ortho[3]   ? 
_reflns.pdbx_aniso_diffraction_limit_axis_2_ortho[1]   ? 
_reflns.pdbx_aniso_diffraction_limit_axis_2_ortho[2]   ? 
_reflns.pdbx_aniso_diffraction_limit_axis_2_ortho[3]   ? 
_reflns.pdbx_aniso_diffraction_limit_axis_3_ortho[1]   ? 
_reflns.pdbx_aniso_diffraction_limit_axis_3_ortho[2]   ? 
_reflns.pdbx_aniso_diffraction_limit_axis_3_ortho[3]   ? 
_reflns.pdbx_aniso_diffraction_limit_1                 ? 
_reflns.pdbx_aniso_diffraction_limit_2                 ? 
_reflns.pdbx_aniso_diffraction_limit_3                 ? 
_reflns.pdbx_aniso_B_tensor_eigenvector_1_ortho[1]     ? 
_reflns.pdbx_aniso_B_tensor_eigenvector_1_ortho[2]     ? 
_reflns.pdbx_aniso_B_tensor_eigenvector_1_ortho[3]     ? 
_reflns.pdbx_aniso_B_tensor_eigenvector_2_ortho[1]     ? 
_reflns.pdbx_aniso_B_tensor_eigenvector_2_ortho[2]     ? 
_reflns.pdbx_aniso_B_tensor_eigenvector_2_ortho[3]     ? 
_reflns.pdbx_aniso_B_tensor_eigenvector_3_ortho[1]     ? 
_reflns.pdbx_aniso_B_tensor_eigenvector_3_ortho[2]     ? 
_reflns.pdbx_aniso_B_tensor_eigenvector_3_ortho[3]     ? 
_reflns.pdbx_aniso_B_tensor_eigenvalue_1               ? 
_reflns.pdbx_aniso_B_tensor_eigenvalue_2               ? 
_reflns.pdbx_aniso_B_tensor_eigenvalue_3               ? 
_reflns.pdbx_orthogonalization_convention              ? 
_reflns.pdbx_percent_possible_ellipsoidal              ? 
_reflns.pdbx_percent_possible_spherical                ? 
_reflns.pdbx_percent_possible_ellipsoidal_anomalous    ? 
_reflns.pdbx_percent_possible_spherical_anomalous      ? 
_reflns.pdbx_redundancy_anomalous                      ? 
_reflns.pdbx_CC_half_anomalous                         ? 
_reflns.pdbx_absDiff_over_sigma_anomalous              ? 
_reflns.pdbx_percent_possible_anomalous                ? 
_reflns.pdbx_observed_signal_threshold                 ? 
_reflns.pdbx_signal_type                               ? 
_reflns.pdbx_signal_details                            ? 
_reflns.pdbx_signal_software_id                        ? 
# 
_reflns_shell.d_res_high                                    1.20 
_reflns_shell.d_res_low                                     1.26 
_reflns_shell.meanI_over_sigI_all                           ? 
_reflns_shell.meanI_over_sigI_obs                           2.3 
_reflns_shell.number_measured_all                           ? 
_reflns_shell.number_measured_obs                           ? 
_reflns_shell.number_possible                               ? 
_reflns_shell.number_unique_all                             ? 
_reflns_shell.number_unique_obs                             6436 
_reflns_shell.percent_possible_all                          95 
_reflns_shell.percent_possible_obs                          ? 
_reflns_shell.Rmerge_F_all                                  ? 
_reflns_shell.Rmerge_F_obs                                  ? 
_reflns_shell.Rmerge_I_all                                  ? 
_reflns_shell.Rmerge_I_obs                                  0.98 
_reflns_shell.meanI_over_sigI_gt                            ? 
_reflns_shell.meanI_over_uI_all                             ? 
_reflns_shell.meanI_over_uI_gt                              ? 
_reflns_shell.number_measured_gt                            ? 
_reflns_shell.number_unique_gt                              ? 
_reflns_shell.percent_possible_gt                           ? 
_reflns_shell.Rmerge_F_gt                                   ? 
_reflns_shell.Rmerge_I_gt                                   ? 
_reflns_shell.pdbx_redundancy                               12 
_reflns_shell.pdbx_Rsym_value                               ? 
_reflns_shell.pdbx_chi_squared                              ? 
_reflns_shell.pdbx_netI_over_sigmaI_all                     ? 
_reflns_shell.pdbx_netI_over_sigmaI_obs                     ? 
_reflns_shell.pdbx_Rrim_I_all                               ? 
_reflns_shell.pdbx_Rpim_I_all                               0.289 
_reflns_shell.pdbx_rejects                                  ? 
_reflns_shell.pdbx_ordinal                                  1 
_reflns_shell.pdbx_diffrn_id                                1 
_reflns_shell.pdbx_CC_half                                  0.77 
_reflns_shell.pdbx_CC_star                                  ? 
_reflns_shell.pdbx_R_split                                  ? 
_reflns_shell.pdbx_percent_possible_ellipsoidal             ? 
_reflns_shell.pdbx_percent_possible_spherical               ? 
_reflns_shell.pdbx_percent_possible_ellipsoidal_anomalous   ? 
_reflns_shell.pdbx_percent_possible_spherical_anomalous     ? 
_reflns_shell.pdbx_redundancy_anomalous                     ? 
_reflns_shell.pdbx_CC_half_anomalous                        ? 
_reflns_shell.pdbx_absDiff_over_sigma_anomalous             ? 
_reflns_shell.pdbx_percent_possible_anomalous               ? 
# 
_refine.aniso_B[1][1]                            0.169 
_refine.aniso_B[1][2]                            0.084 
_refine.aniso_B[1][3]                            0.000 
_refine.aniso_B[2][2]                            0.169 
_refine.aniso_B[2][3]                            -0.000 
_refine.aniso_B[3][3]                            -0.547 
_refine.B_iso_max                                ? 
_refine.B_iso_mean                               13.729 
_refine.B_iso_min                                ? 
_refine.correlation_coeff_Fo_to_Fc               0.962 
_refine.correlation_coeff_Fo_to_Fc_free          0.947 
_refine.details                                  'Hydrogens have been added in their riding positions' 
_refine.diff_density_max                         ? 
_refine.diff_density_max_esd                     ? 
_refine.diff_density_min                         ? 
_refine.diff_density_min_esd                     ? 
_refine.diff_density_rms                         ? 
_refine.diff_density_rms_esd                     ? 
_refine.entry_id                                 7V4S 
_refine.pdbx_refine_id                           'X-RAY DIFFRACTION' 
_refine.ls_abs_structure_details                 ? 
_refine.ls_abs_structure_Flack                   ? 
_refine.ls_abs_structure_Flack_esd               ? 
_refine.ls_abs_structure_Rogers                  ? 
_refine.ls_abs_structure_Rogers_esd              ? 
_refine.ls_d_res_high                            1.200 
_refine.ls_d_res_low                             37.128 
_refine.ls_extinction_coef                       ? 
_refine.ls_extinction_coef_esd                   ? 
_refine.ls_extinction_expression                 ? 
_refine.ls_extinction_method                     ? 
_refine.ls_goodness_of_fit_all                   ? 
_refine.ls_goodness_of_fit_all_esd               ? 
_refine.ls_goodness_of_fit_obs                   ? 
_refine.ls_goodness_of_fit_obs_esd               ? 
_refine.ls_hydrogen_treatment                    ? 
_refine.ls_matrix_type                           ? 
_refine.ls_number_constraints                    ? 
_refine.ls_number_parameters                     ? 
_refine.ls_number_reflns_all                     ? 
_refine.ls_number_reflns_obs                     45952 
_refine.ls_number_reflns_R_free                  2326 
_refine.ls_number_reflns_R_work                  43626 
_refine.ls_number_restraints                     ? 
_refine.ls_percent_reflns_obs                    96.761 
_refine.ls_percent_reflns_R_free                 5.062 
_refine.ls_R_factor_all                          0.211 
_refine.ls_R_factor_obs                          ? 
_refine.ls_R_factor_R_free                       0.2346 
_refine.ls_R_factor_R_free_error                 ? 
_refine.ls_R_factor_R_free_error_details         ? 
_refine.ls_R_factor_R_work                       0.2094 
_refine.ls_R_Fsqd_factor_obs                     ? 
_refine.ls_R_I_factor_obs                        ? 
_refine.ls_redundancy_reflns_all                 ? 
_refine.ls_redundancy_reflns_obs                 ? 
_refine.ls_restrained_S_all                      ? 
_refine.ls_restrained_S_obs                      ? 
_refine.ls_shift_over_esd_max                    ? 
_refine.ls_shift_over_esd_mean                   ? 
_refine.ls_structure_factor_coef                 ? 
_refine.ls_weighting_details                     ? 
_refine.ls_weighting_scheme                      ? 
_refine.ls_wR_factor_all                         ? 
_refine.ls_wR_factor_obs                         ? 
_refine.ls_wR_factor_R_free                      ? 
_refine.ls_wR_factor_R_work                      ? 
_refine.occupancy_max                            ? 
_refine.occupancy_min                            ? 
_refine.solvent_model_details                    'MASK BULK SOLVENT' 
_refine.solvent_model_param_bsol                 ? 
_refine.solvent_model_param_ksol                 ? 
_refine.pdbx_R_complete                          ? 
_refine.ls_R_factor_gt                           ? 
_refine.ls_goodness_of_fit_gt                    ? 
_refine.ls_goodness_of_fit_ref                   ? 
_refine.ls_shift_over_su_max                     ? 
_refine.ls_shift_over_su_max_lt                  ? 
_refine.ls_shift_over_su_mean                    ? 
_refine.ls_shift_over_su_mean_lt                 ? 
_refine.pdbx_ls_sigma_I                          ? 
_refine.pdbx_ls_sigma_F                          ? 
_refine.pdbx_ls_sigma_Fsqd                       ? 
_refine.pdbx_data_cutoff_high_absF               ? 
_refine.pdbx_data_cutoff_high_rms_absF           ? 
_refine.pdbx_data_cutoff_low_absF                ? 
_refine.pdbx_isotropic_thermal_model             ? 
_refine.pdbx_ls_cross_valid_method               THROUGHOUT 
_refine.pdbx_method_to_determine_struct          'MOLECULAR REPLACEMENT' 
_refine.pdbx_starting_model                      1X1V 
_refine.pdbx_stereochemistry_target_values       ? 
_refine.pdbx_R_Free_selection_details            ? 
_refine.pdbx_stereochem_target_val_spec_case     ? 
_refine.pdbx_overall_ESU_R                       0.047 
_refine.pdbx_overall_ESU_R_Free                  0.049 
_refine.pdbx_solvent_vdw_probe_radii             1.200 
_refine.pdbx_solvent_ion_probe_radii             0.800 
_refine.pdbx_solvent_shrinkage_radii             0.800 
_refine.pdbx_real_space_R                        ? 
_refine.pdbx_density_correlation                 ? 
_refine.pdbx_pd_number_of_powder_patterns        ? 
_refine.pdbx_pd_number_of_points                 ? 
_refine.pdbx_pd_meas_number_of_points            ? 
_refine.pdbx_pd_proc_ls_prof_R_factor            ? 
_refine.pdbx_pd_proc_ls_prof_wR_factor           ? 
_refine.pdbx_pd_Marquardt_correlation_coeff      ? 
_refine.pdbx_pd_Fsqrd_R_factor                   ? 
_refine.pdbx_pd_ls_matrix_band_width             ? 
_refine.pdbx_overall_phase_error                 ? 
_refine.pdbx_overall_SU_R_free_Cruickshank_DPI   ? 
_refine.pdbx_overall_SU_R_free_Blow_DPI          ? 
_refine.pdbx_overall_SU_R_Blow_DPI               ? 
_refine.pdbx_TLS_residual_ADP_flag               ? 
_refine.pdbx_diffrn_id                           1 
_refine.overall_SU_B                             ? 
_refine.overall_SU_ML                            ? 
_refine.overall_SU_R_Cruickshank_DPI             ? 
_refine.overall_SU_R_free                        ? 
_refine.overall_FOM_free_R_set                   ? 
_refine.overall_FOM_work_R_set                   ? 
_refine.pdbx_average_fsc_overall                 ? 
_refine.pdbx_average_fsc_work                    ? 
_refine.pdbx_average_fsc_free                    ? 
# 
_refine_hist.pdbx_refine_id                   'X-RAY DIFFRACTION' 
_refine_hist.cycle_id                         LAST 
_refine_hist.pdbx_number_atoms_protein        1039 
_refine_hist.pdbx_number_atoms_nucleic_acid   0 
_refine_hist.pdbx_number_atoms_ligand         26 
_refine_hist.number_atoms_solvent             209 
_refine_hist.number_atoms_total               1274 
_refine_hist.d_res_high                       1.200 
_refine_hist.d_res_low                        37.128 
# 
loop_
_refine_ls_restr.pdbx_refine_id 
_refine_ls_restr.criterion 
_refine_ls_restr.dev_ideal 
_refine_ls_restr.dev_ideal_target 
_refine_ls_restr.number 
_refine_ls_restr.rejects 
_refine_ls_restr.type 
_refine_ls_restr.weight 
_refine_ls_restr.pdbx_restraint_function 
'X-RAY DIFFRACTION' ? 0.016  0.013  1087 ? r_bond_refined_d               ? ? 
'X-RAY DIFFRACTION' ? 0.036  0.017  1014 ? r_bond_other_d                 ? ? 
'X-RAY DIFFRACTION' ? 1.981  1.679  1476 ? r_angle_refined_deg            ? ? 
'X-RAY DIFFRACTION' ? 2.436  1.611  2350 ? r_angle_other_deg              ? ? 
'X-RAY DIFFRACTION' ? 6.754  5.000  142  ? r_dihedral_angle_1_deg         ? ? 
'X-RAY DIFFRACTION' ? 34.684 21.707 41   ? r_dihedral_angle_2_deg         ? ? 
'X-RAY DIFFRACTION' ? 11.672 15.000 160  ? r_dihedral_angle_3_deg         ? ? 
'X-RAY DIFFRACTION' ? 24.444 15.000 5    ? r_dihedral_angle_4_deg         ? ? 
'X-RAY DIFFRACTION' ? 0.092  0.200  158  ? r_chiral_restr                 ? ? 
'X-RAY DIFFRACTION' ? 0.011  0.020  1205 ? r_gen_planes_refined           ? ? 
'X-RAY DIFFRACTION' ? 0.015  0.020  226  ? r_gen_planes_other             ? ? 
'X-RAY DIFFRACTION' ? 0.151  0.200  142  ? r_nbd_refined                  ? ? 
'X-RAY DIFFRACTION' ? 0.210  0.200  963  ? r_symmetry_nbd_other           ? ? 
'X-RAY DIFFRACTION' ? 0.169  0.200  559  ? r_nbtor_refined                ? ? 
'X-RAY DIFFRACTION' ? 0.111  0.200  513  ? r_symmetry_nbtor_other         ? ? 
'X-RAY DIFFRACTION' ? 0.166  0.200  105  ? r_xyhbond_nbd_refined          ? ? 
'X-RAY DIFFRACTION' ? 0.095  0.200  5    ? r_symmetry_nbd_refined         ? ? 
'X-RAY DIFFRACTION' ? 0.176  0.200  25   ? r_nbd_other                    ? ? 
'X-RAY DIFFRACTION' ? 0.203  0.200  9    ? r_symmetry_xyhbond_nbd_refined ? ? 
'X-RAY DIFFRACTION' ? 1.316  1.162  571  ? r_mcbond_it                    ? ? 
'X-RAY DIFFRACTION' ? 1.301  1.160  570  ? r_mcbond_other                 ? ? 
'X-RAY DIFFRACTION' ? 2.008  1.746  712  ? r_mcangle_it                   ? ? 
'X-RAY DIFFRACTION' ? 2.009  1.748  713  ? r_mcangle_other                ? ? 
'X-RAY DIFFRACTION' ? 2.153  1.393  516  ? r_scbond_it                    ? ? 
'X-RAY DIFFRACTION' ? 2.151  1.394  517  ? r_scbond_other                 ? ? 
'X-RAY DIFFRACTION' ? 3.259  1.999  764  ? r_scangle_it                   ? ? 
'X-RAY DIFFRACTION' ? 3.257  2.000  765  ? r_scangle_other                ? ? 
'X-RAY DIFFRACTION' ? 5.188  24.795 4826 ? r_lrange_it                    ? ? 
'X-RAY DIFFRACTION' ? 4.455  23.256 4579 ? r_lrange_other                 ? ? 
# 
loop_
_refine_ls_shell.pdbx_refine_id 
_refine_ls_shell.d_res_high 
_refine_ls_shell.d_res_low 
_refine_ls_shell.number_reflns_all 
_refine_ls_shell.number_reflns_obs 
_refine_ls_shell.number_reflns_R_free 
_refine_ls_shell.number_reflns_R_work 
_refine_ls_shell.percent_reflns_obs 
_refine_ls_shell.percent_reflns_R_free 
_refine_ls_shell.R_factor_all 
_refine_ls_shell.R_factor_obs 
_refine_ls_shell.R_factor_R_free 
_refine_ls_shell.R_factor_R_free_error 
_refine_ls_shell.R_factor_R_work 
_refine_ls_shell.redundancy_reflns_all 
_refine_ls_shell.redundancy_reflns_obs 
_refine_ls_shell.wR_factor_all 
_refine_ls_shell.wR_factor_obs 
_refine_ls_shell.wR_factor_R_free 
_refine_ls_shell.wR_factor_R_work 
_refine_ls_shell.pdbx_R_complete 
_refine_ls_shell.pdbx_total_number_of_bins_used 
_refine_ls_shell.pdbx_phase_error 
_refine_ls_shell.pdbx_fsc_work 
_refine_ls_shell.pdbx_fsc_free 
'X-RAY DIFFRACTION' 1.200 1.231 . . 186 3069 94.1840  . . . 0.297 . 0.304 . . . . . . . . . . . 
'X-RAY DIFFRACTION' 1.231 1.265 . . 142 3039 94.5039  . . . 0.271 . 0.276 . . . . . . . . . . . 
'X-RAY DIFFRACTION' 1.265 1.302 . . 165 2974 95.0636  . . . 0.321 . 0.290 . . . . . . . . . . . 
'X-RAY DIFFRACTION' 1.302 1.342 . . 156 2856 95.3165  . . . 0.313 . 0.266 . . . . . . . . . . . 
'X-RAY DIFFRACTION' 1.342 1.386 . . 153 2810 95.4575  . . . 0.267 . 0.257 . . . . . . . . . . . 
'X-RAY DIFFRACTION' 1.386 1.434 . . 138 2744 96.1628  . . . 0.282 . 0.255 . . . . . . . . . . . 
'X-RAY DIFFRACTION' 1.434 1.488 . . 149 2617 96.2422  . . . 0.311 . 0.248 . . . . . . . . . . . 
'X-RAY DIFFRACTION' 1.488 1.549 . . 146 2538 96.4774  . . . 0.281 . 0.261 . . . . . . . . . . . 
'X-RAY DIFFRACTION' 1.549 1.618 . . 116 2484 96.9787  . . . 0.306 . 0.243 . . . . . . . . . . . 
'X-RAY DIFFRACTION' 1.618 1.697 . . 125 2381 97.2826  . . . 0.269 . 0.244 . . . . . . . . . . . 
'X-RAY DIFFRACTION' 1.697 1.788 . . 97  2287 97.7450  . . . 0.269 . 0.230 . . . . . . . . . . . 
'X-RAY DIFFRACTION' 1.788 1.897 . . 142 2120 97.9221  . . . 0.220 . 0.201 . . . . . . . . . . . 
'X-RAY DIFFRACTION' 1.897 2.027 . . 138 2024 98.1389  . . . 0.211 . 0.213 . . . . . . . . . . . 
'X-RAY DIFFRACTION' 2.027 2.189 . . 96  1935 98.6401  . . . 0.187 . 0.199 . . . . . . . . . . . 
'X-RAY DIFFRACTION' 2.189 2.398 . . 90  1783 98.7348  . . . 0.190 . 0.167 . . . . . . . . . . . 
'X-RAY DIFFRACTION' 2.398 2.680 . . 82  1638 99.1926  . . . 0.186 . 0.178 . . . . . . . . . . . 
'X-RAY DIFFRACTION' 2.680 3.093 . . 65  1473 99.4825  . . . 0.227 . 0.179 . . . . . . . . . . . 
'X-RAY DIFFRACTION' 3.093 3.784 . . 57  1242 99.7696  . . . 0.201 . 0.167 . . . . . . . . . . . 
'X-RAY DIFFRACTION' 3.784 5.333 . . 45  1016 99.4377  . . . 0.178 . 0.166 . . . . . . . . . . . 
'X-RAY DIFFRACTION' 5.333 37.1  . . 38  596  100.0000 . . . 0.284 . 0.238 . . . . . . . . . . . 
# 
_struct.entry_id                     7V4S 
_struct.title                        'Horcolin complex with methyl-alpha-mannose' 
_struct.pdbx_model_details           ? 
_struct.pdbx_formula_weight          ? 
_struct.pdbx_formula_weight_method   ? 
_struct.pdbx_model_type_details      ? 
_struct.pdbx_CASP_flag               N 
# 
_struct_keywords.entry_id        7V4S 
_struct_keywords.text            'Horcolin, mannose-binding lectin, SUGAR BINDING PROTEIN' 
_struct_keywords.pdbx_keywords   'SUGAR BINDING PROTEIN' 
# 
loop_
_struct_asym.id 
_struct_asym.pdbx_blank_PDB_chainid_flag 
_struct_asym.pdbx_modified 
_struct_asym.entity_id 
_struct_asym.details 
A N N 1 ? 
B N N 2 ? 
C N N 2 ? 
D N N 3 ? 
# 
loop_
_struct_mon_prot_cis.pdbx_id 
_struct_mon_prot_cis.label_comp_id 
_struct_mon_prot_cis.label_seq_id 
_struct_mon_prot_cis.label_asym_id 
_struct_mon_prot_cis.label_alt_id 
_struct_mon_prot_cis.pdbx_PDB_ins_code 
_struct_mon_prot_cis.auth_comp_id 
_struct_mon_prot_cis.auth_seq_id 
_struct_mon_prot_cis.auth_asym_id 
_struct_mon_prot_cis.pdbx_label_comp_id_2 
_struct_mon_prot_cis.pdbx_label_seq_id_2 
_struct_mon_prot_cis.pdbx_label_asym_id_2 
_struct_mon_prot_cis.pdbx_PDB_ins_code_2 
_struct_mon_prot_cis.pdbx_auth_comp_id_2 
_struct_mon_prot_cis.pdbx_auth_seq_id_2 
_struct_mon_prot_cis.pdbx_auth_asym_id_2 
_struct_mon_prot_cis.pdbx_PDB_model_num 
_struct_mon_prot_cis.pdbx_omega_angle 
1 GLY 8  A . ? GLY 8  A PRO 9  A ? PRO 9  A 1 3.15 
2 GLN 21 A . ? GLN 21 A PRO 22 A ? PRO 22 A 1 0.78 
# 
loop_
_struct_sheet.id 
_struct_sheet.type 
_struct_sheet.number_strands 
_struct_sheet.details 
AA1 ? 4 ? 
AA2 ? 3 ? 
AA3 ? 4 ? 
AA4 ? 4 ? 
# 
loop_
_struct_sheet_order.sheet_id 
_struct_sheet_order.range_id_1 
_struct_sheet_order.range_id_2 
_struct_sheet_order.offset 
_struct_sheet_order.sense 
AA1 1 2 ? anti-parallel 
AA1 2 3 ? anti-parallel 
AA1 3 4 ? anti-parallel 
AA2 1 2 ? anti-parallel 
AA2 2 3 ? anti-parallel 
AA3 1 2 ? anti-parallel 
AA3 2 3 ? anti-parallel 
AA3 3 4 ? anti-parallel 
AA4 1 2 ? anti-parallel 
AA4 2 3 ? anti-parallel 
AA4 3 4 ? anti-parallel 
# 
loop_
_struct_sheet_range.sheet_id 
_struct_sheet_range.id 
_struct_sheet_range.beg_label_comp_id 
_struct_sheet_range.beg_label_asym_id 
_struct_sheet_range.beg_label_seq_id 
_struct_sheet_range.pdbx_beg_PDB_ins_code 
_struct_sheet_range.end_label_comp_id 
_struct_sheet_range.end_label_asym_id 
_struct_sheet_range.end_label_seq_id 
_struct_sheet_range.pdbx_end_PDB_ins_code 
_struct_sheet_range.beg_auth_comp_id 
_struct_sheet_range.beg_auth_asym_id 
_struct_sheet_range.beg_auth_seq_id 
_struct_sheet_range.end_auth_comp_id 
_struct_sheet_range.end_auth_asym_id 
_struct_sheet_range.end_auth_seq_id 
AA1 1 VAL A 5   ? GLY A 11  ? VAL A 5   GLY A 11  
AA1 2 ALA A 139 ? THR A 145 ? ALA A 139 THR A 145 
AA1 3 LYS A 125 ? ALA A 133 ? LYS A 125 ALA A 133 
AA1 4 SER A 16  ? ARG A 18  ? SER A 16  ARG A 18  
AA2 1 GLN A 52  ? SER A 54  ? GLN A 52  SER A 54  
AA2 2 VAL A 38  ? GLY A 47  ? VAL A 38  GLY A 47  
AA2 3 TRP A 59  ? GLY A 60  ? TRP A 59  GLY A 60  
AA3 1 GLN A 52  ? SER A 54  ? GLN A 52  SER A 54  
AA3 2 VAL A 38  ? GLY A 47  ? VAL A 38  GLY A 47  
AA3 3 PRO A 24  ? SER A 34  ? PRO A 24  SER A 34  
AA3 4 THR A 65  ? ASN A 70  ? THR A 65  ASN A 70  
AA4 1 THR A 105 ? TYR A 108 ? THR A 105 TYR A 108 
AA4 2 ASP A 90  ? THR A 100 ? ASP A 90  THR A 100 
AA4 3 VAL A 77  ? PHE A 87  ? VAL A 77  PHE A 87  
AA4 4 ILE A 114 ? PRO A 119 ? ILE A 114 PRO A 119 
# 
loop_
_pdbx_struct_sheet_hbond.sheet_id 
_pdbx_struct_sheet_hbond.range_id_1 
_pdbx_struct_sheet_hbond.range_id_2 
_pdbx_struct_sheet_hbond.range_1_label_atom_id 
_pdbx_struct_sheet_hbond.range_1_label_comp_id 
_pdbx_struct_sheet_hbond.range_1_label_asym_id 
_pdbx_struct_sheet_hbond.range_1_label_seq_id 
_pdbx_struct_sheet_hbond.range_1_PDB_ins_code 
_pdbx_struct_sheet_hbond.range_1_auth_atom_id 
_pdbx_struct_sheet_hbond.range_1_auth_comp_id 
_pdbx_struct_sheet_hbond.range_1_auth_asym_id 
_pdbx_struct_sheet_hbond.range_1_auth_seq_id 
_pdbx_struct_sheet_hbond.range_2_label_atom_id 
_pdbx_struct_sheet_hbond.range_2_label_comp_id 
_pdbx_struct_sheet_hbond.range_2_label_asym_id 
_pdbx_struct_sheet_hbond.range_2_label_seq_id 
_pdbx_struct_sheet_hbond.range_2_PDB_ins_code 
_pdbx_struct_sheet_hbond.range_2_auth_atom_id 
_pdbx_struct_sheet_hbond.range_2_auth_comp_id 
_pdbx_struct_sheet_hbond.range_2_auth_asym_id 
_pdbx_struct_sheet_hbond.range_2_auth_seq_id 
AA1 1 2 N TRP A 10  ? N TRP A 10  O ILE A 140 ? O ILE A 140 
AA1 2 3 O TYR A 143 ? O TYR A 143 N ALA A 127 ? N ALA A 127 
AA1 3 4 O GLY A 131 ? O GLY A 131 N ARG A 18  ? N ARG A 18  
AA2 1 2 O HIS A 53  ? O HIS A 53  N TYR A 45  ? N TYR A 45  
AA2 2 3 N ILE A 41  ? N ILE A 41  O TRP A 59  ? O TRP A 59  
AA3 1 2 O HIS A 53  ? O HIS A 53  N TYR A 45  ? N TYR A 45  
AA3 2 3 O ALA A 42  ? O ALA A 42  N THR A 31  ? N THR A 31  
AA3 3 4 N MET A 30  ? N MET A 30  O ILE A 69  ? O ILE A 69  
AA4 1 2 O TYR A 108 ? O TYR A 108 N LEU A 96  ? N LEU A 96  
AA4 2 3 O LYS A 97  ? O LYS A 97  N SER A 81  ? N SER A 81  
AA4 3 4 N ILE A 80  ? N ILE A 80  O VAL A 118 ? O VAL A 118 
# 
_atom_sites.entry_id                    7V4S 
_atom_sites.Cartn_transf_matrix[1][1]   ? 
_atom_sites.Cartn_transf_matrix[1][2]   ? 
_atom_sites.Cartn_transf_matrix[1][3]   ? 
_atom_sites.Cartn_transf_matrix[2][1]   ? 
_atom_sites.Cartn_transf_matrix[2][2]   ? 
_atom_sites.Cartn_transf_matrix[2][3]   ? 
_atom_sites.Cartn_transf_matrix[3][1]   ? 
_atom_sites.Cartn_transf_matrix[3][2]   ? 
_atom_sites.Cartn_transf_matrix[3][3]   ? 
_atom_sites.Cartn_transf_vector[1]      ? 
_atom_sites.Cartn_transf_vector[2]      ? 
_atom_sites.Cartn_transf_vector[3]      ? 
_atom_sites.fract_transf_matrix[1][1]   -0.00525364 
_atom_sites.fract_transf_matrix[1][2]   -0.01949003 
_atom_sites.fract_transf_matrix[1][3]   -0.01786234 
_atom_sites.fract_transf_matrix[2][1]   0.01101281 
_atom_sites.fract_transf_matrix[2][2]   0.00092430 
_atom_sites.fract_transf_matrix[2][3]   -0.02458418 
_atom_sites.fract_transf_matrix[3][1]   0.00565936 
_atom_sites.fract_transf_matrix[3][2]   -0.00372076 
_atom_sites.fract_transf_matrix[3][3]   0.00239529 
_atom_sites.fract_transf_vector[1]      0.121203 
_atom_sites.fract_transf_vector[2]      0.413868 
_atom_sites.fract_transf_vector[3]      0.079322 
_atom_sites.solution_primary            ? 
_atom_sites.solution_secondary          ? 
_atom_sites.solution_hydrogens          ? 
_atom_sites.special_details             ? 
# 
loop_
_atom_type.symbol 
_atom_type.pdbx_scat_Z 
_atom_type.pdbx_N_electrons 
_atom_type.scat_Cromer_Mann_a1 
_atom_type.scat_Cromer_Mann_b1 
_atom_type.scat_Cromer_Mann_a2 
_atom_type.scat_Cromer_Mann_b2 
_atom_type.scat_Cromer_Mann_a3 
_atom_type.scat_Cromer_Mann_b3 
_atom_type.scat_Cromer_Mann_a4 
_atom_type.scat_Cromer_Mann_b4 
_atom_type.scat_Cromer_Mann_c 
C 6  6  2.310  20.844 1.020 10.208 1.589 0.569  0.865 51.651 0.216   
H 1  1  0.493  10.511 0.323 26.126 0.140 3.142  0.041 57.800 0.003   
N 7  7  12.222 0.006  3.135 9.893  2.014 28.997 1.167 0.583  -11.538 
O 8  8  3.049  13.277 2.287 5.701  1.546 0.324  0.867 32.909 0.251   
S 16 16 6.905  1.468  5.203 22.215 1.438 0.254  1.586 56.172 1.056   
# 
loop_
_atom_site.group_PDB 
_atom_site.id 
_atom_site.type_symbol 
_atom_site.label_atom_id 
_atom_site.label_alt_id 
_atom_site.label_comp_id 
_atom_site.label_asym_id 
_atom_site.label_entity_id 
_atom_site.label_seq_id 
_atom_site.pdbx_PDB_ins_code 
_atom_site.Cartn_x 
_atom_site.Cartn_y 
_atom_site.Cartn_z 
_atom_site.occupancy 
_atom_site.B_iso_or_equiv 
_atom_site.pdbx_formal_charge 
_atom_site.auth_seq_id 
_atom_site.auth_comp_id 
_atom_site.auth_asym_id 
_atom_site.auth_atom_id 
_atom_site.pdbx_PDB_model_num 
_atom_site.calc_flag 
ATOM   1    N N   . PRO A 1 4   ? -1.725  -5.373  15.140  1.000 18.910 ? 4    PRO A N   1 ? 
ATOM   2    C CA  . PRO A 1 4   ? -0.629  -5.473  14.139  1.000 15.250 ? 4    PRO A CA  1 ? 
ATOM   3    C C   . PRO A 1 4   ? 0.633   -4.689  14.543  1.000 12.260 ? 4    PRO A C   1 ? 
ATOM   4    O O   . PRO A 1 4   ? 0.515   -3.755  15.294  1.000 13.630 ? 4    PRO A O   1 ? 
ATOM   5    C CB  . PRO A 1 4   ? -1.295  -4.844  12.899  1.000 15.260 ? 4    PRO A CB  1 ? 
ATOM   6    C CG  . PRO A 1 4   ? -2.074  -3.715  13.471  1.000 15.800 ? 4    PRO A CG  1 ? 
ATOM   7    C CD  . PRO A 1 4   ? -2.707  -4.359  14.691  1.000 18.310 ? 4    PRO A CD  1 ? 
ATOM   8    N N   . VAL A 1 5   ? 1.772   -5.007  13.923  1.000 10.690 ? 5    VAL A N   1 ? 
ATOM   9    C CA  . VAL A 1 5   ? 2.972   -4.134  13.944  1.000 10.230 ? 5    VAL A CA  1 ? 
ATOM   10   C C   . VAL A 1 5   ? 2.706   -3.024  12.927  1.000 8.940  ? 5    VAL A C   1 ? 
ATOM   11   O O   . VAL A 1 5   ? 2.126   -3.316  11.853  1.000 10.310 ? 5    VAL A O   1 ? 
ATOM   12   C CB  . VAL A 1 5   ? 4.198   -4.988  13.597  1.000 11.920 ? 5    VAL A CB  1 ? 
ATOM   13   C CG1 . VAL A 1 5   ? 5.393   -4.155  13.128  1.000 15.490 ? 5    VAL A CG1 1 ? 
ATOM   14   C CG2 . VAL A 1 5   ? 4.515   -5.946  14.729  1.000 12.130 ? 5    VAL A CG2 1 ? 
ATOM   15   N N   . LYS A 1 6   ? 3.194   -1.824  13.172  1.000 8.500  ? 6    LYS A N   1 ? 
ATOM   16   C CA  . LYS A 1 6   ? 3.067   -0.674  12.270  1.000 8.300  ? 6    LYS A CA  1 ? 
ATOM   17   C C   . LYS A 1 6   ? 4.466   -0.186  11.949  1.000 8.420  ? 6    LYS A C   1 ? 
ATOM   18   O O   . LYS A 1 6   ? 5.206   0.160   12.891  1.000 8.970  ? 6    LYS A O   1 ? 
ATOM   19   C CB  . LYS A 1 6   ? 2.240   0.408   12.928  1.000 8.500  ? 6    LYS A CB  1 ? 
ATOM   20   C CG  . LYS A 1 6   ? 1.962   1.585   12.031  1.000 7.920  ? 6    LYS A CG  1 ? 
ATOM   21   C CD  . LYS A 1 6   ? 1.135   2.692   12.664  1.000 9.440  ? 6    LYS A CD  1 ? 
ATOM   22   C CE  . LYS A 1 6   ? 0.761   3.756   11.671  1.000 10.010 ? 6    LYS A CE  1 ? 
ATOM   23   N NZ  . LYS A 1 6   ? 0.084   4.911   12.306  1.000 12.290 ? 6    LYS A NZ  1 ? 
ATOM   24   N N   . ILE A 1 7   ? 4.860   -0.203  10.684  1.000 7.280  ? 7    ILE A N   1 ? 
ATOM   25   C CA  . ILE A 1 7   ? 6.226   0.189   10.305  1.000 7.220  ? 7    ILE A CA  1 ? 
ATOM   26   C C   . ILE A 1 7   ? 6.154   1.131   9.119   1.000 6.680  ? 7    ILE A C   1 ? 
ATOM   27   O O   . ILE A 1 7   ? 5.297   0.921   8.214   1.000 7.790  ? 7    ILE A O   1 ? 
ATOM   28   C CB  . ILE A 1 7   ? 7.166   -0.977  9.978   1.000 8.300  ? 7    ILE A CB  1 ? 
ATOM   29   C CG1 . ILE A 1 7   ? 6.654   -1.878  8.860   1.000 9.160  ? 7    ILE A CG1 1 ? 
ATOM   30   C CG2 . ILE A 1 7   ? 7.472   -1.820  11.220  1.000 8.960  ? 7    ILE A CG2 1 ? 
ATOM   31   C CD1 . ILE A 1 7   ? 7.710   -2.894  8.343   1.000 9.740  ? 7    ILE A CD1 1 ? 
ATOM   32   N N   . GLY A 1 8   ? 7.097   2.036   9.074   1.000 8.130  ? 8    GLY A N   1 ? 
ATOM   33   C CA  . GLY A 1 8   ? 7.219   2.956   7.944   1.000 8.920  ? 8    GLY A CA  1 ? 
ATOM   34   C C   . GLY A 1 8   ? 6.959   4.379   8.355   1.000 9.120  ? 8    GLY A C   1 ? 
ATOM   35   O O   . GLY A 1 8   ? 7.082   4.715   9.540   1.000 9.790  ? 8    GLY A O   1 ? 
ATOM   36   N N   . PRO A 1 9   ? 6.614   5.269   7.404   1.000 9.450  ? 9    PRO A N   1 ? 
ATOM   37   C CA  . PRO A 1 9   ? 6.404   4.957   5.991   1.000 9.190  ? 9    PRO A CA  1 ? 
ATOM   38   C C   . PRO A 1 9   ? 7.694   5.203   5.215   1.000 8.790  ? 9    PRO A C   1 ? 
ATOM   39   O O   . PRO A 1 9   ? 8.713   5.656   5.722   1.000 10.180 ? 9    PRO A O   1 ? 
ATOM   40   C CB  . PRO A 1 9   ? 5.291   5.979   5.663   1.000 9.550  ? 9    PRO A CB  1 ? 
ATOM   41   C CG  . PRO A 1 9   ? 5.635   7.190   6.458   1.000 9.900  ? 9    PRO A CG  1 ? 
ATOM   42   C CD  . PRO A 1 9   ? 6.329   6.679   7.704   1.000 9.000  ? 9    PRO A CD  1 ? 
ATOM   43   N N   . TRP A 1 10  ? 7.572   4.877   3.942   1.000 8.380  ? 10   TRP A N   1 ? 
ATOM   44   C CA  . TRP A 1 10  ? 8.618   5.098   2.905   1.000 8.260  ? 10   TRP A CA  1 ? 
ATOM   45   C C   . TRP A 1 10  ? 8.063   6.115   1.904   1.000 7.990  ? 10   TRP A C   1 ? 
ATOM   46   O O   . TRP A 1 10  ? 6.977   5.836   1.335   1.000 8.580  ? 10   TRP A O   1 ? 
ATOM   47   C CB  . TRP A 1 10  ? 9.009   3.783   2.217   1.000 9.310  ? 10   TRP A CB  1 ? 
ATOM   48   C CG  . TRP A 1 10  ? 9.683   2.861   3.179   1.000 9.700  ? 10   TRP A CG  1 ? 
ATOM   49   C CD1 . TRP A 1 10  ? 11.011  2.859   3.499   1.000 12.530 ? 10   TRP A CD1 1 ? 
ATOM   50   C CD2 . TRP A 1 10  ? 9.067   1.934   4.082   1.000 9.880  ? 10   TRP A CD2 1 ? 
ATOM   51   N NE1 . TRP A 1 10  ? 11.261  1.925   4.489   1.000 13.590 ? 10   TRP A NE1 1 ? 
ATOM   52   C CE2 . TRP A 1 10  ? 10.078  1.381   4.896   1.000 11.660 ? 10   TRP A CE2 1 ? 
ATOM   53   C CE3 . TRP A 1 10  ? 7.770   1.510   4.293   1.000 10.590 ? 10   TRP A CE3 1 ? 
ATOM   54   C CZ2 . TRP A 1 10  ? 9.866   0.391   5.845   1.000 11.790 ? 10   TRP A CZ2 1 ? 
ATOM   55   C CZ3 . TRP A 1 10  ? 7.548   0.559   5.264   1.000 10.620 ? 10   TRP A CZ3 1 ? 
ATOM   56   C CH2 . TRP A 1 10  ? 8.566   0.027   6.034   1.000 11.250 ? 10   TRP A CH2 1 ? 
ATOM   57   N N   . GLY A 1 11  ? 8.798   7.181   1.650   1.000 9.420  ? 11   GLY A N   1 ? 
ATOM   58   C CA  . GLY A 1 11  ? 8.348   8.193   0.682   1.000 10.180 ? 11   GLY A CA  1 ? 
ATOM   59   C C   . GLY A 1 11  ? 8.713   9.573   1.122   1.000 10.530 ? 11   GLY A C   1 ? 
ATOM   60   O O   . GLY A 1 11  ? 9.620   9.752   1.998   1.000 12.410 ? 11   GLY A O   1 ? 
ATOM   61   N N   . GLY A 1 12  ? 8.148   10.580  0.471   1.000 10.590 ? 12   GLY A N   1 ? 
ATOM   62   C CA  . GLY A 1 12  ? 8.411   11.968  0.788   1.000 10.540 ? 12   GLY A CA  1 ? 
ATOM   63   C C   . GLY A 1 12  ? 7.543   12.515  1.893   1.000 11.410 ? 12   GLY A C   1 ? 
ATOM   64   O O   . GLY A 1 12  ? 6.699   11.792  2.465   1.000 11.570 ? 12   GLY A O   1 ? 
ATOM   65   N N   . ASN A 1 13  ? 7.695   13.806  2.150   1.000 12.700 ? 13   ASN A N   1 ? 
ATOM   66   C CA  . ASN A 1 13  ? 7.054   14.497  3.299   1.000 14.310 ? 13   ASN A CA  1 ? 
ATOM   67   C C   . ASN A 1 13  ? 5.840   15.287  2.851   1.000 14.790 ? 13   ASN A C   1 ? 
ATOM   68   O O   . ASN A 1 13  ? 5.208   15.917  3.687   1.000 15.220 ? 13   ASN A O   1 ? 
ATOM   69   C CB  . ASN A 1 13  ? 8.078   15.403  4.009   1.000 17.100 ? 13   ASN A CB  1 ? 
ATOM   70   C CG  . ASN A 1 13  ? 9.247   14.599  4.545   1.000 20.950 ? 13   ASN A CG  1 ? 
ATOM   71   O OD1 . ASN A 1 13  ? 9.041   13.593  5.227   1.000 23.540 ? 13   ASN A OD1 1 ? 
ATOM   72   N ND2 . ASN A 1 13  ? 10.461  15.005  4.230   1.000 22.250 ? 13   ASN A ND2 1 ? 
ATOM   73   N N   . GLY A 1 14  ? 5.512   15.249  1.557   1.000 13.180 ? 14   GLY A N   1 ? 
ATOM   74   C CA  . GLY A 1 14  ? 4.390   16.025  0.986   1.000 13.080 ? 14   GLY A CA  1 ? 
ATOM   75   C C   . GLY A 1 14  ? 3.059   15.341  1.192   1.000 11.740 ? 14   GLY A C   1 ? 
ATOM   76   O O   . GLY A 1 14  ? 2.996   14.290  1.860   1.000 10.930 ? 14   GLY A O   1 ? 
ATOM   77   N N   . GLY A 1 15  ? 2.040   15.877  0.554   1.000 11.780 ? 15   GLY A N   1 ? 
ATOM   78   C CA  . GLY A 1 15  ? 0.677   15.404  0.737   1.000 10.930 ? 15   GLY A CA  1 ? 
ATOM   79   C C   . GLY A 1 15  ? 0.178   15.532  2.156   1.000 11.290 ? 15   GLY A C   1 ? 
ATOM   80   O O   . GLY A 1 15  ? 0.771   16.208  2.976   1.000 12.190 ? 15   GLY A O   1 ? 
ATOM   81   N N   . SER A 1 16  ? -0.908  14.816  2.428   1.000 9.310  ? 16   SER A N   1 ? 
ATOM   82   C CA  . SER A 1 16  ? -1.614  14.863  3.724   1.000 9.280  ? 16   SER A CA  1 ? 
ATOM   83   C C   . SER A 1 16  ? -1.577  13.490  4.382   1.000 9.300  ? 16   SER A C   1 ? 
ATOM   84   O O   . SER A 1 16  ? -1.613  12.408  3.716   1.000 9.430  ? 16   SER A O   1 ? 
ATOM   85   C CB  . SER A 1 16  ? -3.017  15.375  3.633   1.000 10.190 ? 16   SER A CB  1 ? 
ATOM   86   O OG  . SER A 1 16  ? -3.773  14.607  2.789   1.000 10.940 ? 16   SER A OG  1 ? 
ATOM   87   N N   . GLU A 1 17  ? -1.584  13.451  5.695   1.000 9.170  ? 17   GLU A N   1 ? 
ATOM   88   C CA  . GLU A 1 17  ? -1.443  12.188  6.436   1.000 9.510  ? 17   GLU A CA  1 ? 
ATOM   89   C C   . GLU A 1 17  ? -2.665  11.334  6.152   1.000 9.210  ? 17   GLU A C   1 ? 
ATOM   90   O O   . GLU A 1 17  ? -3.829  11.830  6.101   1.000 10.540 ? 17   GLU A O   1 ? 
ATOM   91   C CB  . GLU A 1 17  ? -1.295  12.457  7.940   1.000 12.840 ? 17   GLU A CB  1 ? 
ATOM   92   C CG  . GLU A 1 17  ? -2.558  12.972  8.554   1.000 15.730 ? 17   GLU A CG  1 ? 
ATOM   93   C CD  . GLU A 1 17  ? -2.442  13.508  9.975   1.000 19.600 ? 17   GLU A CD  1 ? 
ATOM   94   O OE1 . GLU A 1 17  ? -3.515  13.588  10.653  1.000 23.290 ? 17   GLU A OE1 1 ? 
ATOM   95   O OE2 . GLU A 1 17  ? -1.329  13.883  10.378  1.000 20.600 ? 17   GLU A OE2 1 ? 
ATOM   96   N N   . ARG A 1 18  ? -2.435  10.022  6.132   1.000 8.230  ? 18   ARG A N   1 ? 
ATOM   97   C CA  . ARG A 1 18  ? -3.472  9.010   5.897   1.000 8.210  ? 18   ARG A CA  1 ? 
ATOM   98   C C   . ARG A 1 18  ? -3.324  7.850   6.898   1.000 9.640  ? 18   ARG A C   1 ? 
ATOM   99   O O   . ARG A 1 18  ? -2.200  7.370   7.107   1.000 9.750  ? 18   ARG A O   1 ? 
ATOM   100  C CB  . ARG A 1 18  ? -3.331  8.459   4.469   1.000 8.480  ? 18   ARG A CB  1 ? 
ATOM   101  C CG  . ARG A 1 18  ? -3.270  9.546   3.390   1.000 8.770  ? 18   ARG A CG  1 ? 
ATOM   102  C CD  . ARG A 1 18  ? -4.604  10.307  3.293   1.000 9.140  ? 18   ARG A CD  1 ? 
ATOM   103  N NE  . ARG A 1 18  ? -4.455  11.374  2.345   1.000 9.250  ? 18   ARG A NE  1 ? 
ATOM   104  C CZ  . ARG A 1 18  ? -5.314  11.761  1.428   1.000 9.720  ? 18   ARG A CZ  1 ? 
ATOM   105  N NH1 . ARG A 1 18  ? -6.488  11.203  1.298   1.000 9.840  ? 18   ARG A NH1 1 ? 
ATOM   106  N NH2 . ARG A 1 18  ? -4.973  12.709  0.564   1.000 10.680 ? 18   ARG A NH2 1 ? 
ATOM   107  N N   . ASP A 1 19  ? -4.428  7.375   7.412   1.000 9.200  ? 19   ASP A N   1 ? 
ATOM   108  C CA  . ASP A 1 19  ? -4.403  6.202   8.310   1.000 9.300  ? 19   ASP A CA  1 ? 
ATOM   109  C C   . ASP A 1 19  ? -5.820  5.673   8.408   1.000 10.920 ? 19   ASP A C   1 ? 
ATOM   110  O O   . ASP A 1 19  ? -6.764  6.297   7.865   1.000 12.530 ? 19   ASP A O   1 ? 
ATOM   111  C CB  . ASP A 1 19  ? -3.770  6.504   9.666   1.000 10.280 ? 19   ASP A CB  1 ? 
ATOM   112  C CG  . ASP A 1 19  ? -3.192  5.293   10.391  1.000 10.410 ? 19   ASP A CG  1 ? 
ATOM   113  O OD1 . ASP A 1 19  ? -3.341  4.170   9.982   1.000 9.780  ? 19   ASP A OD1 1 ? 
ATOM   114  O OD2 . ASP A 1 19  ? -2.531  5.560   11.391  1.000 14.070 ? 19   ASP A OD2 1 ? 
ATOM   115  N N   . VAL A 1 20  ? -5.949  4.542   9.070   1.000 10.550 ? 20   VAL A N   1 ? 
ATOM   116  C CA  . VAL A 1 20  ? -7.293  3.957   9.294   1.000 12.410 ? 20   VAL A CA  1 ? 
ATOM   117  C C   . VAL A 1 20  ? -7.506  3.829   10.795  1.000 12.620 ? 20   VAL A C   1 ? 
ATOM   118  O O   . VAL A 1 20  ? -6.599  3.626   11.580  1.000 12.400 ? 20   VAL A O   1 ? 
ATOM   119  C CB  . VAL A 1 20  ? -7.511  2.617   8.606   1.000 12.070 ? 20   VAL A CB  1 ? 
ATOM   120  C CG1 . VAL A 1 20  ? -7.467  2.798   7.106   1.000 10.800 ? 20   VAL A CG1 1 ? 
ATOM   121  C CG2 . VAL A 1 20  ? -6.576  1.502   9.021   1.000 12.850 ? 20   VAL A CG2 1 ? 
ATOM   122  N N   . GLN A 1 21  ? -8.756  3.995   11.181  1.000 12.890 ? 21   GLN A N   1 ? 
ATOM   123  C CA  . GLN A 1 21  ? -9.258  3.676   12.548  1.000 14.220 ? 21   GLN A CA  1 ? 
ATOM   124  C C   . GLN A 1 21  ? -10.507 2.824   12.372  1.000 14.330 ? 21   GLN A C   1 ? 
ATOM   125  O O   . GLN A 1 21  ? -11.404 3.206   11.621  1.000 16.750 ? 21   GLN A O   1 ? 
ATOM   126  C CB  . GLN A 1 21  ? -9.583  4.992   13.268  1.000 17.280 ? 21   GLN A CB  1 ? 
ATOM   127  C CG  . GLN A 1 21  ? -8.386  5.843   13.668  1.000 20.040 ? 21   GLN A CG  1 ? 
ATOM   128  N N   . PRO A 1 22  ? -10.597 1.621   12.959  1.000 12.960 ? 22   PRO A N   1 ? 
ATOM   129  C CA  . PRO A 1 22  ? -9.578  1.006   13.810  1.000 12.390 ? 22   PRO A CA  1 ? 
ATOM   130  C C   . PRO A 1 22  ? -8.433  0.424   12.962  1.000 13.160 ? 22   PRO A C   1 ? 
ATOM   131  O O   . PRO A 1 22  ? -8.507  0.416   11.728  1.000 13.110 ? 22   PRO A O   1 ? 
ATOM   132  C CB  . PRO A 1 22  ? -10.372 -0.125  14.509  1.000 13.680 ? 22   PRO A CB  1 ? 
ATOM   133  C CG  . PRO A 1 22  ? -11.357 -0.520  13.429  1.000 13.370 ? 22   PRO A CG  1 ? 
ATOM   134  C CD  . PRO A 1 22  ? -11.773 0.768   12.780  1.000 13.810 ? 22   PRO A CD  1 ? 
ATOM   135  N N   . LYS A 1 23  ? -7.381  0.005   13.640  1.000 12.710 ? 23   LYS A N   1 ? 
ATOM   136  C CA  . LYS A 1 23  ? -6.225  -0.615  12.983  1.000 13.830 ? 23   LYS A CA  1 ? 
ATOM   137  C C   . LYS A 1 23  ? -6.653  -1.945  12.386  1.000 13.360 ? 23   LYS A C   1 ? 
ATOM   138  O O   . LYS A 1 23  ? -7.567  -2.633  12.896  1.000 13.000 ? 23   LYS A O   1 ? 
ATOM   139  C CB  . LYS A 1 23  ? -5.045  -0.822  13.948  1.000 15.620 ? 23   LYS A CB  1 ? 
ATOM   140  C CG  . LYS A 1 23  ? -4.499  0.408   14.640  1.000 20.420 ? 23   LYS A CG  1 ? 
ATOM   141  C CD  . LYS A 1 23  ? -4.379  1.570   13.750  1.000 22.750 ? 23   LYS A CD  1 ? 
ATOM   142  C CE  . LYS A 1 23  ? -3.533  2.694   14.306  1.000 26.330 ? 23   LYS A CE  1 ? 
ATOM   143  N NZ  . LYS A 1 23  ? -3.832  3.924   13.535  1.000 26.430 ? 23   LYS A NZ  1 ? 
ATOM   144  N N   . PRO A 1 24  ? -5.976  -2.386  11.303  1.000 11.600 ? 24   PRO A N   1 ? 
ATOM   145  C CA  . PRO A 1 24  ? -6.302  -3.610  10.633  1.000 10.870 ? 24   PRO A CA  1 ? 
ATOM   146  C C   . PRO A 1 24  ? -5.619  -4.843  11.207  1.000 12.550 ? 24   PRO A C   1 ? 
ATOM   147  O O   . PRO A 1 24  ? -4.398  -4.769  11.489  1.000 14.030 ? 24   PRO A O   1 ? 
ATOM   148  C CB  . PRO A 1 24  ? -5.846  -3.340  9.185   1.000 11.020 ? 24   PRO A CB  1 ? 
ATOM   149  C CG  . PRO A 1 24  ? -4.606  -2.487  9.357   1.000 12.000 ? 24   PRO A CG  1 ? 
ATOM   150  C CD  . PRO A 1 24  ? -4.968  -1.626  10.541  1.000 10.970 ? 24   PRO A CD  1 ? 
ATOM   151  N N   . ILE A 1 25  ? -6.329  -5.936  11.229  1.000 12.670 ? 25   ILE A N   1 ? 
ATOM   152  C CA  . ILE A 1 25  ? -5.767  -7.252  11.630  1.000 13.580 ? 25   ILE A CA  1 ? 
ATOM   153  C C   . ILE A 1 25  ? -5.707  -8.180  10.426  1.000 12.180 ? 25   ILE A C   1 ? 
ATOM   154  O O   . ILE A 1 25  ? -5.039  -9.213  10.454  1.000 13.750 ? 25   ILE A O   1 ? 
ATOM   155  C CB  . ILE A 1 25  ? -6.517  -7.911  12.808  1.000 15.430 ? 25   ILE A CB  1 ? 
ATOM   156  C CG1 . ILE A 1 25  ? -7.929  -8.396  12.427  1.000 15.440 ? 25   ILE A CG1 1 ? 
ATOM   157  C CG2 . ILE A 1 25  ? -6.529  -6.956  13.985  1.000 18.460 ? 25   ILE A CG2 1 ? 
ATOM   158  C CD1 . ILE A 1 25  ? -8.627  -9.243  13.524  1.000 17.890 ? 25   ILE A CD1 1 ? 
ATOM   159  N N   . ARG A 1 26  ? -6.456  -7.908  9.343   1.000 12.050 ? 26   ARG A N   1 ? 
ATOM   160  C CA  . ARG A 1 26  ? -6.491  -8.779  8.155   1.000 12.610 ? 26   ARG A CA  1 ? 
ATOM   161  C C   . ARG A 1 26  ? -6.940  -7.949  6.957   1.000 11.910 ? 26   ARG A C   1 ? 
ATOM   162  O O   . ARG A 1 26  ? -7.955  -7.256  7.078   1.000 11.830 ? 26   ARG A O   1 ? 
ATOM   163  C CB  . ARG A 1 26  ? -7.412  -9.998  8.360   1.000 15.130 ? 26   ARG A CB  1 ? 
ATOM   164  C CG  . ARG A 1 26  ? -7.331  -11.006 7.224   1.000 19.270 ? 26   ARG A CG  1 ? 
ATOM   165  C CD  . ARG A 1 26  ? -8.095  -12.333 7.406   1.000 23.550 ? 26   ARG A CD  1 ? 
ATOM   166  N NE  . ARG A 1 26  ? -9.518  -12.129 7.634   1.000 28.510 ? 26   ARG A NE  1 ? 
ATOM   167  C CZ  . ARG A 1 26  ? -10.128 -12.086 8.837   1.000 35.510 ? 26   ARG A CZ  1 ? 
ATOM   168  N NH1 . ARG A 1 26  ? -9.465  -12.233 9.980   1.000 37.370 ? 26   ARG A NH1 1 ? 
ATOM   169  N NH2 . ARG A 1 26  ? -11.436 -11.892 8.888   1.000 40.650 ? 26   ARG A NH2 1 ? 
ATOM   170  N N   . MET A 1 27  ? -6.205  -8.031  5.877   1.000 10.250 ? 27   MET A N   1 ? 
ATOM   171  C CA  . MET A 1 27  ? -6.593  -7.286  4.665   1.000 10.040 ? 27   MET A CA  1 ? 
ATOM   172  C C   . MET A 1 27  ? -7.475  -8.171  3.796   1.000 11.660 ? 27   MET A C   1 ? 
ATOM   173  O O   . MET A 1 27  ? -7.115  -9.281  3.525   1.000 10.460 ? 27   MET A O   1 ? 
ATOM   174  C CB  . MET A 1 27  ? -5.339  -6.843  3.928   1.000 10.310 ? 27   MET A CB  1 ? 
ATOM   175  C CG  . MET A 1 27  ? -5.663  -5.877  2.800   1.000 10.030 ? 27   MET A CG  1 ? 
ATOM   176  S SD  . MET A 1 27  ? -4.315  -4.715  2.365   1.000 12.300 ? 27   MET A SD  1 ? 
ATOM   177  C CE  . MET A 1 27  ? -3.028  -5.823  1.853   1.000 12.080 ? 27   MET A CE  1 ? 
ATOM   178  N N   . VAL A 1 28  ? -8.587  -7.632  3.326   1.000 10.810 ? 28   VAL A N   1 ? 
ATOM   179  C CA  . VAL A 1 28  ? -9.563  -8.348  2.485   1.000 11.180 ? 28   VAL A CA  1 ? 
ATOM   180  C C   . VAL A 1 28  ? -9.313  -8.033  1.001   1.000 10.980 ? 28   VAL A C   1 ? 
ATOM   181  O O   . VAL A 1 28  ? -9.404  -8.923  0.135   1.000 10.840 ? 28   VAL A O   1 ? 
ATOM   182  C CB  . VAL A 1 28  ? -10.980 -7.980  2.917   1.000 12.430 ? 28   VAL A CB  1 ? 
ATOM   183  C CG1 . VAL A 1 28  ? -12.025 -8.580  1.976   1.000 13.620 ? 28   VAL A CG1 1 ? 
ATOM   184  C CG2 . VAL A 1 28  ? -11.211 -8.438  4.359   1.000 14.380 ? 28   VAL A CG2 1 ? 
ATOM   185  N N   . SER A 1 29  ? -9.010  -6.780  0.685   1.000 9.780  ? 29   SER A N   1 ? 
ATOM   186  C CA  . SER A 1 29  ? -8.709  -6.344  -0.692  1.000 10.030 ? 29   SER A CA  1 ? 
ATOM   187  C C   . SER A 1 29  ? -7.835  -5.091  -0.623  1.000 9.100  ? 29   SER A C   1 ? 
ATOM   188  O O   . SER A 1 29  ? -7.877  -4.380  0.357   1.000 10.040 ? 29   SER A O   1 ? 
ATOM   189  C CB  . SER A 1 29  ? -9.973  -6.156  -1.522  1.000 11.910 ? 29   SER A CB  1 ? 
ATOM   190  O OG  . SER A 1 29  ? -10.666 -5.030  -1.074  1.000 12.840 ? 29   SER A OG  1 ? 
ATOM   191  N N   . MET A 1 30  ? -7.169  -4.829  -1.746  1.000 9.400  ? 30   MET A N   1 ? 
ATOM   192  C CA  . MET A 1 30  ? -6.447  -3.562  -1.904  1.000 9.300  ? 30   MET A CA  1 ? 
ATOM   193  C C   . MET A 1 30  ? -6.588  -3.114  -3.351  1.000 9.290  ? 30   MET A C   1 ? 
ATOM   194  O O   . MET A 1 30  ? -6.667  -3.981  -4.252  1.000 10.640 ? 30   MET A O   1 ? 
ATOM   195  C CB  . MET A 1 30  ? -4.952  -3.612  -1.552  1.000 8.880  ? 30   MET A CB  1 ? 
ATOM   196  C CG  . MET A 1 30  ? -4.187  -4.679  -2.201  1.000 9.100  ? 30   MET A CG  1 ? 
ATOM   197  S SD  . MET A 1 30  ? -2.433  -4.740  -1.776  1.000 11.090 ? 30   MET A SD  1 ? 
ATOM   198  C CE  . MET A 1 30  ? -1.835  -3.245  -2.569  1.000 10.800 ? 30   MET A CE  1 ? 
ATOM   199  N N   . THR A 1 31  ? -6.685  -1.815  -3.541  1.000 8.230  ? 31   THR A N   1 ? 
ATOM   200  C CA  . THR A 1 31  ? -6.808  -1.164  -4.859  1.000 9.380  ? 31   THR A CA  1 ? 
ATOM   201  C C   . THR A 1 31  ? -5.739  -0.111  -5.001  1.000 8.850  ? 31   THR A C   1 ? 
ATOM   202  O O   . THR A 1 31  ? -5.769  0.860   -4.268  1.000 8.650  ? 31   THR A O   1 ? 
ATOM   203  C CB  . THR A 1 31  ? -8.228  -0.630  -5.018  1.000 10.250 ? 31   THR A CB  1 ? 
ATOM   204  O OG1 . THR A 1 31  ? -9.218  -1.674  -4.877  1.000 11.540 ? 31   THR A OG1 1 ? 
ATOM   205  C CG2 . THR A 1 31  ? -8.399  -0.020  -6.401  1.000 10.250 ? 31   THR A CG2 1 ? 
ATOM   206  N N   . VAL A 1 32  ? -4.879  -0.330  -5.962  1.000 8.940  ? 32   VAL A N   1 ? 
ATOM   207  C CA  . VAL A 1 32  ? -3.848  0.670   -6.307  1.000 8.490  ? 32   VAL A CA  1 ? 
ATOM   208  C C   . VAL A 1 32  ? -4.226  1.391   -7.613  1.000 8.670  ? 32   VAL A C   1 ? 
ATOM   209  O O   . VAL A 1 32  ? -4.617  0.744   -8.575  1.000 9.100  ? 32   VAL A O   1 ? 
ATOM   210  C CB  . VAL A 1 32  ? -2.470  0.015   -6.462  1.000 8.790  ? 32   VAL A CB  1 ? 
ATOM   211  C CG1 . VAL A 1 32  ? -1.426  1.063   -6.840  1.000 9.210  ? 32   VAL A CG1 1 ? 
ATOM   212  C CG2 . VAL A 1 32  ? -2.088  -0.689  -5.151  1.000 10.810 ? 32   VAL A CG2 1 ? 
ATOM   213  N N   . SER A 1 33  ? -4.157  2.700   -7.589  1.000 7.830  ? 33   SER A N   1 ? 
ATOM   214  C CA  . SER A 1 33  ? -4.332  3.563   -8.776  1.000 8.330  ? 33   SER A CA  1 ? 
ATOM   215  C C   . SER A 1 33  ? -2.949  3.969   -9.230  1.000 8.530  ? 33   SER A C   1 ? 
ATOM   216  O O   . SER A 1 33  ? -2.160  4.480   -8.453  1.000 8.540  ? 33   SER A O   1 ? 
ATOM   217  C CB  . SER A 1 33  ? -5.156  4.757   -8.474  1.000 8.550  ? 33   SER A CB  1 ? 
ATOM   218  O OG  . SER A 1 33  ? -6.443  4.403   -7.952  1.000 10.190 ? 33   SER A OG  1 ? 
ATOM   219  N N   . SER A 1 34  ? -2.629  3.783   -10.508 1.000 8.510  ? 34   SER A N   1 ? 
ATOM   220  C CA  . SER A 1 34  ? -1.256  4.084   -10.950 1.000 8.040  ? 34   SER A CA  1 ? 
ATOM   221  C C   . SER A 1 34  ? -1.260  4.347   -12.448 1.000 7.630  ? 34   SER A C   1 ? 
ATOM   222  O O   . SER A 1 34  ? -2.159  3.897   -13.169 1.000 8.390  ? 34   SER A O   1 ? 
ATOM   223  C CB  . SER A 1 34  ? -0.349  2.885   -10.606 1.000 8.990  ? 34   SER A CB  1 ? 
ATOM   224  O OG  . SER A 1 34  ? -0.597  1.717   -11.362 1.000 10.230 ? 34   SER A OG  1 ? 
ATOM   225  N N   . GLY A 1 35  ? -0.196  4.988   -12.868 1.000 8.200  ? 35   GLY A N   1 ? 
ATOM   226  C CA  . GLY A 1 35  ? 0.072   5.310   -14.274 1.000 8.200  ? 35   GLY A CA  1 ? 
ATOM   227  C C   . GLY A 1 35  ? 1.566   5.283   -14.440 1.000 8.840  ? 35   GLY A C   1 ? 
ATOM   228  O O   . GLY A 1 35  ? 2.159   4.189   -14.284 1.000 9.850  ? 35   GLY A O   1 ? 
ATOM   229  N N   . ALA A 1 36  ? 2.191   6.431   -14.674 1.000 8.560  ? 36   ALA A N   1 ? 
ATOM   230  C CA  . ALA A 1 36  ? 3.651   6.488   -14.647 1.000 9.390  ? 36   ALA A CA  1 ? 
ATOM   231  C C   . ALA A 1 36  ? 4.168   6.170   -13.245 1.000 9.850  ? 36   ALA A C   1 ? 
ATOM   232  O O   . ALA A 1 36  ? 5.294   5.676   -13.153 1.000 10.290 ? 36   ALA A O   1 ? 
ATOM   233  C CB  . ALA A 1 36  ? 4.137   7.815   -15.109 1.000 10.160 ? 36   ALA A CB  1 ? 
ATOM   234  N N   . ILE A 1 37  ? 3.442   6.651   -12.240 1.000 8.180  ? 37   ILE A N   1 ? 
ATOM   235  C CA  . ILE A 1 37  ? 3.825   6.478   -10.808 1.000 7.400  ? 37   ILE A CA  1 ? 
ATOM   236  C C   . ILE A 1 37  ? 2.587   5.993   -10.037 1.000 7.450  ? 37   ILE A C   1 ? 
ATOM   237  O O   . ILE A 1 37  ? 1.599   5.613   -10.617 1.000 7.590  ? 37   ILE A O   1 ? 
ATOM   238  C CB  . ILE A 1 37  ? 4.476   7.782   -10.323 1.000 8.050  ? 37   ILE A CB  1 ? 
ATOM   239  C CG1 . ILE A 1 37  ? 3.643   9.060   -10.493 1.000 8.500  ? 37   ILE A CG1 1 ? 
ATOM   240  C CG2 . ILE A 1 37  ? 5.848   7.979   -10.959 1.000 8.410  ? 37   ILE A CG2 1 ? 
ATOM   241  C CD1 . ILE A 1 37  ? 2.305   9.076   -9.772  1.000 8.180  ? 37   ILE A CD1 1 ? 
ATOM   242  N N   . VAL A 1 38  ? 2.683   5.933   -8.706  1.000 7.070  ? 38   VAL A N   1 ? 
ATOM   243  C CA  . VAL A 1 38  ? 1.526   5.500   -7.912  1.000 6.680  ? 38   VAL A CA  1 ? 
ATOM   244  C C   . VAL A 1 38  ? 0.712   6.730   -7.498  1.000 6.720  ? 38   VAL A C   1 ? 
ATOM   245  O O   . VAL A 1 38  ? 1.161   7.601   -6.783  1.000 7.860  ? 38   VAL A O   1 ? 
ATOM   246  C CB  . VAL A 1 38  ? 1.963   4.622   -6.718  1.000 6.900  ? 38   VAL A CB  1 ? 
ATOM   247  C CG1 . VAL A 1 38  ? 0.718   4.166   -5.966  1.000 7.630  ? 38   VAL A CG1 1 ? 
ATOM   248  C CG2 . VAL A 1 38  ? 2.821   3.445   -7.179  1.000 8.090  ? 38   VAL A CG2 1 ? 
ATOM   249  N N   . ASP A 1 39  ? -0.535  6.723   -7.977  1.000 6.950  ? 39   ASP A N   1 ? 
ATOM   250  C CA  . ASP A 1 39  ? -1.450  7.874   -7.773  1.000 6.850  ? 39   ASP A CA  1 ? 
ATOM   251  C C   . ASP A 1 39  ? -2.225  7.806   -6.448  1.000 7.110  ? 39   ASP A C   1 ? 
ATOM   252  O O   . ASP A 1 39  ? -2.524  8.825   -5.860  1.000 7.580  ? 39   ASP A O   1 ? 
ATOM   253  C CB  . ASP A 1 39  ? -2.457  7.860   -8.946  1.000 7.620  ? 39   ASP A CB  1 ? 
ATOM   254  C CG  . ASP A 1 39  ? -1.814  8.300   -10.280 1.000 7.300  ? 39   ASP A CG  1 ? 
ATOM   255  O OD1 . ASP A 1 39  ? -1.299  7.428   -10.940 1.000 8.180  ? 39   ASP A OD1 1 ? 
ATOM   256  O OD2 . ASP A 1 39  ? -1.855  9.520   -10.595 1.000 8.100  ? 39   ASP A OD2 1 ? 
ATOM   257  N N   . ALA A 1 40  ? -2.611  6.602   -6.080  1.000 7.730  ? 40   ALA A N   1 ? 
ATOM   258  C CA  . ALA A 1 40  ? -3.515  6.457   -4.929  1.000 7.600  ? 40   ALA A CA  1 ? 
ATOM   259  C C   . ALA A 1 40  ? -3.552  5.010   -4.464  1.000 7.170  ? 40   ALA A C   1 ? 
ATOM   260  O O   . ALA A 1 40  ? -3.236  4.080   -5.199  1.000 7.210  ? 40   ALA A O   1 ? 
ATOM   261  C CB  . ALA A 1 40  ? -4.932  6.898   -5.242  1.000 8.590  ? 40   ALA A CB  1 ? 
ATOM   262  N N   . ILE A 1 41  ? -4.013  4.805   -3.222  1.000 8.230  ? 41   ILE A N   1 ? 
ATOM   263  C CA  . ILE A 1 41  ? -4.217  3.451   -2.675  1.000 8.550  ? 41   ILE A CA  1 ? 
ATOM   264  C C   . ILE A 1 41  ? -5.489  3.464   -1.820  1.000 7.670  ? 41   ILE A C   1 ? 
ATOM   265  O O   . ILE A 1 41  ? -5.847  4.475   -1.252  1.000 7.770  ? 41   ILE A O   1 ? 
ATOM   266  C CB  . ILE A 1 41  ? -2.982  2.964   -1.890  1.000 8.560  ? 41   ILE A CB  1 ? 
ATOM   267  C CG1 . ILE A 1 41  ? -3.058  1.467   -1.597  1.000 10.640 ? 41   ILE A CG1 1 ? 
ATOM   268  C CG2 . ILE A 1 41  ? -2.750  3.762   -0.612  1.000 9.000  ? 41   ILE A CG2 1 ? 
ATOM   269  C CD1 . ILE A 1 41  ? -1.683  0.883   -1.263  1.000 11.690 ? 41   ILE A CD1 1 ? 
ATOM   270  N N   . ALA A 1 42  ? -6.134  2.307   -1.770  1.000 7.960  ? 42   ALA A N   1 ? 
ATOM   271  C CA  . ALA A 1 42  ? -7.328  2.092   -0.923  1.000 9.290  ? 42   ALA A CA  1 ? 
ATOM   272  C C   . ALA A 1 42  ? -7.317  0.640   -0.545  1.000 8.690  ? 42   ALA A C   1 ? 
ATOM   273  O O   . ALA A 1 42  ? -6.721  -0.217  -1.250  1.000 8.010  ? 42   ALA A O   1 ? 
ATOM   274  C CB  . ALA A 1 42  ? -8.599  2.392   -1.674  1.000 9.750  ? 42   ALA A CB  1 ? 
ATOM   275  N N   . PHE A 1 43  ? -8.019  0.276   0.544   1.000 8.460  ? 43   PHE A N   1 ? 
ATOM   276  C CA  . PHE A 1 43  ? -8.098  -1.141  0.887   1.000 8.940  ? 43   PHE A CA  1 ? 
ATOM   277  C C   . PHE A 1 43  ? -9.341  -1.343  1.762   1.000 8.930  ? 43   PHE A C   1 ? 
ATOM   278  O O   . PHE A 1 43  ? -9.873  -0.393  2.364   1.000 9.490  ? 43   PHE A O   1 ? 
ATOM   279  C CB  . PHE A 1 43  ? -6.804  -1.601  1.576   1.000 8.670  ? 43   PHE A CB  1 ? 
ATOM   280  C CG  . PHE A 1 43  ? -6.471  -1.023  2.928   1.000 9.220  ? 43   PHE A CG  1 ? 
ATOM   281  C CD1 . PHE A 1 43  ? -5.947  0.244   3.042   1.000 9.090  ? 43   PHE A CD1 1 ? 
ATOM   282  C CD2 . PHE A 1 43  ? -6.640  -1.776  4.099   1.000 9.530  ? 43   PHE A CD2 1 ? 
ATOM   283  C CE1 . PHE A 1 43  ? -5.649  0.763   4.307   1.000 9.910  ? 43   PHE A CE1 1 ? 
ATOM   284  C CE2 . PHE A 1 43  ? -6.290  -1.257  5.339   1.000 9.960  ? 43   PHE A CE2 1 ? 
ATOM   285  C CZ  . PHE A 1 43  ? -5.840  -0.001  5.421   1.000 9.860  ? 43   PHE A CZ  1 ? 
ATOM   286  N N   . THR A 1 44  ? -9.642  -2.620  1.897   1.000 8.830  ? 44   THR A N   1 ? 
ATOM   287  C CA  . THR A 1 44  ? -10.730 -3.130  2.776   1.000 9.060  ? 44   THR A CA  1 ? 
ATOM   288  C C   . THR A 1 44  ? -10.118 -4.123  3.767   1.000 9.050  ? 44   THR A C   1 ? 
ATOM   289  O O   . THR A 1 44  ? -9.197  -4.860  3.363   1.000 8.920  ? 44   THR A O   1 ? 
ATOM   290  C CB  . THR A 1 44  ? -11.903 -3.737  1.975   1.000 10.760 ? 44   THR A CB  1 ? 
ATOM   291  O OG1 . THR A 1 44  ? -12.427 -2.673  1.151   1.000 14.360 ? 44   THR A OG1 1 ? 
ATOM   292  C CG2 . THR A 1 44  ? -13.053 -4.290  2.780   1.000 14.230 ? 44   THR A CG2 1 ? 
ATOM   293  N N   . TYR A 1 45  ? -10.574 -4.096  5.027   1.000 9.450  ? 45   TYR A N   1 ? 
ATOM   294  C CA  . TYR A 1 45  ? -9.895  -4.882  6.069   1.000 9.370  ? 45   TYR A CA  1 ? 
ATOM   295  C C   . TYR A 1 45  ? -10.880 -5.268  7.156   1.000 10.310 ? 45   TYR A C   1 ? 
ATOM   296  O O   . TYR A 1 45  ? -11.922 -4.641  7.350   1.000 10.240 ? 45   TYR A O   1 ? 
ATOM   297  C CB  . TYR A 1 45  ? -8.738  -4.058  6.640   1.000 8.980  ? 45   TYR A CB  1 ? 
ATOM   298  C CG  . TYR A 1 45  ? -9.164  -2.822  7.384   1.000 8.890  ? 45   TYR A CG  1 ? 
ATOM   299  C CD1 . TYR A 1 45  ? -9.400  -1.617  6.728   1.000 8.270  ? 45   TYR A CD1 1 ? 
ATOM   300  C CD2 . TYR A 1 45  ? -9.242  -2.814  8.772   1.000 9.260  ? 45   TYR A CD2 1 ? 
ATOM   301  C CE1 . TYR A 1 45  ? -9.717  -0.470  7.426   1.000 10.110 ? 45   TYR A CE1 1 ? 
ATOM   302  C CE2 . TYR A 1 45  ? -9.600  -1.689  9.472   1.000 9.790  ? 45   TYR A CE2 1 ? 
ATOM   303  C CZ  . TYR A 1 45  ? -9.797  -0.498  8.813   1.000 9.530  ? 45   TYR A CZ  1 ? 
ATOM   304  O OH  . TYR A 1 45  ? -10.105 0.633   9.489   1.000 11.290 ? 45   TYR A OH  1 ? 
ATOM   305  N N   . VAL A 1 46  ? -10.455 -6.237  7.974   1.000 10.750 ? 46   VAL A N   1 ? 
ATOM   306  C CA  . VAL A 1 46  ? -11.109 -6.495  9.282   1.000 12.010 ? 46   VAL A CA  1 ? 
ATOM   307  C C   . VAL A 1 46  ? -10.284 -5.796  10.339  1.000 10.710 ? 46   VAL A C   1 ? 
ATOM   308  O O   . VAL A 1 46  ? -9.018  -5.860  10.310  1.000 11.180 ? 46   VAL A O   1 ? 
ATOM   309  C CB  . VAL A 1 46  ? -11.231 -7.995  9.544   1.000 13.910 ? 46   VAL A CB  1 ? 
ATOM   310  C CG1 . VAL A 1 46  ? -11.832 -8.263  10.919  1.000 14.190 ? 46   VAL A CG1 1 ? 
ATOM   311  C CG2 . VAL A 1 46  ? -12.086 -8.622  8.462   1.000 16.000 ? 46   VAL A CG2 1 ? 
ATOM   312  N N   . GLY A 1 47  ? -10.942 -5.027  11.148  1.000 11.220 ? 47   GLY A N   1 ? 
ATOM   313  C CA  . GLY A 1 47  ? -10.302 -4.224  12.193  1.000 12.300 ? 47   GLY A CA  1 ? 
ATOM   314  C C   . GLY A 1 47  ? -10.078 -5.017  13.478  1.000 12.460 ? 47   GLY A C   1 ? 
ATOM   315  O O   . GLY A 1 47  ? -10.544 -6.127  13.646  1.000 12.800 ? 47   GLY A O   1 ? 
ATOM   316  N N   . THR A 1 48  ? -9.405  -4.387  14.407  1.000 12.690 ? 48   THR A N   1 ? 
ATOM   317  C CA  . THR A 1 48  ? -9.231  -4.928  15.782  1.000 12.980 ? 48   THR A CA  1 ? 
ATOM   318  C C   . THR A 1 48  ? -10.608 -5.053  16.463  1.000 15.020 ? 48   THR A C   1 ? 
ATOM   319  O O   . THR A 1 48  ? -10.649 -5.730  17.491  1.000 14.740 ? 48   THR A O   1 ? 
ATOM   320  C CB  . THR A 1 48  ? -8.285  -4.026  16.579  1.000 13.460 ? 48   THR A CB  1 ? 
ATOM   321  O OG1 . THR A 1 48  ? -8.800  -2.703  16.610  1.000 15.250 ? 48   THR A OG1 1 ? 
ATOM   322  C CG2 . THR A 1 48  ? -6.847  -3.997  16.088  1.000 15.120 ? 48   THR A CG2 1 ? 
ATOM   323  N N   . ASP A 1 49  ? -11.648 -4.392  15.969  1.000 14.180 ? 49   ASP A N   1 ? 
ATOM   324  C CA  . ASP A 1 49  ? -13.039 -4.463  16.474  1.000 12.720 ? 49   ASP A CA  1 ? 
ATOM   325  C C   . ASP A 1 49  ? -13.751 -5.702  15.916  1.000 12.720 ? 49   ASP A C   1 ? 
ATOM   326  O O   . ASP A 1 49  ? -14.982 -5.851  16.149  1.000 12.410 ? 49   ASP A O   1 ? 
ATOM   327  C CB  . ASP A 1 49  ? -13.751 -3.159  16.178  1.000 12.880 ? 49   ASP A CB  1 ? 
ATOM   328  C CG  . ASP A 1 49  ? -13.996 -2.863  14.721  1.000 12.670 ? 49   ASP A CG  1 ? 
ATOM   329  O OD1 . ASP A 1 49  ? -13.348 -3.538  13.897  1.000 13.270 ? 49   ASP A OD1 1 ? 
ATOM   330  O OD2 . ASP A 1 49  ? -14.679 -1.887  14.468  1.000 13.920 ? 49   ASP A OD2 1 ? 
ATOM   331  N N   . ASN A 1 50  ? -13.045 -6.462  15.112  1.000 12.930 ? 50   ASN A N   1 ? 
ATOM   332  C CA  . ASN A 1 50  ? -13.506 -7.709  14.458  1.000 11.660 ? 50   ASN A CA  1 ? 
ATOM   333  C C   . ASN A 1 50  ? -14.673 -7.490  13.477  1.000 12.800 ? 50   ASN A C   1 ? 
ATOM   334  O O   . ASN A 1 50  ? -15.409 -8.405  13.233  1.000 15.670 ? 50   ASN A O   1 ? 
ATOM   335  C CB  . ASN A 1 50  ? -13.835 -8.752  15.538  1.000 12.690 ? 50   ASN A CB  1 ? 
ATOM   336  C CG  . ASN A 1 50  ? -12.568 -9.178  16.253  1.000 12.800 ? 50   ASN A CG  1 ? 
ATOM   337  O OD1 . ASN A 1 50  ? -11.545 -9.453  15.597  1.000 15.510 ? 50   ASN A OD1 1 ? 
ATOM   338  N ND2 . ASN A 1 50  ? -12.575 -9.220  17.569  1.000 13.450 ? 50   ASN A ND2 1 ? 
ATOM   339  N N   . VAL A 1 51  ? -14.825 -6.274  12.987  1.000 13.060 ? 51   VAL A N   1 ? 
ATOM   340  C CA  . VAL A 1 51  ? -15.801 -5.807  11.968  1.000 14.990 ? 51   VAL A CA  1 ? 
ATOM   341  C C   . VAL A 1 51  ? -15.005 -5.567  10.664  1.000 13.640 ? 51   VAL A C   1 ? 
ATOM   342  O O   . VAL A 1 51  ? -13.837 -5.114  10.730  1.000 13.540 ? 51   VAL A O   1 ? 
ATOM   343  C CB  . VAL A 1 51  ? -16.491 -4.526  12.530  1.000 14.660 ? 51   VAL A CB  1 ? 
ATOM   344  C CG1 . VAL A 1 51  ? -17.349 -3.824  11.498  1.000 19.740 ? 51   VAL A CG1 1 ? 
ATOM   345  C CG2 . VAL A 1 51  ? -17.312 -4.823  13.804  1.000 18.900 ? 51   VAL A CG2 1 ? 
ATOM   346  N N   . GLN A 1 52  ? -15.623 -5.728  9.505   1.000 12.420 ? 52   GLN A N   1 ? 
ATOM   347  C CA  . GLN A 1 52  ? -15.025 -5.295  8.231   1.000 12.560 ? 52   GLN A CA  1 ? 
ATOM   348  C C   . GLN A 1 52  ? -15.285 -3.824  7.938   1.000 12.110 ? 52   GLN A C   1 ? 
ATOM   349  O O   . GLN A 1 52  ? -16.426 -3.339  8.055   1.000 13.330 ? 52   GLN A O   1 ? 
ATOM   350  C CB  . GLN A 1 52  ? -15.538 -6.187  7.131   1.000 13.090 ? 52   GLN A CB  1 ? 
ATOM   351  C CG  . GLN A 1 52  ? -15.089 -5.665  5.787   1.000 15.720 ? 52   GLN A CG  1 ? 
ATOM   352  C CD  . GLN A 1 52  ? -15.523 -6.572  4.677   1.000 16.730 ? 52   GLN A CD  1 ? 
ATOM   353  O OE1 . GLN A 1 52  ? -15.180 -7.761  4.658   1.000 15.820 ? 52   GLN A OE1 1 ? 
ATOM   354  N NE2 . GLN A 1 52  ? -16.263 -6.013  3.731   1.000 18.340 ? 52   GLN A NE2 1 ? 
ATOM   355  N N   . HIS A 1 53  ? -14.225 -3.153  7.489   1.000 11.610 ? 53   HIS A N   1 ? 
ATOM   356  C CA  . HIS A 1 53  ? -14.194 -1.705  7.258   1.000 12.470 ? 53   HIS A CA  1 ? 
ATOM   357  C C   . HIS A 1 53  ? -13.650 -1.455  5.853   1.000 12.310 ? 53   HIS A C   1 ? 
ATOM   358  O O   . HIS A 1 53  ? -12.799 -2.205  5.361   1.000 13.020 ? 53   HIS A O   1 ? 
ATOM   359  C CB  . HIS A 1 53  ? -13.220 -1.031  8.224   1.000 14.160 ? 53   HIS A CB  1 ? 
ATOM   360  C CG  . HIS A 1 53  ? -13.721 -0.985  9.631   1.000 14.360 ? 53   HIS A CG  1 ? 
ATOM   361  N ND1 . HIS A 1 53  ? -14.393 0.092   10.083  1.000 19.250 ? 53   HIS A ND1 1 ? 
ATOM   362  C CD2 . HIS A 1 53  ? -13.625 -1.862  10.658  1.000 19.160 ? 53   HIS A CD2 1 ? 
ATOM   363  C CE1 . HIS A 1 53  ? -14.705 -0.072  11.353  1.000 19.740 ? 53   HIS A CE1 1 ? 
ATOM   364  N NE2 . HIS A 1 53  ? -14.290 -1.294  11.705  1.000 17.840 ? 53   HIS A NE2 1 ? 
ATOM   365  N N   . SER A 1 54  ? -14.038 -0.322  5.287   1.000 10.890 ? 54   SER A N   1 ? 
ATOM   366  C CA  . SER A 1 54  ? -13.325 0.347   4.178   1.000 11.300 ? 54   SER A CA  1 ? 
ATOM   367  C C   . SER A 1 54  ? -12.291 1.284   4.781   1.000 10.610 ? 54   SER A C   1 ? 
ATOM   368  O O   . SER A 1 54  ? -12.548 1.943   5.803   1.000 11.190 ? 54   SER A O   1 ? 
ATOM   369  C CB  . SER A 1 54  ? -14.376 1.124   3.417   1.000 13.040 ? 54   SER A CB  1 ? 
ATOM   370  O OG  . SER A 1 54  ? -13.842 1.972   2.437   1.000 13.510 ? 54   SER A OG  1 ? 
ATOM   371  N N   . SER A 1 55  ? -11.201 1.514   4.026   1.000 9.820  ? 55   SER A N   1 ? 
ATOM   372  C CA  . SER A 1 55  ? -10.259 2.575   4.368   1.000 9.840  ? 55   SER A CA  1 ? 
ATOM   373  C C   . SER A 1 55  ? -10.834 3.941   4.018   1.000 11.500 ? 55   SER A C   1 ? 
ATOM   374  O O   . SER A 1 55  ? -10.234 4.941   4.329   1.000 13.450 ? 55   SER A O   1 ? 
ATOM   375  C CB  . SER A 1 55  ? -8.957  2.402   3.646   1.000 9.560  ? 55   SER A CB  1 ? 
ATOM   376  O OG  . SER A 1 55  ? -9.101  2.411   2.222   1.000 9.010  ? 55   SER A OG  1 ? 
ATOM   377  N N   . GLY A 1 56  ? -12.017 3.973   3.370   1.000 11.300 ? 56   GLY A N   1 ? 
ATOM   378  C CA  . GLY A 1 56  ? -12.630 5.242   2.945   1.000 12.460 ? 56   GLY A CA  1 ? 
ATOM   379  C C   . GLY A 1 56  ? -12.315 5.544   1.499   1.000 10.730 ? 56   GLY A C   1 ? 
ATOM   380  O O   . GLY A 1 56  ? -11.779 4.677   0.759   1.000 11.510 ? 56   GLY A O   1 ? 
ATOM   381  N N   . ILE A 1 57  ? -12.621 6.741   1.075   1.000 10.460 ? 57   ILE A N   1 ? 
ATOM   382  C CA  . ILE A 1 57  ? -12.258 7.157   -0.293  1.000 11.630 ? 57   ILE A CA  1 ? 
ATOM   383  C C   . ILE A 1 57  ? -10.752 7.001   -0.458  1.000 10.870 ? 57   ILE A C   1 ? 
ATOM   384  O O   . ILE A 1 57  ? -9.967  7.071   0.510   1.000 10.490 ? 57   ILE A O   1 ? 
ATOM   385  C CB  . ILE A 1 57  ? -12.780 8.555   -0.653  1.000 15.970 ? 57   ILE A CB  1 ? 
ATOM   386  C CG1 . ILE A 1 57  ? -12.079 9.640   0.145   1.000 18.770 ? 57   ILE A CG1 1 ? 
ATOM   387  C CG2 . ILE A 1 57  ? -14.297 8.598   -0.489  1.000 18.500 ? 57   ILE A CG2 1 ? 
ATOM   388  C CD1 . ILE A 1 57  ? -12.598 11.032  -0.127  1.000 22.460 ? 57   ILE A CD1 1 ? 
ATOM   389  N N   . LYS A 1 58  ? -10.322 6.794   -1.680  1.000 9.840  ? 58   LYS A N   1 ? 
ATOM   390  C CA  . LYS A 1 58  ? -8.907  6.491   -1.944  1.000 9.980  ? 58   LYS A CA  1 ? 
ATOM   391  C C   . LYS A 1 58  ? -8.002  7.597   -1.455  1.000 9.350  ? 58   LYS A C   1 ? 
ATOM   392  O O   . LYS A 1 58  ? -8.351  8.790   -1.477  1.000 9.660  ? 58   LYS A O   1 ? 
ATOM   393  C CB  . LYS A 1 58  ? -8.661  6.220   -3.431  1.000 11.210 ? 58   LYS A CB  1 ? 
ATOM   394  C CG  . LYS A 1 58  ? -8.938  7.387   -4.361  1.000 12.640 ? 58   LYS A CG  1 ? 
ATOM   395  C CD  . LYS A 1 58  ? -8.458  7.133   -5.777  1.000 16.560 ? 58   LYS A CD  1 ? 
ATOM   396  C CE  . LYS A 1 58  ? -9.409  6.326   -6.562  1.000 18.540 ? 58   LYS A CE  1 ? 
ATOM   397  N NZ  . LYS A 1 58  ? -8.910  6.214   -7.959  1.000 16.410 ? 58   LYS A NZ  1 ? 
ATOM   398  N N   . TRP A 1 59  ? -6.786  7.210   -1.108  1.000 8.900  ? 59   TRP A N   1 ? 
ATOM   399  C CA  . TRP A 1 59  ? -5.722  8.113   -0.653  1.000 8.550  ? 59   TRP A CA  1 ? 
ATOM   400  C C   . TRP A 1 59  ? -4.866  8.517   -1.836  1.000 8.230  ? 59   TRP A C   1 ? 
ATOM   401  O O   . TRP A 1 59  ? -3.978  7.767   -2.226  1.000 8.740  ? 59   TRP A O   1 ? 
ATOM   402  C CB  . TRP A 1 59  ? -4.904  7.379   0.396   1.000 8.410  ? 59   TRP A CB  1 ? 
ATOM   403  C CG  . TRP A 1 59  ? -5.614  6.963   1.621   1.000 8.550  ? 59   TRP A CG  1 ? 
ATOM   404  C CD1 . TRP A 1 59  ? -6.819  7.414   2.097   1.000 8.900  ? 59   TRP A CD1 1 ? 
ATOM   405  C CD2 . TRP A 1 59  ? -5.107  6.010   2.578   1.000 8.760  ? 59   TRP A CD2 1 ? 
ATOM   406  N NE1 . TRP A 1 59  ? -7.077  6.788   3.293   1.000 9.360  ? 59   TRP A NE1 1 ? 
ATOM   407  C CE2 . TRP A 1 59  ? -6.043  5.966   3.629   1.000 9.650  ? 59   TRP A CE2 1 ? 
ATOM   408  C CE3 . TRP A 1 59  ? -3.942  5.233   2.627   1.000 8.970  ? 59   TRP A CE3 1 ? 
ATOM   409  C CZ2 . TRP A 1 59  ? -5.841  5.170   4.751   1.000 10.050 ? 59   TRP A CZ2 1 ? 
ATOM   410  C CZ3 . TRP A 1 59  ? -3.757  4.442   3.745   1.000 9.460  ? 59   TRP A CZ3 1 ? 
ATOM   411  C CH2 . TRP A 1 59  ? -4.715  4.388   4.750   1.000 10.070 ? 59   TRP A CH2 1 ? 
ATOM   412  N N   . GLY A 1 60  ? -5.121  9.711   -2.361  1.000 8.620  ? 60   GLY A N   1 ? 
ATOM   413  C CA  . GLY A 1 60  ? -4.400  10.298  -3.507  1.000 9.990  ? 60   GLY A CA  1 ? 
ATOM   414  C C   . GLY A 1 60  ? -5.397  10.829  -4.535  1.000 10.070 ? 60   GLY A C   1 ? 
ATOM   415  O O   . GLY A 1 60  ? -6.600  11.035  -4.176  1.000 11.970 ? 60   GLY A O   1 ? 
ATOM   416  N N   . GLY A 1 61  ? -4.905  11.137  -5.720  1.000 10.090 ? 61   GLY A N   1 ? 
ATOM   417  C CA  . GLY A 1 61  ? -5.604  11.958  -6.723  1.000 10.250 ? 61   GLY A CA  1 ? 
ATOM   418  C C   . GLY A 1 61  ? -6.498  11.137  -7.599  1.000 10.660 ? 61   GLY A C   1 ? 
ATOM   419  O O   . GLY A 1 61  ? -6.754  9.969   -7.353  1.000 10.890 ? 61   GLY A O   1 ? 
ATOM   420  N N   . THR A 1 62  ? -6.837  11.697  -8.761  1.000 10.650 ? 62   THR A N   1 ? 
ATOM   421  C CA  . THR A 1 62  ? -7.806  11.095  -9.702  1.000 12.130 ? 62   THR A CA  1 ? 
ATOM   422  C C   . THR A 1 62  ? -7.054  10.495  -10.892 1.000 11.140 ? 62   THR A C   1 ? 
ATOM   423  O O   . THR A 1 62  ? -7.728  10.016  -11.814 1.000 11.620 ? 62   THR A O   1 ? 
ATOM   424  C CB  . THR A 1 62  ? -8.829  12.122  -10.188 1.000 13.750 ? 62   THR A CB  1 ? 
ATOM   425  O OG1 . THR A 1 62  ? -8.147  13.198  -10.798 1.000 15.950 ? 62   THR A OG1 1 ? 
ATOM   426  C CG2 . THR A 1 62  ? -9.712  12.640  -9.072  1.000 15.410 ? 62   THR A CG2 1 ? 
ATOM   427  N N   . GLY A 1 63  ? -5.721  10.563  -10.909 1.000 10.110 ? 63   GLY A N   1 ? 
ATOM   428  C CA  . GLY A 1 63  ? -4.901  10.049  -12.010 1.000 9.750  ? 63   GLY A CA  1 ? 
ATOM   429  C C   . GLY A 1 63  ? -4.767  8.533   -11.994 1.000 8.690  ? 63   GLY A C   1 ? 
ATOM   430  O O   . GLY A 1 63  ? -5.056  7.830   -10.993 1.000 9.740  ? 63   GLY A O   1 ? 
ATOM   431  N N   . GLY A 1 64  ? -4.253  7.955   -13.070 1.000 8.380  ? 64   GLY A N   1 ? 
ATOM   432  C CA  . GLY A 1 64  ? -3.952  6.544   -13.175 1.000 8.820  ? 64   GLY A CA  1 ? 
ATOM   433  C C   . GLY A 1 64  ? -5.177  5.705   -13.434 1.000 9.880  ? 64   GLY A C   1 ? 
ATOM   434  O O   . GLY A 1 64  ? -6.323  6.199   -13.532 1.000 10.510 ? 64   GLY A O   1 ? 
ATOM   435  N N   . THR A 1 65  ? -4.971  4.411   -13.406 1.000 9.240  ? 65   THR A N   1 ? 
ATOM   436  C CA  . THR A 1 65  ? -6.065  3.414   -13.493 1.000 11.040 ? 65   THR A CA  1 ? 
ATOM   437  C C   . THR A 1 65  ? -6.029  2.504   -12.270 1.000 10.240 ? 65   THR A C   1 ? 
ATOM   438  O O   . THR A 1 65  ? -4.940  2.313   -11.689 1.000 10.510 ? 65   THR A O   1 ? 
ATOM   439  C CB  . THR A 1 65  ? -6.009  2.522   -14.733 1.000 12.930 ? 65   THR A CB  1 ? 
ATOM   440  O OG1 . THR A 1 65  ? -4.860  1.689   -14.782 1.000 17.840 ? 65   THR A OG1 1 ? 
ATOM   441  C CG2 . THR A 1 65  ? -6.067  3.321   -16.007 1.000 12.780 ? 65   THR A CG2 1 ? 
ATOM   442  N N   . GLU A 1 66  ? -7.190  2.065   -11.826 1.000 10.910 ? 66   GLU A N   1 ? 
ATOM   443  C CA  . GLU A 1 66  ? -7.307  1.173   -10.649 1.000 10.910 ? 66   GLU A CA  1 ? 
ATOM   444  C C   . GLU A 1 66  ? -7.055  -0.287  -10.982 1.000 10.900 ? 66   GLU A C   1 ? 
ATOM   445  O O   . GLU A 1 66  ? -7.497  -0.759  -12.036 1.000 12.940 ? 66   GLU A O   1 ? 
ATOM   446  C CB  . GLU A 1 66  ? -8.700  1.328   -10.051 1.000 11.730 ? 66   GLU A CB  1 ? 
ATOM   447  C CG  . GLU A 1 66  ? -8.947  2.676   -9.424  1.000 14.450 ? 66   GLU A CG  1 ? 
ATOM   448  C CD  . GLU A 1 66  ? -10.237 2.797   -8.633  1.000 17.640 ? 66   GLU A CD  1 ? 
ATOM   449  O OE1 . GLU A 1 66  ? -11.138 1.946   -8.787  1.000 24.870 ? 66   GLU A OE1 1 ? 
ATOM   450  O OE2 . GLU A 1 66  ? -10.361 3.792   -7.904  1.000 20.980 ? 66   GLU A OE2 1 ? 
ATOM   451  N N   . ASP A 1 67  ? -6.474  -0.998  -10.026 1.000 10.390 ? 67   ASP A N   1 ? 
ATOM   452  C CA  . ASP A 1 67  ? -6.296  -2.462  -10.096 1.000 10.900 ? 67   ASP A CA  1 ? 
ATOM   453  C C   . ASP A 1 67  ? -6.540  -3.000  -8.684  1.000 11.400 ? 67   ASP A C   1 ? 
ATOM   454  O O   . ASP A 1 67  ? -5.935  -2.480  -7.709  1.000 11.240 ? 67   ASP A O   1 ? 
ATOM   455  C CB  . ASP A 1 67  ? -4.903  -2.841  -10.564 1.000 12.050 ? 67   ASP A CB  1 ? 
ATOM   456  C CG  . ASP A 1 67  ? -4.746  -4.328  -10.827 1.000 16.110 ? 67   ASP A CG  1 ? 
ATOM   457  O OD1 . ASP A 1 67  ? -5.538  -4.836  -11.632 1.000 17.410 ? 67   ASP A OD1 1 ? 
ATOM   458  O OD2 . ASP A 1 67  ? -3.930  -4.969  -10.182 1.000 15.950 ? 67   ASP A OD2 1 ? 
ATOM   459  N N   . THR A 1 68  ? -7.340  -4.044  -8.561  1.000 11.240 ? 68   THR A N   1 ? 
ATOM   460  C CA  . THR A 1 68  ? -7.745  -4.599  -7.246  1.000 10.920 ? 68   THR A CA  1 ? 
ATOM   461  C C   . THR A 1 68  ? -7.180  -6.012  -7.076  1.000 11.450 ? 68   THR A C   1 ? 
ATOM   462  O O   . THR A 1 68  ? -7.246  -6.849  -8.026  1.000 13.940 ? 68   THR A O   1 ? 
ATOM   463  C CB  . THR A 1 68  ? -9.263  -4.540  -7.075  1.000 11.380 ? 68   THR A CB  1 ? 
ATOM   464  O OG1 . THR A 1 68  ? -9.688  -3.188  -7.091  1.000 13.540 ? 68   THR A OG1 1 ? 
ATOM   465  C CG2 . THR A 1 68  ? -9.695  -5.188  -5.782  1.000 13.240 ? 68   THR A CG2 1 ? 
ATOM   466  N N   . ILE A 1 69  ? -6.629  -6.283  -5.896  1.000 10.870 ? 69   ILE A N   1 ? 
ATOM   467  C CA  . ILE A 1 69  ? -6.189  -7.631  -5.452  1.000 12.020 ? 69   ILE A CA  1 ? 
ATOM   468  C C   . ILE A 1 69  ? -7.127  -8.052  -4.328  1.000 11.820 ? 69   ILE A C   1 ? 
ATOM   469  O O   . ILE A 1 69  ? -7.304  -7.289  -3.385  1.000 11.730 ? 69   ILE A O   1 ? 
ATOM   470  C CB  . ILE A 1 69  ? -4.720  -7.603  -4.997  1.000 12.270 ? 69   ILE A CB  1 ? 
ATOM   471  C CG1 . ILE A 1 69  ? -3.774  -7.080  -6.081  1.000 13.580 ? 69   ILE A CG1 1 ? 
ATOM   472  C CG2 . ILE A 1 69  ? -4.321  -8.985  -4.561  1.000 13.180 ? 69   ILE A CG2 1 ? 
ATOM   473  C CD1 . ILE A 1 69  ? -2.362  -6.735  -5.558  1.000 13.860 ? 69   ILE A CD1 1 ? 
ATOM   474  N N   . ASN A 1 70  ? -7.722  -9.233  -4.482  1.000 12.780 ? 70   ASN A N   1 ? 
ATOM   475  C CA  . ASN A 1 70  ? -8.653  -9.838  -3.498  1.000 14.470 ? 70   ASN A CA  1 ? 
ATOM   476  C C   . ASN A 1 70  ? -7.908  -10.926 -2.727  1.000 14.850 ? 70   ASN A C   1 ? 
ATOM   477  O O   . ASN A 1 70  ? -7.224  -11.735 -3.347  1.000 16.050 ? 70   ASN A O   1 ? 
ATOM   478  C CB  . ASN A 1 70  ? -9.920  -10.398 -4.152  1.000 16.220 ? 70   ASN A CB  1 ? 
ATOM   479  C CG  . ASN A 1 70  ? -10.708 -9.258  -4.764  1.000 18.180 ? 70   ASN A CG  1 ? 
ATOM   480  O OD1 . ASN A 1 70  ? -11.199 -8.381  -4.052  1.000 22.230 ? 70   ASN A OD1 1 ? 
ATOM   481  N ND2 . ASN A 1 70  ? -10.731 -9.204  -6.080  1.000 20.550 ? 70   ASN A ND2 1 ? 
ATOM   482  N N   . LEU A 1 71  ? -7.910  -10.817 -1.417  1.000 14.920 ? 71   LEU A N   1 ? 
ATOM   483  C CA  . LEU A 1 71  ? -7.105  -11.676 -0.519  1.000 15.520 ? 71   LEU A CA  1 ? 
ATOM   484  C C   . LEU A 1 71  ? -8.033  -12.542 0.334   1.000 16.340 ? 71   LEU A C   1 ? 
ATOM   485  O O   . LEU A 1 71  ? -9.202  -12.186 0.540   1.000 17.110 ? 71   LEU A O   1 ? 
ATOM   486  C CB  . LEU A 1 71  ? -6.240  -10.744 0.329   1.000 16.080 ? 71   LEU A CB  1 ? 
ATOM   487  C CG  . LEU A 1 71  ? -5.423  -9.791  -0.558  1.000 17.260 ? 71   LEU A CG  1 ? 
ATOM   488  C CD1 . LEU A 1 71  ? -5.021  -8.516  0.099   1.000 19.550 ? 71   LEU A CD1 1 ? 
ATOM   489  C CD2 . LEU A 1 71  ? -4.246  -10.508 -1.160  1.000 15.450 ? 71   LEU A CD2 1 ? 
ATOM   490  N N   . ASP A 1 72  ? -7.499  -13.661 0.787   1.000 18.840 ? 72   ASP A N   1 ? 
ATOM   491  C CA  . ASP A 1 72  ? -8.239  -14.648 1.621   1.000 22.780 ? 72   ASP A CA  1 ? 
ATOM   492  C C   . ASP A 1 72  ? -7.221  -15.483 2.397   1.000 24.310 ? 72   ASP A C   1 ? 
ATOM   493  O O   . ASP A 1 72  ? -6.031  -15.120 2.411   1.000 23.150 ? 72   ASP A O   1 ? 
ATOM   494  C CB  . ASP A 1 72  ? -9.208  -15.465 0.769   1.000 24.460 ? 72   ASP A CB  1 ? 
ATOM   495  C CG  . ASP A 1 72  ? -8.560  -16.253 -0.343  1.000 26.470 ? 72   ASP A CG  1 ? 
ATOM   496  O OD1 . ASP A 1 72  ? -7.428  -16.736 -0.150  1.000 26.340 ? 72   ASP A OD1 1 ? 
ATOM   497  O OD2 . ASP A 1 72  ? -9.191  -16.363 -1.409  1.000 33.670 ? 72   ASP A OD2 1 ? 
ATOM   498  N N   . ALA A 1 73  ? -7.680  -16.567 3.026   1.000 25.900 ? 73   ALA A N   1 ? 
ATOM   499  C CA  . ALA A 1 73  ? -6.872  -17.307 4.017   1.000 27.140 ? 73   ALA A CA  1 ? 
ATOM   500  C C   . ALA A 1 73  ? -5.615  -17.871 3.336   1.000 26.290 ? 73   ALA A C   1 ? 
ATOM   501  O O   . ALA A 1 73  ? -4.574  -17.914 4.007   1.000 33.050 ? 73   ALA A O   1 ? 
ATOM   502  C CB  . ALA A 1 73  ? -7.713  -18.368 4.688   1.000 29.350 ? 73   ALA A CB  1 ? 
ATOM   503  N N   . THR A 1 74  ? -5.663  -18.232 2.051   1.000 26.370 ? 74   THR A N   1 ? 
ATOM   504  C CA  . THR A 1 74  ? -4.513  -18.869 1.353   1.000 28.840 ? 74   THR A CA  1 ? 
ATOM   505  C C   . THR A 1 74  ? -3.836  -17.889 0.378   1.000 27.090 ? 74   THR A C   1 ? 
ATOM   506  O O   . THR A 1 74  ? -2.778  -18.258 -0.156  1.000 31.040 ? 74   THR A O   1 ? 
ATOM   507  C CB  . THR A 1 74  ? -4.934  -20.175 0.663   1.000 32.520 ? 74   THR A CB  1 ? 
ATOM   508  O OG1 . THR A 1 74  ? -5.995  -19.850 -0.228  1.000 35.460 ? 74   THR A OG1 1 ? 
ATOM   509  C CG2 . THR A 1 74  ? -5.386  -21.255 1.624   1.000 35.350 ? 74   THR A CG2 1 ? 
ATOM   510  N N   . ASN A 1 75  ? -4.405  -16.696 0.144   1.000 21.730 ? 75   ASN A N   1 ? 
ATOM   511  C CA  . ASN A 1 75  ? -3.851  -15.731 -0.836  1.000 19.920 ? 75   ASN A CA  1 ? 
ATOM   512  C C   . ASN A 1 75  ? -3.656  -14.399 -0.121  1.000 16.510 ? 75   ASN A C   1 ? 
ATOM   513  O O   . ASN A 1 75  ? -4.622  -13.698 0.073   1.000 16.610 ? 75   ASN A O   1 ? 
ATOM   514  C CB  . ASN A 1 75  ? -4.780  -15.524 -2.020  1.000 22.630 ? 75   ASN A CB  1 ? 
ATOM   515  C CG  . ASN A 1 75  ? -4.123  -14.699 -3.105  1.000 24.900 ? 75   ASN A CG  1 ? 
ATOM   516  O OD1 . ASN A 1 75  ? -2.932  -14.859 -3.367  1.000 28.930 ? 75   ASN A OD1 1 ? 
ATOM   517  N ND2 . ASN A 1 75  ? -4.872  -13.784 -3.692  1.000 28.070 ? 75   ASN A ND2 1 ? 
ATOM   518  N N   . TYR A 1 76  ? -2.470  -14.132 0.401   1.000 14.160 ? 76   TYR A N   1 ? 
ATOM   519  C CA  . TYR A 1 76  ? -2.234  -12.934 1.243   1.000 13.350 ? 76   TYR A CA  1 ? 
ATOM   520  C C   . TYR A 1 76  ? -0.928  -12.305 0.798   1.000 12.100 ? 76   TYR A C   1 ? 
ATOM   521  O O   . TYR A 1 76  ? -0.123  -12.908 0.111   1.000 13.180 ? 76   TYR A O   1 ? 
ATOM   522  C CB  . TYR A 1 76  ? -2.202  -13.248 2.735   1.000 14.070 ? 76   TYR A CB  1 ? 
ATOM   523  C CG  . TYR A 1 76  ? -1.336  -14.408 3.148   1.000 17.000 ? 76   TYR A CG  1 ? 
ATOM   524  C CD1 . TYR A 1 76  ? 0.030   -14.272 3.300   1.000 17.000 ? 76   TYR A CD1 1 ? 
ATOM   525  C CD2 . TYR A 1 76  ? -1.868  -15.668 3.359   1.000 20.170 ? 76   TYR A CD2 1 ? 
ATOM   526  C CE1 . TYR A 1 76  ? 0.846   -15.330 3.664   1.000 20.520 ? 76   TYR A CE1 1 ? 
ATOM   527  C CE2 . TYR A 1 76  ? -1.066  -16.743 3.733   1.000 22.210 ? 76   TYR A CE2 1 ? 
ATOM   528  C CZ  . TYR A 1 76  ? 0.292   -16.568 3.897   1.000 21.800 ? 76   TYR A CZ  1 ? 
ATOM   529  O OH  . TYR A 1 76  ? 1.124   -17.610 4.227   1.000 26.860 ? 76   TYR A OH  1 ? 
ATOM   530  N N   . VAL A 1 77  ? -0.789  -11.033 1.119   1.000 10.430 ? 77   VAL A N   1 ? 
ATOM   531  C CA  . VAL A 1 77  ? 0.412   -10.296 0.665   1.000 10.450 ? 77   VAL A CA  1 ? 
ATOM   532  C C   . VAL A 1 77  ? 1.604   -10.655 1.569   1.000 10.440 ? 77   VAL A C   1 ? 
ATOM   533  O O   . VAL A 1 77  ? 1.551   -10.429 2.780   1.000 12.620 ? 77   VAL A O   1 ? 
ATOM   534  C CB  . VAL A 1 77  ? 0.134   -8.793  0.615   1.000 10.380 ? 77   VAL A CB  1 ? 
ATOM   535  C CG1 . VAL A 1 77  ? 1.430   -8.082  0.247   1.000 10.680 ? 77   VAL A CG1 1 ? 
ATOM   536  C CG2 . VAL A 1 77  ? -0.947  -8.470  -0.437  1.000 10.390 ? 77   VAL A CG2 1 ? 
ATOM   537  N N   . THR A 1 78  ? 2.672   -11.158 0.961   1.000 10.530 ? 78   THR A N   1 ? 
ATOM   538  C CA  . THR A 1 78  ? 3.892   -11.553 1.722   1.000 11.920 ? 78   THR A CA  1 ? 
ATOM   539  C C   . THR A 1 78  ? 5.079   -10.653 1.466   1.000 10.560 ? 78   THR A C   1 ? 
ATOM   540  O O   . THR A 1 78  ? 6.052   -10.746 2.230   1.000 11.520 ? 78   THR A O   1 ? 
ATOM   541  C CB  . THR A 1 78  ? 4.320   -12.978 1.376   1.000 14.170 ? 78   THR A CB  1 ? 
ATOM   542  O OG1 . THR A 1 78  ? 4.583   -12.994 -0.019  1.000 16.250 ? 78   THR A OG1 1 ? 
ATOM   543  C CG2 . THR A 1 78  ? 3.281   -13.981 1.803   1.000 16.660 ? 78   THR A CG2 1 ? 
ATOM   544  N N   . GLU A 1 79  ? 5.010   -9.760  0.484   1.000 9.860  ? 79   GLU A N   1 ? 
ATOM   545  C CA  . GLU A 1 79  ? 6.146   -8.861  0.228   1.000 9.380  ? 79   GLU A CA  1 ? 
ATOM   546  C C   . GLU A 1 79  ? 5.667   -7.622  -0.498  1.000 7.950  ? 79   GLU A C   1 ? 
ATOM   547  O O   . GLU A 1 79  ? 4.840   -7.776  -1.426  1.000 9.360  ? 79   GLU A O   1 ? 
ATOM   548  C CB  . GLU A 1 79  ? 7.264   -9.546  -0.536  1.000 11.380 ? 79   GLU A CB  1 ? 
ATOM   549  C CG  . GLU A 1 79  ? 8.390   -8.631  -0.950  1.000 13.360 ? 79   GLU A CG  1 ? 
ATOM   550  C CD  . GLU A 1 79  ? 9.579   -9.351  -1.597  1.000 15.690 ? 79   GLU A CD  1 ? 
ATOM   551  O OE1 . GLU A 1 79  ? 9.754   -10.523 -1.275  1.000 19.940 ? 79   GLU A OE1 1 ? 
ATOM   552  O OE2 . GLU A 1 79  ? 10.321  -8.749  -2.418  1.000 19.270 ? 79   GLU A OE2 1 ? 
ATOM   553  N N   . ILE A 1 80  ? 6.136   -6.451  -0.105  1.000 7.920  ? 80   ILE A N   1 ? 
ATOM   554  C CA  . ILE A 1 80  ? 5.904   -5.232  -0.902  1.000 7.800  ? 80   ILE A CA  1 ? 
ATOM   555  C C   . ILE A 1 80  ? 7.253   -4.583  -1.058  1.000 7.760  ? 80   ILE A C   1 ? 
ATOM   556  O O   . ILE A 1 80  ? 8.011   -4.438  -0.066  1.000 9.300  ? 80   ILE A O   1 ? 
ATOM   557  C CB  . ILE A 1 80  ? 4.864   -4.306  -0.271  1.000 8.460  ? 80   ILE A CB  1 ? 
ATOM   558  C CG1 . ILE A 1 80  ? 3.531   -5.035  -0.150  1.000 9.920  ? 80   ILE A CG1 1 ? 
ATOM   559  C CG2 . ILE A 1 80  ? 4.762   -2.991  -1.023  1.000 8.100  ? 80   ILE A CG2 1 ? 
ATOM   560  C CD1 . ILE A 1 80  ? 2.397   -4.183  0.389   1.000 9.870  ? 80   ILE A CD1 1 ? 
ATOM   561  N N   . SER A 1 81  ? 7.500   -4.157  -2.258  1.000 8.810  ? 81   SER A N   1 ? 
ATOM   562  C CA  . SER A 1 81  ? 8.687   -3.335  -2.508  1.000 8.520  ? 81   SER A CA  1 ? 
ATOM   563  C C   . SER A 1 81  ? 8.317   -2.144  -3.386  1.000 8.720  ? 81   SER A C   1 ? 
ATOM   564  O O   . SER A 1 81  ? 7.166   -2.100  -3.904  1.000 9.490  ? 81   SER A O   1 ? 
ATOM   565  C CB  . SER A 1 81  ? 9.776   -4.149  -3.160  1.000 10.520 ? 81   SER A CB  1 ? 
ATOM   566  O OG  . SER A 1 81  ? 9.350   -4.636  -4.412  1.000 12.250 ? 81   SER A OG  1 ? 
ATOM   567  N N   . GLY A 1 82  ? 9.248   -1.242  -3.576  1.000 8.530  ? 82   GLY A N   1 ? 
ATOM   568  C CA  . GLY A 1 82  ? 8.925   -0.091  -4.399  1.000 8.500  ? 82   GLY A CA  1 ? 
ATOM   569  C C   . GLY A 1 82  ? 10.093  0.833   -4.498  1.000 8.500  ? 82   GLY A C   1 ? 
ATOM   570  O O   . GLY A 1 82  ? 11.224  0.483   -4.095  1.000 9.140  ? 82   GLY A O   1 ? 
ATOM   571  N N   . THR A 1 83  ? 9.857   2.045   -5.007  1.000 8.370  ? 83   THR A N   1 ? 
ATOM   572  C CA  . THR A 1 83  ? 10.883  3.074   -5.121  1.000 8.460  ? 83   THR A CA  1 ? 
ATOM   573  C C   . THR A 1 83  ? 10.331  4.438   -4.746  1.000 8.830  ? 83   THR A C   1 ? 
ATOM   574  O O   . THR A 1 83  ? 9.091   4.645   -4.877  1.000 8.790  ? 83   THR A O   1 ? 
ATOM   575  C CB  . THR A 1 83  ? 11.425  3.156   -6.550  1.000 10.190 ? 83   THR A CB  1 ? 
ATOM   576  O OG1 . THR A 1 83  ? 10.348  3.258   -7.502  1.000 9.990  ? 83   THR A OG1 1 ? 
ATOM   577  C CG2 . THR A 1 83  ? 12.229  1.926   -6.909  1.000 11.890 ? 83   THR A CG2 1 ? 
ATOM   578  N N   . VAL A 1 84  ? 11.159  5.245   -4.161  1.000 9.000  ? 84   VAL A N   1 ? 
ATOM   579  C CA  . VAL A 1 84  ? 10.834  6.627   -3.791  1.000 8.900  ? 84   VAL A CA  1 ? 
ATOM   580  C C   . VAL A 1 84  ? 11.681  7.564   -4.619  1.000 9.660  ? 84   VAL A C   1 ? 
ATOM   581  O O   . VAL A 1 84  ? 12.948  7.511   -4.613  1.000 10.620 ? 84   VAL A O   1 ? 
ATOM   582  C CB  . VAL A 1 84  ? 11.045  6.877   -2.289  1.000 9.310  ? 84   VAL A CB  1 ? 
ATOM   583  C CG1 . VAL A 1 84  ? 10.889  8.351   -1.965  1.000 9.850  ? 84   VAL A CG1 1 ? 
ATOM   584  C CG2 . VAL A 1 84  ? 10.148  5.983   -1.445  1.000 10.100 ? 84   VAL A CG2 1 ? 
ATOM   585  N N   . GLY A 1 85  ? 11.043  8.396   -5.418  1.000 9.530  ? 85   GLY A N   1 ? 
ATOM   586  C CA  . GLY A 1 85  ? 11.790  9.249   -6.331  1.000 10.510 ? 85   GLY A CA  1 ? 
ATOM   587  C C   . GLY A 1 85  ? 10.975  10.431  -6.759  1.000 11.190 ? 85   GLY A C   1 ? 
ATOM   588  O O   . GLY A 1 85  ? 9.803   10.561  -6.311  1.000 8.730  ? 85   GLY A O   1 ? 
ATOM   589  N N   . LYS A 1 86  ? 11.532  11.282  -7.623  1.000 11.490 ? 86   LYS A N   1 ? 
ATOM   590  C CA  . LYS A 1 86  ? 10.823  12.480  -8.094  1.000 11.530 ? 86   LYS A CA  1 ? 
ATOM   591  C C   . LYS A 1 86  ? 9.773   12.089  -9.127  1.000 11.860 ? 86   LYS A C   1 ? 
ATOM   592  O O   . LYS A 1 86  ? 9.963   11.190  -9.976  1.000 11.660 ? 86   LYS A O   1 ? 
ATOM   593  C CB  . LYS A 1 86  ? 11.781  13.464  -8.768  1.000 13.350 ? 86   LYS A CB  1 ? 
ATOM   594  C CG  . LYS A 1 86  ? 12.746  14.098  -7.812  1.000 16.690 ? 86   LYS A CG  1 ? 
ATOM   595  C CD  . LYS A 1 86  ? 12.068  15.003  -6.844  1.000 19.870 ? 86   LYS A CD  1 ? 
ATOM   596  C CE  . LYS A 1 86  ? 13.039  15.948  -6.166  1.000 23.000 ? 86   LYS A CE  1 ? 
ATOM   597  N NZ  . LYS A 1 86  ? 12.364  16.673  -5.074  1.000 26.290 ? 86   LYS A NZ  1 ? 
ATOM   598  N N   . PHE A 1 87  ? 8.660   12.778  -8.986  1.000 12.090 ? 87   PHE A N   1 ? 
ATOM   599  C CA  . PHE A 1 87  ? 7.710   12.919  -10.075 1.000 12.190 ? 87   PHE A CA  1 ? 
ATOM   600  C C   . PHE A 1 87  ? 7.384   14.410  -10.090 1.000 13.550 ? 87   PHE A C   1 ? 
ATOM   601  O O   . PHE A 1 87  ? 6.709   14.900  -9.144  1.000 15.770 ? 87   PHE A O   1 ? 
ATOM   602  C CB  . PHE A 1 87  ? 6.492   12.043  -9.838  1.000 13.660 ? 87   PHE A CB  1 ? 
ATOM   603  C CG  . PHE A 1 87  ? 5.591   12.017  -11.035 1.000 14.440 ? 87   PHE A CG  1 ? 
ATOM   604  C CD1 . PHE A 1 87  ? 6.024   11.515  -12.243 1.000 13.530 ? 87   PHE A CD1 1 ? 
ATOM   605  C CD2 . PHE A 1 87  ? 4.298   12.516  -10.933 1.000 14.650 ? 87   PHE A CD2 1 ? 
ATOM   606  C CE1 . PHE A 1 87  ? 5.188   11.548  -13.349 1.000 15.710 ? 87   PHE A CE1 1 ? 
ATOM   607  C CE2 . PHE A 1 87  ? 3.474   12.578  -12.044 1.000 16.780 ? 87   PHE A CE2 1 ? 
ATOM   608  C CZ  . PHE A 1 87  ? 3.905   12.051  -13.227 1.000 15.800 ? 87   PHE A CZ  1 ? 
ATOM   609  N N   . GLY A 1 88  ? 7.956   15.178  -11.017 1.000 12.060 ? 88   GLY A N   1 ? 
ATOM   610  C CA  . GLY A 1 88  ? 7.846   16.633  -10.869 1.000 12.620 ? 88   GLY A CA  1 ? 
ATOM   611  C C   . GLY A 1 88  ? 8.730   17.053  -9.728  1.000 13.990 ? 88   GLY A C   1 ? 
ATOM   612  O O   . GLY A 1 88  ? 9.839   16.490  -9.615  1.000 13.740 ? 88   GLY A O   1 ? 
ATOM   613  N N   . THR A 1 89  ? 8.290   18.001  -8.907  1.000 16.330 ? 89   THR A N   1 ? 
ATOM   614  C CA  . THR A 1 89  ? 9.125   18.512  -7.799  1.000 17.660 ? 89   THR A CA  1 ? 
ATOM   615  C C   . THR A 1 89  ? 9.015   17.687  -6.507  1.000 18.160 ? 89   THR A C   1 ? 
ATOM   616  O O   . THR A 1 89  ? 9.794   17.970  -5.595  1.000 18.970 ? 89   THR A O   1 ? 
ATOM   617  C CB  . THR A 1 89  ? 8.807   19.986  -7.574  1.000 21.800 ? 89   THR A CB  1 ? 
ATOM   618  O OG1 . THR A 1 89  ? 7.451   20.053  -7.129  1.000 26.050 ? 89   THR A OG1 1 ? 
ATOM   619  C CG2 . THR A 1 89  ? 9.019   20.796  -8.841  1.000 21.970 ? 89   THR A CG2 1 ? 
ATOM   620  N N   . ASP A 1 90  ? 8.131   16.685  -6.412  1.000 14.910 ? 90   ASP A N   1 ? 
ATOM   621  C CA  . ASP A 1 90  ? 7.924   15.978  -5.119  1.000 13.690 ? 90   ASP A CA  1 ? 
ATOM   622  C C   . ASP A 1 90  ? 8.512   14.567  -5.111  1.000 11.820 ? 90   ASP A C   1 ? 
ATOM   623  O O   . ASP A 1 90  ? 8.405   13.884  -6.132  1.000 12.980 ? 90   ASP A O   1 ? 
ATOM   624  C CB  . ASP A 1 90  ? 6.442   15.893  -4.781  1.000 15.210 ? 90   ASP A CB  1 ? 
ATOM   625  C CG  . ASP A 1 90  ? 5.821   17.268  -4.717  1.000 17.070 ? 90   ASP A CG  1 ? 
ATOM   626  O OD1 . ASP A 1 90  ? 6.212   18.020  -3.841  1.000 21.510 ? 90   ASP A OD1 1 ? 
ATOM   627  O OD2 . ASP A 1 90  ? 5.008   17.538  -5.572  1.000 18.610 ? 90   ASP A OD2 1 ? 
ATOM   628  N N   . ASP A 1 91  ? 9.098   14.159  -3.992  1.000 12.410 ? 91   ASP A N   1 ? 
ATOM   629  C CA  . ASP A 1 91  ? 9.486   12.759  -3.752  1.000 11.950 ? 91   ASP A CA  1 ? 
ATOM   630  C C   . ASP A 1 91  ? 8.234   11.955  -3.393  1.000 10.110 ? 91   ASP A C   1 ? 
ATOM   631  O O   . ASP A 1 91  ? 7.574   12.264  -2.366  1.000 10.770 ? 91   ASP A O   1 ? 
ATOM   632  C CB  . ASP A 1 91  ? 10.507  12.685  -2.608  1.000 14.520 ? 91   ASP A CB  1 ? 
ATOM   633  C CG  . ASP A 1 91  ? 11.950  12.975  -3.009  1.000 20.290 ? 91   ASP A CG  1 ? 
ATOM   634  O OD1 . ASP A 1 91  ? 12.265  12.835  -4.206  1.000 25.050 ? 91   ASP A OD1 1 ? 
ATOM   635  O OD2 . ASP A 1 91  ? 12.761  13.269  -2.093  1.000 27.950 ? 91   ASP A OD2 1 ? 
ATOM   636  N N   . ILE A 1 92  ? 7.949   10.936  -4.166  1.000 8.550  ? 92   ILE A N   1 ? 
ATOM   637  C CA  . ILE A 1 92  ? 6.713   10.141  -3.946  1.000 7.650  ? 92   ILE A CA  1 ? 
ATOM   638  C C   . ILE A 1 92  ? 7.047   8.681   -4.115  1.000 7.100  ? 92   ILE A C   1 ? 
ATOM   639  O O   . ILE A 1 92  ? 8.197   8.299   -4.491  1.000 8.180  ? 92   ILE A O   1 ? 
ATOM   640  C CB  . ILE A 1 92  ? 5.615   10.595  -4.915  1.000 7.930  ? 92   ILE A CB  1 ? 
ATOM   641  C CG1 . ILE A 1 92  ? 5.961   10.302  -6.386  1.000 8.600  ? 92   ILE A CG1 1 ? 
ATOM   642  C CG2 . ILE A 1 92  ? 5.255   12.054  -4.740  1.000 8.160  ? 92   ILE A CG2 1 ? 
ATOM   643  C CD1 . ILE A 1 92  ? 4.766   10.309  -7.280  1.000 9.220  ? 92   ILE A CD1 1 ? 
ATOM   644  N N   . VAL A 1 93  ? 6.034   7.853   -4.015  1.000 7.670  ? 93   VAL A N   1 ? 
ATOM   645  C CA  . VAL A 1 93  ? 6.188   6.423   -4.336  1.000 7.210  ? 93   VAL A CA  1 ? 
ATOM   646  C C   . VAL A 1 93  ? 6.037   6.327   -5.848  1.000 7.690  ? 93   VAL A C   1 ? 
ATOM   647  O O   . VAL A 1 93  ? 4.922   6.416   -6.436  1.000 8.350  ? 93   VAL A O   1 ? 
ATOM   648  C CB  . VAL A 1 93  ? 5.117   5.616   -3.622  1.000 7.430  ? 93   VAL A CB  1 ? 
ATOM   649  C CG1 . VAL A 1 93  ? 5.205   4.171   -3.973  1.000 7.390  ? 93   VAL A CG1 1 ? 
ATOM   650  C CG2 . VAL A 1 93  ? 5.280   5.769   -2.110  1.000 8.110  ? 93   VAL A CG2 1 ? 
ATOM   651  N N   . THR A 1 94  ? 7.151   6.060   -6.510  1.000 7.900  ? 94   THR A N   1 ? 
ATOM   652  C CA  . THR A 1 94  ? 7.179   6.056   -8.000  1.000 8.260  ? 94   THR A CA  1 ? 
ATOM   653  C C   . THR A 1 94  ? 6.924   4.665   -8.540  1.000 8.290  ? 94   THR A C   1 ? 
ATOM   654  O O   . THR A 1 94  ? 6.558   4.568   -9.761  1.000 11.100 ? 94   THR A O   1 ? 
ATOM   655  C CB  . THR A 1 94  ? 8.509   6.603   -8.509  1.000 9.390  ? 94   THR A CB  1 ? 
ATOM   656  O OG1 . THR A 1 94  ? 9.552   5.876   -7.860  1.000 10.570 ? 94   THR A OG1 1 ? 
ATOM   657  C CG2 . THR A 1 94  ? 8.656   8.066   -8.226  1.000 9.290  ? 94   THR A CG2 1 ? 
ATOM   658  N N   . SER A 1 95  ? 7.054   3.615   -7.757  1.000 8.920  ? 95   SER A N   1 ? 
ATOM   659  C CA  . SER A 1 95  ? 6.653   2.255   -8.167  1.000 9.000  ? 95   SER A CA  1 ? 
ATOM   660  C C   . SER A 1 95  ? 6.312   1.468   -6.900  1.000 8.380  ? 95   SER A C   1 ? 
ATOM   661  O O   . SER A 1 95  ? 6.867   1.763   -5.846  1.000 9.090  ? 95   SER A O   1 ? 
ATOM   662  C CB  . SER A 1 95  ? 7.719   1.542   -8.992  1.000 10.440 ? 95   SER A CB  1 ? 
ATOM   663  O OG  . SER A 1 95  ? 8.875   1.233   -8.190  1.000 11.320 ? 95   SER A OG  1 ? 
ATOM   664  N N   . LEU A 1 96  ? 5.486   0.441   -7.072  1.000 9.560  ? 96   LEU A N   1 ? 
ATOM   665  C CA  . LEU A 1 96  ? 5.184   -0.511  -6.003  1.000 10.030 ? 96   LEU A CA  1 ? 
ATOM   666  C C   . LEU A 1 96  ? 5.103   -1.869  -6.650  1.000 10.510 ? 96   LEU A C   1 ? 
ATOM   667  O O   . LEU A 1 96  ? 4.455   -1.949  -7.711  1.000 14.540 ? 96   LEU A O   1 ? 
ATOM   668  C CB  . LEU A 1 96  ? 3.781   -0.256  -5.478  1.000 12.620 ? 96   LEU A CB  1 ? 
ATOM   669  C CG  . LEU A 1 96  ? 3.572   0.503   -4.192  1.000 14.290 ? 96   LEU A CG  1 ? 
ATOM   670  C CD1 . LEU A 1 96  ? 2.098   0.415   -3.792  1.000 14.520 ? 96   LEU A CD1 1 ? 
ATOM   671  C CD2 . LEU A 1 96  ? 4.461   0.089   -3.026  1.000 10.900 ? 96   LEU A CD2 1 ? 
ATOM   672  N N   . LYS A 1 97  ? 5.567   -2.911  -5.991  1.000 10.240 ? 97   LYS A N   1 ? 
ATOM   673  C CA  . LYS A 1 97  ? 5.432   -4.307  -6.389  1.000 11.050 ? 97   LYS A CA  1 ? 
ATOM   674  C C   . LYS A 1 97  ? 4.822   -5.061  -5.223  1.000 9.710  ? 97   LYS A C   1 ? 
ATOM   675  O O   . LYS A 1 97  ? 5.310   -4.924  -4.075  1.000 9.880  ? 97   LYS A O   1 ? 
ATOM   676  C CB  . LYS A 1 97  ? 6.802   -4.829  -6.808  1.000 13.250 ? 97   LYS A CB  1 ? 
ATOM   677  C CG  . LYS A 1 97  ? 6.866   -6.288  -7.177  1.000 18.720 ? 97   LYS A CG  1 ? 
ATOM   678  C CD  . LYS A 1 97  ? 8.253   -6.703  -7.680  1.000 23.010 ? 97   LYS A CD  1 ? 
ATOM   679  C CE  . LYS A 1 97  ? 8.564   -6.181  -9.069  1.000 28.080 ? 97   LYS A CE  1 ? 
ATOM   680  N NZ  . LYS A 1 97  ? 9.180   -4.835  -9.049  1.000 32.110 ? 97   LYS A NZ  1 ? 
ATOM   681  N N   . ILE A 1 98  ? 3.767   -5.813  -5.532  1.000 10.110 ? 98   ILE A N   1 ? 
ATOM   682  C CA  . ILE A 1 98  ? 3.029   -6.600  -4.522  1.000 11.470 ? 98   ILE A CA  1 ? 
ATOM   683  C C   . ILE A 1 98  ? 3.242   -8.073  -4.847  1.000 11.580 ? 98   ILE A C   1 ? 
ATOM   684  O O   . ILE A 1 98  ? 2.957   -8.476  -6.009  1.000 13.790 ? 98   ILE A O   1 ? 
ATOM   685  C CB  . ILE A 1 98  ? 1.527   -6.257  -4.527  1.000 11.440 ? 98   ILE A CB  1 ? 
ATOM   686  C CG1 . ILE A 1 98  ? 1.227   -4.746  -4.527  1.000 13.480 ? 98   ILE A CG1 1 ? 
ATOM   687  C CG2 . ILE A 1 98  ? 0.820   -7.008  -3.423  1.000 12.580 ? 98   ILE A CG2 1 ? 
ATOM   688  C CD1 . ILE A 1 98  ? 1.766   -4.040  -3.348  1.000 14.450 ? 98   ILE A CD1 1 ? 
ATOM   689  N N   . ILE A 1 99  ? 3.596   -8.902  -3.872  1.000 11.510 ? 99   ILE A N   1 ? 
ATOM   690  C CA  . ILE A 1 99  ? 3.794   -10.367 -4.090  1.000 12.900 ? 99   ILE A CA  1 ? 
ATOM   691  C C   . ILE A 1 99  ? 2.875   -11.079 -3.111  1.000 13.150 ? 99   ILE A C   1 ? 
ATOM   692  O O   . ILE A 1 99  ? 2.872   -10.743 -1.947  1.000 11.680 ? 99   ILE A O   1 ? 
ATOM   693  C CB  . ILE A 1 99  ? 5.266   -10.781 -3.934  1.000 14.260 ? 99   ILE A CB  1 ? 
ATOM   694  C CG1 . ILE A 1 99  ? 6.179   -9.987  -4.860  1.000 17.350 ? 99   ILE A CG1 1 ? 
ATOM   695  C CG2 . ILE A 1 99  ? 5.464   -12.279 -4.116  1.000 17.000 ? 99   ILE A CG2 1 ? 
ATOM   696  C CD1 . ILE A 1 99  ? 7.626   -10.265 -4.626  1.000 19.170 ? 99   ILE A CD1 1 ? 
ATOM   697  N N   . THR A 1 100 ? 2.088   -12.045 -3.590  1.000 14.430 ? 100  THR A N   1 ? 
ATOM   698  C CA  . THR A 1 100 ? 1.162   -12.804 -2.731  1.000 16.670 ? 100  THR A CA  1 ? 
ATOM   699  C C   . THR A 1 100 ? 1.708   -14.204 -2.443  1.000 16.280 ? 100  THR A C   1 ? 
ATOM   700  O O   . THR A 1 100 ? 2.643   -14.671 -3.134  1.000 18.030 ? 100  THR A O   1 ? 
ATOM   701  C CB  . THR A 1 100 ? -0.209  -12.981 -3.372  1.000 18.480 ? 100  THR A CB  1 ? 
ATOM   702  O OG1 . THR A 1 100 ? -0.032  -13.949 -4.410  1.000 21.380 ? 100  THR A OG1 1 ? 
ATOM   703  C CG2 . THR A 1 100 ? -0.747  -11.696 -3.942  1.000 20.650 ? 100  THR A CG2 1 ? 
ATOM   704  N N   . SER A 1 101 ? 1.135   -14.834 -1.439  1.000 16.320 ? 101  SER A N   1 ? 
ATOM   705  C CA  . SER A 1 101 ? 1.506   -16.215 -1.032  1.000 18.070 ? 101  SER A CA  1 ? 
ATOM   706  C C   . SER A 1 101 ? 1.291   -17.249 -2.145  1.000 22.930 ? 101  SER A C   1 ? 
ATOM   707  O O   . SER A 1 101 ? 1.906   -18.314 -2.039  1.000 24.070 ? 101  SER A O   1 ? 
ATOM   708  C CB  . SER A 1 101 ? 0.729   -16.560 0.187   1.000 17.770 ? 101  SER A CB  1 ? 
ATOM   709  O OG  . SER A 1 101 ? -0.660  -16.411 -0.023  1.000 17.340 ? 101  SER A OG  1 ? 
ATOM   710  N N   . LYS A 1 102 ? 0.466   -16.982 -3.155  1.000 22.160 ? 102  LYS A N   1 ? 
ATOM   711  C CA  . LYS A 1 102 ? 0.283   -17.890 -4.320  1.000 26.770 ? 102  LYS A CA  1 ? 
ATOM   712  C C   . LYS A 1 102 ? 1.294   -17.546 -5.433  1.000 30.260 ? 102  LYS A C   1 ? 
ATOM   713  O O   . LYS A 1 102 ? 1.242   -18.163 -6.508  1.000 33.390 ? 102  LYS A O   1 ? 
ATOM   714  C CB  . LYS A 1 102 ? -1.209  -17.874 -4.673  1.000 31.280 ? 102  LYS A CB  1 ? 
ATOM   715  C CG  . LYS A 1 102 ? -2.032  -18.747 -3.734  1.000 34.790 ? 102  LYS A CG  1 ? 
ATOM   716  C CD  . LYS A 1 102 ? -3.494  -18.397 -3.641  1.000 40.530 ? 102  LYS A CD  1 ? 
ATOM   717  C CE  . LYS A 1 102 ? -4.406  -19.608 -3.599  1.000 43.410 ? 102  LYS A CE  1 ? 
ATOM   718  N NZ  . LYS A 1 102 ? -5.655  -19.384 -4.376  1.000 45.240 ? 102  LYS A NZ  1 ? 
ATOM   719  N N   . GLY A 1 103 ? 2.238   -16.641 -5.182  1.000 30.160 ? 103  GLY A N   1 ? 
ATOM   720  C CA  . GLY A 1 103 ? 3.429   -16.448 -6.028  1.000 30.590 ? 103  GLY A CA  1 ? 
ATOM   721  C C   . GLY A 1 103 ? 3.167   -15.533 -7.206  1.000 31.150 ? 103  GLY A C   1 ? 
ATOM   722  O O   . GLY A 1 103 ? 3.992   -15.540 -8.152  1.000 31.810 ? 103  GLY A O   1 ? 
ATOM   723  N N   . VAL A 1 104 ? 2.102   -14.735 -7.155  1.000 28.130 ? 104  VAL A N   1 ? 
ATOM   724  C CA  . VAL A 1 104 ? 1.827   -13.706 -8.203  1.000 29.580 ? 104  VAL A CA  1 ? 
ATOM   725  C C   . VAL A 1 104 ? 2.449   -12.352 -7.803  1.000 27.510 ? 104  VAL A C   1 ? 
ATOM   726  O O   . VAL A 1 104 ? 2.311   -11.910 -6.616  1.000 21.530 ? 104  VAL A O   1 ? 
ATOM   727  C CB  . VAL A 1 104 ? 0.322   -13.568 -8.495  1.000 33.120 ? 104  VAL A CB  1 ? 
ATOM   728  C CG1 . VAL A 1 104 ? -0.454  -13.139 -7.273  1.000 34.960 ? 104  VAL A CG1 1 ? 
ATOM   729  C CG2 . VAL A 1 104 ? 0.047   -12.603 -9.634  1.000 33.200 ? 104  VAL A CG2 1 ? 
ATOM   730  N N   . THR A 1 105 ? 3.098   -11.703 -8.772  1.000 25.500 ? 105  THR A N   1 ? 
ATOM   731  C CA  . THR A 1 105 ? 3.660   -10.343 -8.659  1.000 23.100 ? 105  THR A CA  1 ? 
ATOM   732  C C   . THR A 1 105 ? 2.808   -9.362  -9.479  1.000 23.180 ? 105  THR A C   1 ? 
ATOM   733  O O   . THR A 1 105 ? 2.572   -9.669  -10.667 1.000 26.240 ? 105  THR A O   1 ? 
ATOM   734  C CB  . THR A 1 105 ? 5.110   -10.375 -9.142  1.000 25.360 ? 105  THR A CB  1 ? 
ATOM   735  O OG1 . THR A 1 105 ? 5.806   -11.370 -8.384  1.000 31.110 ? 105  THR A OG1 1 ? 
ATOM   736  C CG2 . THR A 1 105 ? 5.796   -9.036  -9.030  1.000 26.270 ? 105  THR A CG2 1 ? 
ATOM   737  N N   . ARG A 1 106 ? 2.318   -8.278  -8.871  1.000 16.420 ? 106  ARG A N   1 ? 
ATOM   738  C CA  . ARG A 1 106 ? 1.734   -7.101  -9.570  1.000 16.960 ? 106  ARG A CA  1 ? 
ATOM   739  C C   . ARG A 1 106 ? 2.668   -5.900  -9.439  1.000 13.590 ? 106  ARG A C   1 ? 
ATOM   740  O O   . ARG A 1 106 ? 3.263   -5.698  -8.333  1.000 12.680 ? 106  ARG A O   1 ? 
ATOM   741  C CB  . ARG A 1 106 ? 0.353   -6.816  -8.994  1.000 21.630 ? 106  ARG A CB  1 ? 
ATOM   742  C CG  . ARG A 1 106 ? -0.563  -8.027  -9.085  1.000 25.790 ? 106  ARG A CG  1 ? 
ATOM   743  C CD  . ARG A 1 106 ? -1.909  -7.715  -9.688  1.000 32.200 ? 106  ARG A CD  1 ? 
ATOM   744  N NE  . ARG A 1 106 ? -2.787  -8.859  -9.512  1.000 35.640 ? 106  ARG A NE  1 ? 
ATOM   745  C CZ  . ARG A 1 106 ? -4.118  -8.799  -9.497  1.000 40.820 ? 106  ARG A CZ  1 ? 
ATOM   746  N NH1 . ARG A 1 106 ? -4.747  -7.638  -9.646  1.000 38.370 ? 106  ARG A NH1 1 ? 
ATOM   747  N NH2 . ARG A 1 106 ? -4.818  -9.905  -9.303  1.000 40.010 ? 106  ARG A NH2 1 ? 
ATOM   748  N N   . THR A 1 107 ? 2.863   -5.140  -10.518 1.000 13.180 ? 107  THR A N   1 ? 
ATOM   749  C CA  . THR A 1 107 ? 3.732   -3.966  -10.496 1.000 14.050 ? 107  THR A CA  1 ? 
ATOM   750  C C   . THR A 1 107 ? 2.951   -2.743  -10.923 1.000 13.720 ? 107  THR A C   1 ? 
ATOM   751  O O   . THR A 1 107 ? 2.236   -2.791  -11.941 1.000 14.130 ? 107  THR A O   1 ? 
ATOM   752  C CB  . THR A 1 107 ? 4.976   -4.144  -11.350 1.000 16.460 ? 107  THR A CB  1 ? 
ATOM   753  O OG1 . THR A 1 107 ? 4.597   -4.213  -12.719 1.000 25.450 ? 107  THR A OG1 1 ? 
ATOM   754  C CG2 . THR A 1 107 ? 5.729   -5.377  -10.956 1.000 16.250 ? 107  THR A CG2 1 ? 
ATOM   755  N N   . TYR A 1 108 ? 3.100   -1.672  -10.172 1.000 11.470 ? 108  TYR A N   1 ? 
ATOM   756  C CA  . TYR A 1 108 ? 2.323   -0.424  -10.283 1.000 11.280 ? 108  TYR A CA  1 ? 
ATOM   757  C C   . TYR A 1 108 ? 3.345   0.668   -10.454 1.000 11.030 ? 108  TYR A C   1 ? 
ATOM   758  O O   . TYR A 1 108 ? 4.303   0.784   -9.641  1.000 11.700 ? 108  TYR A O   1 ? 
ATOM   759  C CB  . TYR A 1 108 ? 1.451   -0.215  -9.055  1.000 11.800 ? 108  TYR A CB  1 ? 
ATOM   760  C CG  . TYR A 1 108 ? 0.445   -1.300  -8.846  1.000 11.650 ? 108  TYR A CG  1 ? 
ATOM   761  C CD1 . TYR A 1 108 ? -0.513  -1.614  -9.804  1.000 11.610 ? 108  TYR A CD1 1 ? 
ATOM   762  C CD2 . TYR A 1 108 ? 0.489   -2.083  -7.710  1.000 12.530 ? 108  TYR A CD2 1 ? 
ATOM   763  C CE1 . TYR A 1 108 ? -1.448  -2.619  -9.631  1.000 12.750 ? 108  TYR A CE1 1 ? 
ATOM   764  C CE2 . TYR A 1 108 ? -0.446  -3.083  -7.513  1.000 13.300 ? 108  TYR A CE2 1 ? 
ATOM   765  C CZ  . TYR A 1 108 ? -1.389  -3.381  -8.492  1.000 12.990 ? 108  TYR A CZ  1 ? 
ATOM   766  O OH  . TYR A 1 108 ? -2.328  -4.344  -8.234  1.000 15.760 ? 108  TYR A OH  1 ? 
ATOM   767  N N   . GLY A 1 109 ? 3.149   1.483   -11.476 1.000 11.760 ? 109  GLY A N   1 ? 
ATOM   768  C CA  . GLY A 1 109 ? 4.122   2.530   -11.736 1.000 12.430 ? 109  GLY A CA  1 ? 
ATOM   769  C C   . GLY A 1 109 ? 5.288   1.990   -12.562 1.000 14.810 ? 109  GLY A C   1 ? 
ATOM   770  O O   . GLY A 1 109 ? 5.492   0.848   -12.732 1.000 17.010 ? 109  GLY A O   1 ? 
ATOM   771  N N   . SER A 1 110 ? 5.989   2.928   -13.121 1.000 20.420 ? 110  SER A N   1 ? 
ATOM   772  C CA  . SER A 1 110 ? 7.143   2.589   -13.990 1.000 22.210 ? 110  SER A CA  1 ? 
ATOM   773  C C   . SER A 1 110 ? 8.308   3.464   -13.547 1.000 22.860 ? 110  SER A C   1 ? 
ATOM   774  O O   . SER A 1 110 ? 9.309   3.484   -14.264 1.000 23.470 ? 110  SER A O   1 ? 
ATOM   775  C CB  . SER A 1 110 ? 6.859   2.837   -15.471 1.000 26.500 ? 110  SER A CB  1 ? 
ATOM   776  O OG  . SER A 1 110 ? 5.800   2.016   -15.935 1.000 34.200 ? 110  SER A OG  1 ? 
ATOM   777  N N   . GLY A 1 111 ? 8.197   4.135   -12.414 1.000 21.030 ? 111  GLY A N   1 ? 
ATOM   778  C CA  . GLY A 1 111 ? 9.218   5.076   -11.955 1.000 21.620 ? 111  GLY A CA  1 ? 
ATOM   779  C C   . GLY A 1 111 ? 10.387  4.400   -11.277 1.000 23.240 ? 111  GLY A C   1 ? 
ATOM   780  O O   . GLY A 1 111 ? 10.426  3.156   -11.185 1.000 27.740 ? 111  GLY A O   1 ? 
ATOM   781  N N   . THR A 1 112 ? 11.311  5.267   -10.876 1.000 25.300 ? 112  THR A N   1 ? 
ATOM   782  C CA  . THR A 1 112 ? 12.610  4.899   -10.282 1.000 23.910 ? 112  THR A CA  1 ? 
ATOM   783  C C   . THR A 1 112 ? 12.885  5.740   -9.031  1.000 19.150 ? 112  THR A C   1 ? 
ATOM   784  O O   . THR A 1 112 ? 12.089  6.613   -8.741  1.000 17.760 ? 112  THR A O   1 ? 
ATOM   785  C CB  . THR A 1 112 ? 13.695  5.207   -11.326 1.000 28.020 ? 112  THR A CB  1 ? 
ATOM   786  O OG1 . THR A 1 112 ? 13.640  6.611   -11.600 1.000 31.450 ? 112  THR A OG1 1 ? 
ATOM   787  C CG2 . THR A 1 112 ? 13.569  4.402   -12.610 1.000 31.470 ? 112  THR A CG2 1 ? 
ATOM   788  N N   . GLY A 1 113 ? 14.072  5.572   -8.469  1.000 17.990 ? 113  GLY A N   1 ? 
ATOM   789  C CA  . GLY A 1 113 ? 14.545  6.264   -7.262  1.000 15.960 ? 113  GLY A CA  1 ? 
ATOM   790  C C   . GLY A 1 113 ? 15.102  5.255   -6.264  1.000 14.660 ? 113  GLY A C   1 ? 
ATOM   791  O O   . GLY A 1 113 ? 15.639  4.187   -6.580  1.000 16.890 ? 113  GLY A O   1 ? 
ATOM   792  N N   . ILE A 1 114 ? 15.021  5.607   -4.981  1.000 11.110 ? 114  ILE A N   1 ? 
ATOM   793  C CA  . ILE A 1 114 ? 15.638  4.799   -3.887  1.000 10.950 ? 114  ILE A CA  1 ? 
ATOM   794  C C   . ILE A 1 114 ? 14.736  3.592   -3.586  1.000 9.510  ? 114  ILE A C   1 ? 
ATOM   795  O O   . ILE A 1 114 ? 13.556  3.772   -3.330  1.000 9.840  ? 114  ILE A O   1 ? 
ATOM   796  C CB  . ILE A 1 114 ? 15.854  5.700   -2.655  1.000 11.880 ? 114  ILE A CB  1 ? 
ATOM   797  C CG1 . ILE A 1 114 ? 16.734  6.907   -2.992  1.000 14.540 ? 114  ILE A CG1 1 ? 
ATOM   798  C CG2 . ILE A 1 114 ? 16.434  4.867   -1.513  1.000 12.210 ? 114  ILE A CG2 1 ? 
ATOM   799  C CD1 . ILE A 1 114 ? 17.060  7.778   -1.804  1.000 17.070 ? 114  ILE A CD1 1 ? 
ATOM   800  N N   . PRO A 1 115 ? 15.223  2.353   -3.666  1.000 9.340  ? 115  PRO A N   1 ? 
ATOM   801  C CA  . PRO A 1 115 ? 14.366  1.210   -3.416  1.000 9.980  ? 115  PRO A CA  1 ? 
ATOM   802  C C   . PRO A 1 115 ? 14.109  0.955   -1.925  1.000 10.650 ? 115  PRO A C   1 ? 
ATOM   803  O O   . PRO A 1 115 ? 14.914  1.281   -1.093  1.000 10.650 ? 115  PRO A O   1 ? 
ATOM   804  C CB  . PRO A 1 115 ? 15.180  0.069   -4.039  1.000 10.140 ? 115  PRO A CB  1 ? 
ATOM   805  C CG  . PRO A 1 115 ? 16.588  0.498   -3.700  1.000 12.270 ? 115  PRO A CG  1 ? 
ATOM   806  C CD  . PRO A 1 115 ? 16.595  1.976   -4.034  1.000 10.540 ? 115  PRO A CD  1 ? 
ATOM   807  N N   . PHE A 1 116 ? 12.898  0.493   -1.676  1.000 9.600  ? 116  PHE A N   1 ? 
ATOM   808  C CA  . PHE A 1 116 ? 12.550  -0.072  -0.347  1.000 9.310  ? 116  PHE A CA  1 ? 
ATOM   809  C C   . PHE A 1 116 ? 11.938  -1.462  -0.595  1.000 8.710  ? 116  PHE A C   1 ? 
ATOM   810  O O   . PHE A 1 116 ? 11.348  -1.707  -1.635  1.000 9.190  ? 116  PHE A O   1 ? 
ATOM   811  C CB  . PHE A 1 116 ? 11.620  0.845   0.454   1.000 9.600  ? 116  PHE A CB  1 ? 
ATOM   812  C CG  . PHE A 1 116 ? 10.235  1.024   -0.142  1.000 8.790  ? 116  PHE A CG  1 ? 
ATOM   813  C CD1 . PHE A 1 116 ? 9.175   0.182   0.177   1.000 11.390 ? 116  PHE A CD1 1 ? 
ATOM   814  C CD2 . PHE A 1 116 ? 10.005  2.071   -1.030  1.000 9.300  ? 116  PHE A CD2 1 ? 
ATOM   815  C CE1 . PHE A 1 116 ? 7.918   0.389   -0.376  1.000 10.560 ? 116  PHE A CE1 1 ? 
ATOM   816  C CE2 . PHE A 1 116 ? 8.750   2.250   -1.597  1.000 9.610  ? 116  PHE A CE2 1 ? 
ATOM   817  C CZ  . PHE A 1 116 ? 7.706   1.433   -1.246  1.000 10.860 ? 116  PHE A CZ  1 ? 
ATOM   818  N N   . ARG A 1 117 ? 12.097  -2.351  0.368   1.000 8.300  ? 117  ARG A N   1 ? 
ATOM   819  C CA  . ARG A 1 117 ? 11.578  -3.728  0.260   1.000 9.720  ? 117  ARG A CA  1 ? 
ATOM   820  C C   . ARG A 1 117 ? 11.272  -4.266  1.648   1.000 9.200  ? 117  ARG A C   1 ? 
ATOM   821  O O   . ARG A 1 117 ? 12.101  -4.169  2.521   1.000 11.610 ? 117  ARG A O   1 ? 
ATOM   822  C CB  . ARG A 1 117 ? 12.615  -4.584  -0.468  1.000 11.300 ? 117  ARG A CB  1 ? 
ATOM   823  C CG  . ARG A 1 117 ? 12.235  -6.050  -0.564  1.000 12.750 ? 117  ARG A CG  1 ? 
ATOM   824  C CD  . ARG A 1 117 ? 13.192  -6.827  -1.466  1.000 16.630 ? 117  ARG A CD  1 ? 
ATOM   825  N NE  . ARG A 1 117 ? 12.787  -8.210  -1.578  1.000 17.540 ? 117  ARG A NE  1 ? 
ATOM   826  C CZ  . ARG A 1 117 ? 13.418  -9.276  -1.124  1.000 20.630 ? 117  ARG A CZ  1 ? 
ATOM   827  N NH1 . ARG A 1 117 ? 12.865  -10.463 -1.272  1.000 21.260 ? 117  ARG A NH1 1 ? 
ATOM   828  N NH2 . ARG A 1 117 ? 14.526  -9.170  -0.444  1.000 24.510 ? 117  ARG A NH2 1 ? 
ATOM   829  N N   . VAL A 1 118 ? 10.072  -4.780  1.785   1.000 9.270  ? 118  VAL A N   1 ? 
ATOM   830  C CA  . VAL A 1 118 ? 9.678   -5.426  3.063   1.000 9.120  ? 118  VAL A CA  1 ? 
ATOM   831  C C   . VAL A 1 118 ? 9.205   -6.849  2.780   1.000 8.200  ? 118  VAL A C   1 ? 
ATOM   832  O O   . VAL A 1 118 ? 8.024   -7.077  2.454   1.000 9.030  ? 118  VAL A O   1 ? 
ATOM   833  C CB  . VAL A 1 118 ? 8.623   -4.620  3.833   1.000 10.730 ? 118  VAL A CB  1 ? 
ATOM   834  C CG1 . VAL A 1 118 ? 8.248   -5.357  5.098   1.000 11.480 ? 118  VAL A CG1 1 ? 
ATOM   835  C CG2 . VAL A 1 118 ? 9.157   -3.219  4.164   1.000 11.590 ? 118  VAL A CG2 1 ? 
ATOM   836  N N   . PRO A 1 119 ? 10.115  -7.842  2.809   1.000 9.040  ? 119  PRO A N   1 ? 
ATOM   837  C CA  . PRO A 1 119 ? 9.741   -9.251  2.702   1.000 8.960  ? 119  PRO A CA  1 ? 
ATOM   838  C C   . PRO A 1 119 ? 9.278   -9.733  4.084   1.000 8.340  ? 119  PRO A C   1 ? 
ATOM   839  O O   . PRO A 1 119 ? 9.951   -9.524  5.077   1.000 9.710  ? 119  PRO A O   1 ? 
ATOM   840  C CB  . PRO A 1 119 ? 11.022  -9.962  2.268   1.000 10.230 ? 119  PRO A CB  1 ? 
ATOM   841  C CG  . PRO A 1 119 ? 12.093  -8.873  2.256   1.000 11.070 ? 119  PRO A CG  1 ? 
ATOM   842  C CD  . PRO A 1 119 ? 11.547  -7.664  2.963   1.000 9.450  ? 119  PRO A CD  1 ? 
ATOM   843  N N   . VAL A 1 120 ? 8.072   -10.268 4.106   1.000 8.060  ? 120  VAL A N   1 ? 
ATOM   844  C CA  . VAL A 1 120 ? 7.500   -10.809 5.373   1.000 8.260  ? 120  VAL A CA  1 ? 
ATOM   845  C C   . VAL A 1 120 ? 7.650   -12.328 5.342   1.000 9.060  ? 120  VAL A C   1 ? 
ATOM   846  O O   . VAL A 1 120 ? 7.141   -12.929 4.438   1.000 10.510 ? 120  VAL A O   1 ? 
ATOM   847  C CB  . VAL A 1 120 ? 6.052   -10.351 5.650   1.000 8.980  ? 120  VAL A CB  1 ? 
ATOM   848  C CG1 . VAL A 1 120 ? 5.634   -10.768 7.054   1.000 9.880  ? 120  VAL A CG1 1 ? 
ATOM   849  C CG2 . VAL A 1 120 ? 5.857   -8.842  5.480   1.000 9.410  ? 120  VAL A CG2 1 ? 
ATOM   850  N N   . LEU A 1 121 ? 8.266   -12.868 6.392   1.000 9.650  ? 121  LEU A N   1 ? 
ATOM   851  C CA  . LEU A 1 121 ? 8.575   -14.305 6.344   1.000 9.250  ? 121  LEU A CA  1 ? 
ATOM   852  C C   . LEU A 1 121 ? 7.692   -15.073 7.334   1.000 10.270 ? 121  LEU A C   1 ? 
ATOM   853  O O   . LEU A 1 121 ? 6.944   -14.498 8.108   1.000 10.720 ? 121  LEU A O   1 ? 
ATOM   854  C CB  . LEU A 1 121 ? 10.050  -14.465 6.711   1.000 10.950 ? 121  LEU A CB  1 ? 
ATOM   855  C CG  . LEU A 1 121 ? 11.030  -13.668 5.847   1.000 12.220 ? 121  LEU A CG  1 ? 
ATOM   856  C CD1 . LEU A 1 121 ? 12.472  -13.783 6.391   1.000 12.640 ? 121  LEU A CD1 1 ? 
ATOM   857  C CD2 . LEU A 1 121 ? 10.922  -14.035 4.370   1.000 15.900 ? 121  LEU A CD2 1 ? 
ATOM   858  N N   . ASP A 1 122 ? 7.815   -16.382 7.198   1.000 12.300 ? 122  ASP A N   1 ? 
ATOM   859  C CA  . ASP A 1 122 ? 7.209   -17.337 8.169   1.000 12.720 ? 122  ASP A CA  1 ? 
ATOM   860  C C   . ASP A 1 122 ? 5.689   -17.217 8.269   1.000 13.750 ? 122  ASP A C   1 ? 
ATOM   861  O O   . ASP A 1 122 ? 5.163   -17.451 9.321   1.000 17.090 ? 122  ASP A O   1 ? 
ATOM   862  C CB  . ASP A 1 122 ? 7.931   -17.250 9.517   1.000 14.810 ? 122  ASP A CB  1 ? 
ATOM   863  C CG  . ASP A 1 122 ? 9.377   -17.722 9.461   1.000 17.830 ? 122  ASP A CG  1 ? 
ATOM   864  O OD1 . ASP A 1 122 ? 9.771   -18.168 8.457   1.000 19.690 ? 122  ASP A OD1 1 ? 
ATOM   865  O OD2 . ASP A 1 122 ? 10.041  -17.643 10.468  1.000 21.930 ? 122  ASP A OD2 1 ? 
ATOM   866  N N   . GLY A 1 123 ? 5.032   -16.898 7.167   1.000 13.320 ? 123  GLY A N   1 ? 
ATOM   867  C CA  . GLY A 1 123 ? 3.567   -16.870 7.230   1.000 13.330 ? 123  GLY A CA  1 ? 
ATOM   868  C C   . GLY A 1 123 ? 2.988   -15.548 7.674   1.000 13.070 ? 123  GLY A C   1 ? 
ATOM   869  O O   . GLY A 1 123 ? 1.781   -15.429 7.721   1.000 15.180 ? 123  GLY A O   1 ? 
ATOM   870  N N   . GLY A 1 124 ? 3.837   -14.571 8.014   1.000 11.920 ? 124  GLY A N   1 ? 
ATOM   871  C CA  . GLY A 1 124 ? 3.325   -13.219 8.298   1.000 10.740 ? 124  GLY A CA  1 ? 
ATOM   872  C C   . GLY A 1 124 ? 2.738   -12.571 7.049   1.000 9.920  ? 124  GLY A C   1 ? 
ATOM   873  O O   . GLY A 1 124 ? 3.057   -12.950 5.957   1.000 10.810 ? 124  GLY A O   1 ? 
ATOM   874  N N   . LYS A 1 125 ? 1.954   -11.531 7.260   1.000 10.320 ? 125  LYS A N   1 ? 
ATOM   875  C CA  . LYS A 1 125 ? 1.307   -10.931 6.072   1.000 12.180 ? 125  LYS A CA  1 ? 
ATOM   876  C C   . LYS A 1 125 ? 1.038   -9.442  6.301   1.000 10.830 ? 125  LYS A C   1 ? 
ATOM   877  O O   . LYS A 1 125 ? 0.969   -8.981  7.397   1.000 10.400 ? 125  LYS A O   1 ? 
ATOM   878  C CB  . LYS A 1 125 ? -0.004  -11.616 5.695   1.000 16.620 ? 125  LYS A CB  1 ? 
ATOM   879  C CG  . LYS A 1 125 ? -0.988  -11.863 6.813   1.000 18.900 ? 125  LYS A CG  1 ? 
ATOM   880  C CD  . LYS A 1 125 ? -1.914  -13.105 6.559   1.000 21.610 ? 125  LYS A CD  1 ? 
ATOM   881  C CE  . LYS A 1 125 ? -1.231  -14.454 6.524   1.000 26.280 ? 125  LYS A CE  1 ? 
ATOM   882  N NZ  . LYS A 1 125 ? -1.306  -15.223 7.792   1.000 27.570 ? 125  LYS A NZ  1 ? 
ATOM   883  N N   . ILE A 1 126 ? 0.951   -8.731  5.188   1.000 9.670  ? 126  ILE A N   1 ? 
ATOM   884  C CA  . ILE A 1 126 ? 0.580   -7.282  5.225   1.000 9.650  ? 126  ILE A CA  1 ? 
ATOM   885  C C   . ILE A 1 126 ? -0.917  -7.229  5.548   1.000 8.870  ? 126  ILE A C   1 ? 
ATOM   886  O O   . ILE A 1 126 ? -1.679  -7.860  4.822   1.000 12.680 ? 126  ILE A O   1 ? 
ATOM   887  C CB  . ILE A 1 126 ? 0.826   -6.573  3.883   1.000 10.940 ? 126  ILE A CB  1 ? 
ATOM   888  C CG1 . ILE A 1 126 ? 2.272   -6.691  3.427   1.000 14.120 ? 126  ILE A CG1 1 ? 
ATOM   889  C CG2 . ILE A 1 126 ? 0.301   -5.142  3.905   1.000 12.830 ? 126  ILE A CG2 1 ? 
ATOM   890  C CD1 . ILE A 1 126 ? 3.218   -6.148  4.428   1.000 13.360 ? 126  ILE A CD1 1 ? 
ATOM   891  N N   . ALA A 1 127 ? -1.314  -6.471  6.559   1.000 8.510  ? 127  ALA A N   1 ? 
ATOM   892  C CA  . ALA A 1 127 ? -2.724  -6.393  7.001   1.000 9.920  ? 127  ALA A CA  1 ? 
ATOM   893  C C   . ALA A 1 127 ? -3.346  -5.067  6.548   1.000 9.510  ? 127  ALA A C   1 ? 
ATOM   894  O O   . ALA A 1 127 ? -4.545  -4.942  6.672   1.000 10.570 ? 127  ALA A O   1 ? 
ATOM   895  C CB  . ALA A 1 127 ? -2.737  -6.477  8.516   1.000 11.330 ? 127  ALA A CB  1 ? 
ATOM   896  N N   . GLY A 1 128 ? -2.540  -4.113  6.097   1.000 9.180  ? 128  GLY A N   1 ? 
ATOM   897  C CA  . GLY A 1 128 ? -3.110  -2.813  5.718   1.000 8.230  ? 128  GLY A CA  1 ? 
ATOM   898  C C   . GLY A 1 128 ? -2.016  -1.778  5.539   1.000 7.780  ? 128  GLY A C   1 ? 
ATOM   899  O O   . GLY A 1 128 ? -0.826  -2.105  5.573   1.000 7.770  ? 128  GLY A O   1 ? 
ATOM   900  N N   . PHE A 1 129 ? -2.450  -0.525  5.379   1.000 7.920  ? 129  PHE A N   1 ? 
ATOM   901  C CA  . PHE A 1 129 ? -1.560  0.587   4.998   1.000 7.800  ? 129  PHE A CA  1 ? 
ATOM   902  C C   . PHE A 1 129 ? -1.903  1.849   5.788   1.000 7.290  ? 129  PHE A C   1 ? 
ATOM   903  O O   . PHE A 1 129 ? -2.971  2.024   6.320   1.000 7.880  ? 129  PHE A O   1 ? 
ATOM   904  C CB  . PHE A 1 129 ? -1.810  0.906   3.504   1.000 7.350  ? 129  PHE A CB  1 ? 
ATOM   905  C CG  . PHE A 1 129 ? -1.522  -0.243  2.569   1.000 7.850  ? 129  PHE A CG  1 ? 
ATOM   906  C CD1 . PHE A 1 129 ? -0.220  -0.631  2.271   1.000 8.200  ? 129  PHE A CD1 1 ? 
ATOM   907  C CD2 . PHE A 1 129 ? -2.564  -0.980  2.011   1.000 8.690  ? 129  PHE A CD2 1 ? 
ATOM   908  C CE1 . PHE A 1 129 ? 0.049   -1.739  1.485   1.000 9.360  ? 129  PHE A CE1 1 ? 
ATOM   909  C CE2 . PHE A 1 129 ? -2.291  -2.062  1.207   1.000 9.280  ? 129  PHE A CE2 1 ? 
ATOM   910  C CZ  . PHE A 1 129 ? -0.996  -2.424  0.923   1.000 9.040  ? 129  PHE A CZ  1 ? 
ATOM   911  N N   . PHE A 1 130 ? -0.888  2.686   5.827   1.000 6.980  ? 130  PHE A N   1 ? 
ATOM   912  C CA  . PHE A 1 130 ? -1.008  4.102   6.253   1.000 7.450  ? 130  PHE A CA  1 ? 
ATOM   913  C C   . PHE A 1 130 ? -0.032  4.877   5.333   1.000 7.750  ? 130  PHE A C   1 ? 
ATOM   914  O O   . PHE A 1 130 ? 0.674   4.270   4.529   1.000 8.250  ? 130  PHE A O   1 ? 
ATOM   915  C CB  . PHE A 1 130 ? -0.704  4.301   7.738   1.000 7.390  ? 130  PHE A CB  1 ? 
ATOM   916  C CG  . PHE A 1 130 ? 0.741   4.052   8.096   1.000 7.830  ? 130  PHE A CG  1 ? 
ATOM   917  C CD1 . PHE A 1 130 ? 1.178   2.749   8.302   1.000 7.700  ? 130  PHE A CD1 1 ? 
ATOM   918  C CD2 . PHE A 1 130 ? 1.634   5.092   8.291   1.000 7.840  ? 130  PHE A CD2 1 ? 
ATOM   919  C CE1 . PHE A 1 130 ? 2.492   2.513   8.664   1.000 8.500  ? 130  PHE A CE1 1 ? 
ATOM   920  C CE2 . PHE A 1 130 ? 2.956   4.862   8.645   1.000 8.420  ? 130  PHE A CE2 1 ? 
ATOM   921  C CZ  . PHE A 1 130 ? 3.357   3.559   8.876   1.000 8.230  ? 130  PHE A CZ  1 ? 
ATOM   922  N N   . GLY A 1 131 ? -0.021  6.199   5.440   1.000 7.300  ? 131  GLY A N   1 ? 
ATOM   923  C CA  . GLY A 1 131 ? 1.014   6.955   4.696   1.000 8.760  ? 131  GLY A CA  1 ? 
ATOM   924  C C   . GLY A 1 131 ? 0.661   8.415   4.515   1.000 8.610  ? 131  GLY A C   1 ? 
ATOM   925  O O   . GLY A 1 131 ? 0.103   9.012   5.397   1.000 9.410  ? 131  GLY A O   1 ? 
ATOM   926  N N   . ARG A 1 132 ? 1.041   8.934   3.358   1.000 7.820  ? 132  ARG A N   1 ? 
ATOM   927  C CA  . ARG A 1 132 ? 0.756   10.346  2.989   1.000 7.950  ? 132  ARG A CA  1 ? 
ATOM   928  C C   . ARG A 1 132 ? 0.344   10.350  1.518   1.000 8.310  ? 132  ARG A C   1 ? 
ATOM   929  O O   . ARG A 1 132 ? 0.932   9.611   0.727   1.000 7.360  ? 132  ARG A O   1 ? 
ATOM   930  C CB  . ARG A 1 132 ? 1.994   11.240  3.155   1.000 9.210  ? 132  ARG A CB  1 ? 
ATOM   931  C CG  . ARG A 1 132 ? 2.578   11.277  4.555   1.000 10.510 ? 132  ARG A CG  1 ? 
ATOM   932  C CD  . ARG A 1 132 ? 3.579   12.421  4.647   1.000 13.080 ? 132  ARG A CD  1 ? 
ATOM   933  N NE  . ARG A 1 132 ? 2.901   13.713  4.662   1.000 15.210 ? 132  ARG A NE  1 ? 
ATOM   934  C CZ  . ARG A 1 132 ? 2.299   14.278  5.706   1.000 16.570 ? 132  ARG A CZ  1 ? 
ATOM   935  N NH1 . ARG A 1 132 ? 1.711   15.457  5.577   1.000 17.400 ? 132  ARG A NH1 1 ? 
ATOM   936  N NH2 . ARG A 1 132 ? 2.289   13.666  6.886   1.000 17.510 ? 132  ARG A NH2 1 ? 
ATOM   937  N N   . ALA A 1 133 ? -0.589  11.220  1.175   1.000 7.830  ? 133  ALA A N   1 ? 
ATOM   938  C CA  . ALA A 1 133 ? -1.017  11.306  -0.237  1.000 7.860  ? 133  ALA A CA  1 ? 
ATOM   939  C C   . ALA A 1 133 ? -1.572  12.696  -0.515  1.000 8.330  ? 133  ALA A C   1 ? 
ATOM   940  O O   . ALA A 1 133 ? -2.156  13.286  0.343   1.000 8.880  ? 133  ALA A O   1 ? 
ATOM   941  C CB  . ALA A 1 133 ? -2.065  10.253  -0.564  1.000 7.330  ? 133  ALA A CB  1 ? 
ATOM   942  N N   . GLY A 1 134 ? -1.370  13.144  -1.751  1.000 8.730  ? 134  GLY A N   1 ? 
ATOM   943  C CA  . GLY A 1 134 ? -1.913  14.446  -2.194  1.000 9.250  ? 134  GLY A CA  1 ? 
ATOM   944  C C   . GLY A 1 134 ? -2.534  14.169  -3.541  1.000 10.200 ? 134  GLY A C   1 ? 
ATOM   945  O O   . GLY A 1 134 ? -3.513  13.448  -3.632  1.000 10.680 ? 134  GLY A O   1 ? 
ATOM   946  N N   . ALA A 1 135 ? -1.880  14.657  -4.587  1.000 9.730  ? 135  ALA A N   1 ? 
ATOM   947  C CA  . ALA A 1 135 ? -2.310  14.281  -5.948  1.000 9.360  ? 135  ALA A CA  1 ? 
ATOM   948  C C   . ALA A 1 135 ? -1.861  12.827  -6.218  1.000 8.970  ? 135  ALA A C   1 ? 
ATOM   949  O O   . ALA A 1 135 ? -2.477  12.131  -6.941  1.000 9.340  ? 135  ALA A O   1 ? 
ATOM   950  C CB  . ALA A 1 135 ? -1.673  15.233  -6.921  1.000 11.420 ? 135  ALA A CB  1 ? 
ATOM   951  N N   . PHE A 1 136 ? -0.746  12.459  -5.605  1.000 8.440  ? 136  PHE A N   1 ? 
ATOM   952  C CA  . PHE A 1 136 ? -0.156  11.116  -5.762  1.000 7.490  ? 136  PHE A CA  1 ? 
ATOM   953  C C   . PHE A 1 136 ? 0.095   10.505  -4.373  1.000 7.610  ? 136  PHE A C   1 ? 
ATOM   954  O O   . PHE A 1 136 ? -0.179  11.099  -3.324  1.000 8.260  ? 136  PHE A O   1 ? 
ATOM   955  C CB  . PHE A 1 136 ? 1.150   11.209  -6.568  1.000 7.980  ? 136  PHE A CB  1 ? 
ATOM   956  C CG  . PHE A 1 136 ? 1.041   12.077  -7.808  1.000 8.500  ? 136  PHE A CG  1 ? 
ATOM   957  C CD1 . PHE A 1 136 ? 0.122   11.785  -8.788  1.000 8.930  ? 136  PHE A CD1 1 ? 
ATOM   958  C CD2 . PHE A 1 136 ? 1.828   13.215  -7.965  1.000 10.680 ? 136  PHE A CD2 1 ? 
ATOM   959  C CE1 . PHE A 1 136 ? -0.021  12.589  -9.903  1.000 10.020 ? 136  PHE A CE1 1 ? 
ATOM   960  C CE2 . PHE A 1 136 ? 1.663   14.028  -9.073  1.000 11.930 ? 136  PHE A CE2 1 ? 
ATOM   961  C CZ  . PHE A 1 136 ? 0.773   13.696  -10.048 1.000 11.670 ? 136  PHE A CZ  1 ? 
ATOM   962  N N   . LEU A 1 137 ? 0.661   9.300   -4.406  1.000 7.200  ? 137  LEU A N   1 ? 
ATOM   963  C CA  . LEU A 1 137 ? 0.996   8.608   -3.131  1.000 7.380  ? 137  LEU A CA  1 ? 
ATOM   964  C C   . LEU A 1 137 ? 2.395   9.036   -2.697  1.000 7.150  ? 137  LEU A C   1 ? 
ATOM   965  O O   . LEU A 1 137 ? 3.371   8.467   -3.111  1.000 7.710  ? 137  LEU A O   1 ? 
ATOM   966  C CB  . LEU A 1 137 ? 0.899   7.087   -3.306  1.000 7.610  ? 137  LEU A CB  1 ? 
ATOM   967  C CG  . LEU A 1 137 ? 1.106   6.278   -2.027  1.000 8.160  ? 137  LEU A CG  1 ? 
ATOM   968  C CD1 . LEU A 1 137 ? 0.020   6.646   -1.033  1.000 9.110  ? 137  LEU A CD1 1 ? 
ATOM   969  C CD2 . LEU A 1 137 ? 1.111   4.780   -2.301  1.000 8.770  ? 137  LEU A CD2 1 ? 
ATOM   970  N N   . ASP A 1 138 ? 2.432   10.063  -1.847  1.000 7.440  ? 138  ASP A N   1 ? 
ATOM   971  C CA  . ASP A 1 138 ? 3.725   10.584  -1.342  1.000 8.530  ? 138  ASP A CA  1 ? 
ATOM   972  C C   . ASP A 1 138 ? 4.474   9.536   -0.504  1.000 7.590  ? 138  ASP A C   1 ? 
ATOM   973  O O   . ASP A 1 138 ? 5.678   9.490   -0.647  1.000 8.790  ? 138  ASP A O   1 ? 
ATOM   974  C CB  . ASP A 1 138 ? 3.478   11.828  -0.494  1.000 8.500  ? 138  ASP A CB  1 ? 
ATOM   975  C CG  . ASP A 1 138 ? 2.943   13.002  -1.305  1.000 9.510  ? 138  ASP A CG  1 ? 
ATOM   976  O OD1 . ASP A 1 138 ? 1.768   12.941  -1.595  1.000 10.030 ? 138  ASP A OD1 1 ? 
ATOM   977  O OD2 . ASP A 1 138 ? 3.729   13.896  -1.655  1.000 11.070 ? 138  ASP A OD2 1 ? 
ATOM   978  N N   . ALA A 1 139 ? 3.787   8.739   0.305   1.000 7.900  ? 139  ALA A N   1 ? 
ATOM   979  C CA  . ALA A 1 139 ? 4.484   7.806   1.215   1.000 7.810  ? 139  ALA A CA  1 ? 
ATOM   980  C C   . ALA A 1 139 ? 3.555   6.650   1.594   1.000 7.750  ? 139  ALA A C   1 ? 
ATOM   981  O O   . ALA A 1 139 ? 2.352   6.848   1.720   1.000 7.580  ? 139  ALA A O   1 ? 
ATOM   982  C CB  . ALA A 1 139 ? 4.977   8.557   2.432   1.000 8.180  ? 139  ALA A CB  1 ? 
ATOM   983  N N   . ILE A 1 140 ? 4.141   5.486   1.816   1.000 7.060  ? 140  ILE A N   1 ? 
ATOM   984  C CA  . ILE A 1 140 ? 3.367   4.264   2.167   1.000 6.950  ? 140  ILE A CA  1 ? 
ATOM   985  C C   . ILE A 1 140 ? 4.036   3.581   3.364   1.000 6.980  ? 140  ILE A C   1 ? 
ATOM   986  O O   . ILE A 1 140 ? 5.275   3.526   3.394   1.000 7.690  ? 140  ILE A O   1 ? 
ATOM   987  C CB  . ILE A 1 140 ? 3.221   3.351   0.928   1.000 7.410  ? 140  ILE A CB  1 ? 
ATOM   988  C CG1 . ILE A 1 140 ? 2.156   2.282   1.156   1.000 8.640  ? 140  ILE A CG1 1 ? 
ATOM   989  C CG2 . ILE A 1 140 ? 4.545   2.754   0.446   1.000 7.970  ? 140  ILE A CG2 1 ? 
ATOM   990  C CD1 . ILE A 1 140 ? 1.923   1.421   -0.054  1.000 10.670 ? 140  ILE A CD1 1 ? 
ATOM   991  N N   . GLY A 1 141 ? 3.205   3.123   4.275   1.000 6.550  ? 141  GLY A N   1 ? 
ATOM   992  C CA  . GLY A 1 141 ? 3.664   2.352   5.431   1.000 6.870  ? 141  GLY A CA  1 ? 
ATOM   993  C C   . GLY A 1 141 ? 2.756   1.138   5.569   1.000 6.220  ? 141  GLY A C   1 ? 
ATOM   994  O O   . GLY A 1 141 ? 1.682   1.090   4.952   1.000 6.670  ? 141  GLY A O   1 ? 
ATOM   995  N N   . PHE A 1 142 ? 3.149   0.174   6.388   1.000 6.960  ? 142  PHE A N   1 ? 
ATOM   996  C CA  . PHE A 1 142 ? 2.423   -1.118  6.462   1.000 7.640  ? 142  PHE A CA  1 ? 
ATOM   997  C C   . PHE A 1 142 ? 2.070   -1.516  7.891   1.000 6.910  ? 142  PHE A C   1 ? 
ATOM   998  O O   . PHE A 1 142 ? 2.782   -1.246  8.842   1.000 7.540  ? 142  PHE A O   1 ? 
ATOM   999  C CB  . PHE A 1 142 ? 3.309   -2.264  5.938   1.000 7.900  ? 142  PHE A CB  1 ? 
ATOM   1000 C CG  . PHE A 1 142 ? 3.904   -1.965  4.593   1.000 8.510  ? 142  PHE A CG  1 ? 
ATOM   1001 C CD1 . PHE A 1 142 ? 3.104   -1.604  3.518   1.000 8.930  ? 142  PHE A CD1 1 ? 
ATOM   1002 C CD2 . PHE A 1 142 ? 5.271   -1.971  4.419   1.000 10.910 ? 142  PHE A CD2 1 ? 
ATOM   1003 C CE1 . PHE A 1 142 ? 3.673   -1.243  2.307   1.000 9.840  ? 142  PHE A CE1 1 ? 
ATOM   1004 C CE2 . PHE A 1 142 ? 5.827   -1.627  3.201   1.000 11.620 ? 142  PHE A CE2 1 ? 
ATOM   1005 C CZ  . PHE A 1 142 ? 5.032   -1.291  2.129   1.000 10.970 ? 142  PHE A CZ  1 ? 
ATOM   1006 N N   . TYR A 1 143 ? 0.894   -2.126  7.965   1.000 7.460  ? 143  TYR A N   1 ? 
ATOM   1007 C CA  . TYR A 1 143 ? 0.486   -2.904  9.170   1.000 8.010  ? 143  TYR A CA  1 ? 
ATOM   1008 C C   . TYR A 1 143 ? 0.772   -4.362  8.799   1.000 8.210  ? 143  TYR A C   1 ? 
ATOM   1009 O O   . TYR A 1 143 ? 0.471   -4.787  7.694   1.000 9.290  ? 143  TYR A O   1 ? 
ATOM   1010 C CB  . TYR A 1 143 ? -0.989  -2.698  9.501   1.000 7.830  ? 143  TYR A CB  1 ? 
ATOM   1011 C CG  . TYR A 1 143 ? -1.345  -1.331  10.028  1.000 8.350  ? 143  TYR A CG  1 ? 
ATOM   1012 C CD1 . TYR A 1 143 ? -1.113  -1.004  11.360  1.000 8.590  ? 143  TYR A CD1 1 ? 
ATOM   1013 C CD2 . TYR A 1 143 ? -1.841  -0.330  9.203   1.000 8.580  ? 143  TYR A CD2 1 ? 
ATOM   1014 C CE1 . TYR A 1 143 ? -1.421  0.242   11.872  1.000 8.920  ? 143  TYR A CE1 1 ? 
ATOM   1015 C CE2 . TYR A 1 143 ? -2.180  0.919   9.699   1.000 9.230  ? 143  TYR A CE2 1 ? 
ATOM   1016 C CZ  . TYR A 1 143 ? -1.930  1.214   11.030  1.000 8.920  ? 143  TYR A CZ  1 ? 
ATOM   1017 O OH  . TYR A 1 143 ? -2.237  2.433   11.524  1.000 11.340 ? 143  TYR A OH  1 ? 
ATOM   1018 N N   . ILE A 1 144 ? 1.430   -5.066  9.730   1.000 8.840  ? 144  ILE A N   1 ? 
ATOM   1019 C CA  . ILE A 1 144 ? 1.883   -6.469  9.509   1.000 9.310  ? 144  ILE A CA  1 ? 
ATOM   1020 C C   . ILE A 1 144 ? 1.471   -7.362  10.691  1.000 10.260 ? 144  ILE A C   1 ? 
ATOM   1021 O O   . ILE A 1 144 ? 1.596   -6.979  11.798  1.000 10.710 ? 144  ILE A O   1 ? 
ATOM   1022 C CB  . ILE A 1 144 ? 3.413   -6.511  9.275   1.000 10.330 ? 144  ILE A CB  1 ? 
ATOM   1023 C CG1 . ILE A 1 144 ? 3.836   -5.521  8.181   1.000 11.640 ? 144  ILE A CG1 1 ? 
ATOM   1024 C CG2 . ILE A 1 144 ? 3.856   -7.931  8.981   1.000 10.930 ? 144  ILE A CG2 1 ? 
ATOM   1025 C CD1 . ILE A 1 144 ? 5.290   -5.471  7.891   1.000 12.830 ? 144  ILE A CD1 1 ? 
ATOM   1026 N N   . THR A 1 145 ? 0.982   -8.548  10.356  1.000 11.860 ? 145  THR A N   1 ? 
ATOM   1027 C CA  . THR A 1 145 ? 0.634   -9.527  11.428  1.000 12.460 ? 145  THR A CA  1 ? 
ATOM   1028 C C   . THR A 1 145 ? 1.483   -10.783 11.232  1.000 13.220 ? 145  THR A C   1 ? 
ATOM   1029 O O   . THR A 1 145 ? 1.839   -11.082 10.162  1.000 14.630 ? 145  THR A O   1 ? 
ATOM   1030 C CB  . THR A 1 145 ? -0.851  -9.891  11.401  1.000 14.420 ? 145  THR A CB  1 ? 
ATOM   1031 O OG1 . THR A 1 145 ? -1.083  -10.460 10.124  1.000 16.260 ? 145  THR A OG1 1 ? 
ATOM   1032 C CG2 . THR A 1 145 ? -1.759  -8.713  11.671  1.000 15.030 ? 145  THR A CG2 1 ? 
ATOM   1033 N N   . PRO A 1 146 ? 1.879   -11.455 12.319  1.000 16.420 ? 146  PRO A N   1 ? 
ATOM   1034 C CA  . PRO A 1 146 ? 2.741   -12.622 12.205  1.000 18.260 ? 146  PRO A CA  1 ? 
ATOM   1035 C C   . PRO A 1 146 ? 2.086   -13.891 11.661  1.000 20.780 ? 146  PRO A C   1 ? 
ATOM   1036 O O   . PRO A 1 146 ? 0.926   -13.927 11.648  1.000 24.910 ? 146  PRO A O   1 ? 
ATOM   1037 C CB  . PRO A 1 146 ? 3.157   -12.818 13.661  1.000 17.970 ? 146  PRO A CB  1 ? 
ATOM   1038 C CG  . PRO A 1 146 ? 2.048   -12.241 14.476  1.000 18.380 ? 146  PRO A CG  1 ? 
ATOM   1039 C CD  . PRO A 1 146 ? 1.567   -11.052 13.672  1.000 16.510 ? 146  PRO A CD  1 ? 
HETATM 1040 C C1  . MMA B 2 .   ? 0.318   9.329   -16.462 1.000 10.970 ? 801  MMA A C1  1 ? 
HETATM 1041 C C2  . MMA B 2 .   ? -1.184  9.163   -16.479 1.000 9.850  ? 801  MMA A C2  1 ? 
HETATM 1042 C C3  . MMA B 2 .   ? -1.904  9.973   -15.371 1.000 8.250  ? 801  MMA A C3  1 ? 
HETATM 1043 C C4  . MMA B 2 .   ? -1.288  9.612   -14.034 1.000 8.320  ? 801  MMA A C4  1 ? 
HETATM 1044 C C5  . MMA B 2 .   ? 0.198   9.839   -14.100 1.000 8.050  ? 801  MMA A C5  1 ? 
HETATM 1045 C C6  . MMA B 2 .   ? 0.908   9.391   -12.819 1.000 7.680  ? 801  MMA A C6  1 ? 
HETATM 1046 C C7  . MMA B 2 .   ? 2.067   10.842  -16.741 1.000 16.310 ? 801  MMA A C7  1 ? 
HETATM 1047 O O1  . MMA B 2 .   ? 0.650   10.686  -16.751 1.000 14.160 ? 801  MMA A O1  1 ? 
HETATM 1048 O O2  . MMA B 2 .   ? -1.452  7.792   -16.403 1.000 9.540  ? 801  MMA A O2  1 ? 
HETATM 1049 O O3  . MMA B 2 .   ? -3.266  9.657   -15.322 1.000 8.560  ? 801  MMA A O3  1 ? 
HETATM 1050 O O4  . MMA B 2 .   ? -1.840  10.472  -13.018 1.000 8.150  ? 801  MMA A O4  1 ? 
HETATM 1051 O O5  . MMA B 2 .   ? 0.795   9.025   -15.149 1.000 9.050  ? 801  MMA A O5  1 ? 
HETATM 1052 O O6  . MMA B 2 .   ? 0.792   8.006   -12.527 1.000 8.230  ? 801  MMA A O6  1 ? 
HETATM 1053 C C1  . MMA C 2 .   ? -0.061  17.952  -4.297  1.000 15.630 ? 802  MMA A C1  1 ? 
HETATM 1054 C C2  . MMA C 2 .   ? 0.118   18.279  -2.815  1.000 16.320 ? 802  MMA A C2  1 ? 
HETATM 1055 C C3  . MMA C 2 .   ? 1.522   18.030  -2.403  1.000 14.560 ? 802  MMA A C3  1 ? 
HETATM 1056 C C4  . MMA C 2 .   ? 1.897   16.564  -2.715  1.000 13.190 ? 802  MMA A C4  1 ? 
HETATM 1057 C C5  . MMA C 2 .   ? 1.724   16.305  -4.202  1.000 12.970 ? 802  MMA A C5  1 ? 
HETATM 1058 C C6  . MMA C 2 .   ? 1.985   14.853  -4.567  1.000 11.890 ? 802  MMA A C6  1 ? 
HETATM 1059 C C7  . MMA C 2 .   ? 0.528   18.563  -6.452  1.000 20.920 ? 802  MMA A C7  1 ? 
HETATM 1060 O O1  . MMA C 2 .   ? 0.742   18.845  -5.065  1.000 18.730 ? 802  MMA A O1  1 ? 
HETATM 1061 O O2  . MMA C 2 .   ? -0.738  17.499  -1.968  1.000 18.500 ? 802  MMA A O2  1 ? 
HETATM 1062 O O3  . MMA C 2 .   ? 1.577   18.226  -0.974  1.000 17.930 ? 802  MMA A O3  1 ? 
HETATM 1063 O O4  . MMA C 2 .   ? 3.251   16.448  -2.364  1.000 13.590 ? 802  MMA A O4  1 ? 
HETATM 1064 O O5  . MMA C 2 .   ? 0.358   16.593  -4.557  1.000 15.110 ? 802  MMA A O5  1 ? 
HETATM 1065 O O6  . MMA C 2 .   ? 1.058   13.959  -3.950  1.000 11.560 ? 802  MMA A O6  1 ? 
HETATM 1066 O O   . HOH D 3 .   ? -0.762  -13.261 10.347  1.000 29.210 ? 901  HOH A O   1 ? 
HETATM 1067 O O   . HOH D 3 .   ? 3.870   3.129   -16.321 1.000 31.550 ? 902  HOH A O   1 ? 
HETATM 1068 O O   . HOH D 3 .   ? -8.086  -19.890 0.749   1.000 39.760 ? 903  HOH A O   1 ? 
HETATM 1069 O O   . HOH D 3 .   ? -1.181  -19.779 0.912   1.000 41.620 ? 904  HOH A O   1 ? 
HETATM 1070 O O   . HOH D 3 .   ? -15.425 -9.500  2.875   1.000 29.470 ? 905  HOH A O   1 ? 
HETATM 1071 O O   . HOH D 3 .   ? -11.888 -0.251  -9.733  1.000 33.530 ? 906  HOH A O   1 ? 
HETATM 1072 O O   . HOH D 3 .   ? 12.246  -18.833 10.634  1.000 26.770 ? 907  HOH A O   1 ? 
HETATM 1073 O O   . HOH D 3 .   ? 0.419   -1.978  -13.479 1.000 39.900 ? 908  HOH A O   1 ? 
HETATM 1074 O O   . HOH D 3 .   ? -12.652 1.049   -6.939  1.000 47.590 ? 909  HOH A O   1 ? 
HETATM 1075 O O   . HOH D 3 .   ? -11.034 -12.569 2.316   1.000 27.170 ? 910  HOH A O   1 ? 
HETATM 1076 O O   . HOH D 3 .   ? 14.612  12.243  -5.109  1.000 29.730 ? 911  HOH A O   1 ? 
HETATM 1077 O O   . HOH D 3 .   ? 9.615   -12.573 0.317   1.000 31.310 ? 912  HOH A O   1 ? 
HETATM 1078 O O   . HOH D 3 .   ? -2.662  7.858   12.621  1.000 28.270 ? 913  HOH A O   1 ? 
HETATM 1079 O O   . HOH D 3 .   ? 1.166   20.795  -0.613  1.000 27.920 ? 914  HOH A O   1 ? 
HETATM 1080 O O   . HOH D 3 .   ? -9.512  -7.218  -9.311  1.000 45.510 ? 915  HOH A O   1 ? 
HETATM 1081 O O   . HOH D 3 .   ? -9.235  -6.848  19.420  1.000 21.200 ? 916  HOH A O   1 ? 
HETATM 1082 O O   . HOH D 3 .   ? -5.697  -13.266 4.263   1.000 23.780 ? 917  HOH A O   1 ? 
HETATM 1083 O O   . HOH D 3 .   ? -6.766  7.674   -8.976  1.000 15.000 ? 918  HOH A O   1 ? 
HETATM 1084 O O   . HOH D 3 .   ? 9.364   -16.179 12.576  1.000 40.760 ? 919  HOH A O   1 ? 
HETATM 1085 O O   . HOH D 3 .   ? -8.952  10.198  1.315   1.000 33.970 ? 920  HOH A O   1 ? 
HETATM 1086 O O   . HOH D 3 .   ? -9.947  10.451  -2.815  1.000 23.360 ? 921  HOH A O   1 ? 
HETATM 1087 O O   . HOH D 3 .   ? -10.261 9.188   -11.742 1.000 32.760 ? 922  HOH A O   1 ? 
HETATM 1088 O O   . HOH D 3 .   ? -3.496  -10.596 8.770   1.000 17.350 ? 923  HOH A O   1 ? 
HETATM 1089 O O   . HOH D 3 .   ? 6.304   14.245  -0.999  1.000 11.360 ? 924  HOH A O   1 ? 
HETATM 1090 O O   . HOH D 3 .   ? -11.791 -11.142 13.524  1.000 25.400 ? 925  HOH A O   1 ? 
HETATM 1091 O O   . HOH D 3 .   ? 10.111  -7.329  -4.689  1.000 21.870 ? 926  HOH A O   1 ? 
HETATM 1092 O O   . HOH D 3 .   ? 12.045  13.503  0.487   1.000 28.490 ? 927  HOH A O   1 ? 
HETATM 1093 O O   . HOH D 3 .   ? -10.160 -2.650  18.929  1.000 21.270 ? 928  HOH A O   1 ? 
HETATM 1094 O O   . HOH D 3 .   ? 0.259   11.362  -19.339 1.000 16.720 ? 929  HOH A O   1 ? 
HETATM 1095 O O   . HOH D 3 .   ? -9.204  -10.029 16.822  1.000 28.780 ? 930  HOH A O   1 ? 
HETATM 1096 O O   . HOH D 3 .   ? -17.288 -1.168  14.491  1.000 35.730 ? 931  HOH A O   1 ? 
HETATM 1097 O O   . HOH D 3 .   ? -3.393  11.422  -9.390  1.000 10.550 ? 932  HOH A O   1 ? 
HETATM 1098 O O   . HOH D 3 .   ? 7.900   -13.474 1.889   1.000 25.280 ? 933  HOH A O   1 ? 
HETATM 1099 O O   . HOH D 3 .   ? -8.404  4.772   1.072   1.000 10.100 ? 934  HOH A O   1 ? 
HETATM 1100 O O   . HOH D 3 .   ? -9.966  5.736   6.914   1.000 29.280 ? 935  HOH A O   1 ? 
HETATM 1101 O O   . HOH D 3 .   ? 11.252  -10.571 -4.209  1.000 29.400 ? 936  HOH A O   1 ? 
HETATM 1102 O O   . HOH D 3 .   ? -5.592  13.963  -1.955  1.000 24.230 ? 937  HOH A O   1 ? 
HETATM 1103 O O   . HOH D 3 .   ? -11.318 -11.053 -0.741  1.000 24.790 ? 938  HOH A O   1 ? 
HETATM 1104 O O   . HOH D 3 .   ? 10.418  -3.139  -6.429  1.000 12.670 ? 939  HOH A O   1 ? 
HETATM 1105 O O   . HOH D 3 .   ? -13.008 4.413   -7.624  1.000 52.300 ? 940  HOH A O   1 ? 
HETATM 1106 O O   . HOH D 3 .   ? -6.572  -7.357  -11.867 1.000 43.940 ? 941  HOH A O   1 ? 
HETATM 1107 O O   . HOH D 3 .   ? -12.328 3.515   -1.659  1.000 24.240 ? 942  HOH A O   1 ? 
HETATM 1108 O O   . HOH D 3 .   ? 5.420   15.865  6.418   1.000 29.500 ? 943  HOH A O   1 ? 
HETATM 1109 O O   . HOH D 3 .   ? 6.382   -12.621 10.026  1.000 13.610 ? 944  HOH A O   1 ? 
HETATM 1110 O O   . HOH D 3 .   ? 7.751   7.061   10.797  1.000 15.300 ? 945  HOH A O   1 ? 
HETATM 1111 O O   . HOH D 3 .   ? -0.506  8.637   8.860   1.000 26.120 ? 946  HOH A O   1 ? 
HETATM 1112 O O   . HOH D 3 .   ? 5.047   -14.624 4.974   1.000 15.360 ? 947  HOH A O   1 ? 
HETATM 1113 O O   . HOH D 3 .   ? 12.341  -17.738 7.574   1.000 22.050 ? 948  HOH A O   1 ? 
HETATM 1114 O O   . HOH D 3 .   ? 1.576   -4.085  -14.280 1.000 42.840 ? 949  HOH A O   1 ? 
HETATM 1115 O O   . HOH D 3 .   ? -4.957  -11.007 12.542  1.000 34.620 ? 950  HOH A O   1 ? 
HETATM 1116 O O   . HOH D 3 .   ? 12.439  -1.706  -5.244  1.000 12.020 ? 951  HOH A O   1 ? 
HETATM 1117 O O   . HOH D 3 .   ? 4.351   18.523  3.958   1.000 28.600 ? 952  HOH A O   1 ? 
HETATM 1118 O O   . HOH D 3 .   ? -9.711  -2.090  -9.622  1.000 27.150 ? 953  HOH A O   1 ? 
HETATM 1119 O O   . HOH D 3 .   ? -14.022 3.731   12.315  1.000 36.750 ? 954  HOH A O   1 ? 
HETATM 1120 O O   . HOH D 3 .   ? 0.555   -9.783  -6.384  1.000 32.830 ? 955  HOH A O   1 ? 
HETATM 1121 O O   . HOH D 3 .   ? 5.112   -15.849 -3.526  1.000 42.530 ? 956  HOH A O   1 ? 
HETATM 1122 O O   . HOH D 3 .   ? -14.435 0.229   16.228  1.000 37.330 ? 957  HOH A O   1 ? 
HETATM 1123 O O   . HOH D 3 .   ? 1.145   1.694   -13.514 1.000 13.290 ? 958  HOH A O   1 ? 
HETATM 1124 O O   . HOH D 3 .   ? 6.896   10.229  4.741   1.000 20.930 ? 959  HOH A O   1 ? 
HETATM 1125 O O   . HOH D 3 .   ? -2.653  -13.836 -5.927  1.000 52.840 ? 960  HOH A O   1 ? 
HETATM 1126 O O   . HOH D 3 .   ? -13.148 -6.241  -0.835  1.000 38.340 ? 961  HOH A O   1 ? 
HETATM 1127 O O   . HOH D 3 .   ? -3.008  12.938  -13.517 1.000 22.750 ? 962  HOH A O   1 ? 
HETATM 1128 O O   . HOH D 3 .   ? -2.982  0.362   -10.939 1.000 13.930 ? 963  HOH A O   1 ? 
HETATM 1129 O O   . HOH D 3 .   ? -6.752  3.305   -5.419  1.000 11.280 ? 964  HOH A O   1 ? 
HETATM 1130 O O   . HOH D 3 .   ? -7.395  8.667   -14.225 1.000 9.920  ? 965  HOH A O   1 ? 
HETATM 1131 O O   . HOH D 3 .   ? -2.480  -9.597  2.792   1.000 12.150 ? 966  HOH A O   1 ? 
HETATM 1132 O O   . HOH D 3 .   ? 0.168   5.870   -17.620 1.000 17.260 ? 967  HOH A O   1 ? 
HETATM 1133 O O   . HOH D 3 .   ? -4.813  -10.831 3.857   1.000 13.320 ? 968  HOH A O   1 ? 
HETATM 1134 O O   . HOH D 3 .   ? -12.892 -6.188  -4.456  1.000 28.650 ? 969  HOH A O   1 ? 
HETATM 1135 O O   . HOH D 3 .   ? -8.283  -11.760 4.142   1.000 37.800 ? 970  HOH A O   1 ? 
HETATM 1136 O O   . HOH D 3 .   ? 12.357  17.685  -9.254  1.000 21.740 ? 971  HOH A O   1 ? 
HETATM 1137 O O   . HOH D 3 .   ? -9.120  11.166  -5.421  1.000 18.660 ? 972  HOH A O   1 ? 
HETATM 1138 O O   . HOH D 3 .   ? 7.376   6.673   -14.780 1.000 25.520 ? 973  HOH A O   1 ? 
HETATM 1139 O O   . HOH D 3 .   ? 4.318   15.840  -7.720  1.000 24.870 ? 974  HOH A O   1 ? 
HETATM 1140 O O   . HOH D 3 .   ? 14.449  9.697   -3.638  1.000 28.090 ? 975  HOH A O   1 ? 
HETATM 1141 O O   . HOH D 3 .   ? 4.634   18.783  -1.563  1.000 20.600 ? 976  HOH A O   1 ? 
HETATM 1142 O O   . HOH D 3 .   ? -3.996  -0.504  -13.210 1.000 39.690 ? 977  HOH A O   1 ? 
HETATM 1143 O O   . HOH D 3 .   ? -2.306  2.618   -15.692 1.000 26.820 ? 978  HOH A O   1 ? 
HETATM 1144 O O   . HOH D 3 .   ? -10.002 7.950   3.203   1.000 13.800 ? 979  HOH A O   1 ? 
HETATM 1145 O O   . HOH D 3 .   ? -7.372  -0.253  16.559  1.000 20.060 ? 980  HOH A O   1 ? 
HETATM 1146 O O   . HOH D 3 .   ? 9.014   -1.600  -8.051  1.000 27.370 ? 981  HOH A O   1 ? 
HETATM 1147 O O   . HOH D 3 .   ? 5.618   18.693  -9.579  1.000 29.480 ? 982  HOH A O   1 ? 
HETATM 1148 O O   . HOH D 3 .   ? 11.292  4.157   6.261   1.000 20.180 ? 983  HOH A O   1 ? 
HETATM 1149 O O   . HOH D 3 .   ? -9.009  -4.771  -10.754 1.000 23.030 ? 984  HOH A O   1 ? 
HETATM 1150 O O   . HOH D 3 .   ? -10.490 8.361   -8.971  1.000 23.960 ? 985  HOH A O   1 ? 
HETATM 1151 O O   . HOH D 3 .   ? 0.838   7.364   11.062  1.000 19.570 ? 986  HOH A O   1 ? 
HETATM 1152 O O   . HOH D 3 .   ? -9.610  2.915   -13.073 1.000 19.800 ? 987  HOH A O   1 ? 
HETATM 1153 O O   . HOH D 3 .   ? 3.148   -13.227 -11.194 1.000 32.300 ? 988  HOH A O   1 ? 
HETATM 1154 O O   . HOH D 3 .   ? -6.408  -2.863  -13.644 1.000 26.630 ? 989  HOH A O   1 ? 
HETATM 1155 O O   . HOH D 3 .   ? -7.380  11.820  -1.359  1.000 20.290 ? 990  HOH A O   1 ? 
HETATM 1156 O O   . HOH D 3 .   ? 2.129   18.737  2.886   1.000 21.880 ? 991  HOH A O   1 ? 
HETATM 1157 O O   . HOH D 3 .   ? -4.281  16.020  0.339   1.000 15.090 ? 992  HOH A O   1 ? 
HETATM 1158 O O   . HOH D 3 .   ? -11.404 1.747   0.623   1.000 14.260 ? 993  HOH A O   1 ? 
HETATM 1159 O O   . HOH D 3 .   ? -7.571  -14.730 -3.335  1.000 35.000 ? 994  HOH A O   1 ? 
HETATM 1160 O O   . HOH D 3 .   ? -16.783 -9.193  10.820  1.000 30.140 ? 995  HOH A O   1 ? 
HETATM 1161 O O   . HOH D 3 .   ? 11.517  7.092   2.632   1.000 16.340 ? 996  HOH A O   1 ? 
HETATM 1162 O O   . HOH D 3 .   ? -14.314 0.290   0.127   1.000 30.990 ? 997  HOH A O   1 ? 
HETATM 1163 O O   . HOH D 3 .   ? 7.393   -12.799 -0.690  1.000 24.490 ? 998  HOH A O   1 ? 
HETATM 1164 O O   . HOH D 3 .   ? 9.682   15.894  -1.744  1.000 23.070 ? 999  HOH A O   1 ? 
HETATM 1165 O O   . HOH D 3 .   ? -8.486  7.604   5.929   1.000 40.910 ? 1000 HOH A O   1 ? 
HETATM 1166 O O   . HOH D 3 .   ? -3.781  -9.617  6.102   1.000 11.260 ? 1001 HOH A O   1 ? 
HETATM 1167 O O   . HOH D 3 .   ? -9.883  -2.417  -2.072  1.000 9.710  ? 1002 HOH A O   1 ? 
HETATM 1168 O O   . HOH D 3 .   ? 9.161   -17.467 4.855   1.000 22.780 ? 1003 HOH A O   1 ? 
HETATM 1169 O O   . HOH D 3 .   ? 0.982   15.136  9.099   1.000 22.840 ? 1004 HOH A O   1 ? 
HETATM 1170 O O   . HOH D 3 .   ? -12.616 -9.015  -1.568  1.000 30.450 ? 1005 HOH A O   1 ? 
HETATM 1171 O O   . HOH D 3 .   ? 7.256   16.817  -1.379  1.000 21.240 ? 1006 HOH A O   1 ? 
HETATM 1172 O O   . HOH D 3 .   ? 3.215   11.116  8.004   1.000 20.430 ? 1007 HOH A O   1 ? 
HETATM 1173 O O   . HOH D 3 .   ? 3.713   -0.780  -14.418 1.000 35.580 ? 1008 HOH A O   1 ? 
HETATM 1174 O O   . HOH D 3 .   ? -8.090  6.383   -11.182 1.000 22.590 ? 1009 HOH A O   1 ? 
HETATM 1175 O O   . HOH D 3 .   ? 12.105  10.787  0.780   1.000 28.490 ? 1010 HOH A O   1 ? 
HETATM 1176 O O   . HOH D 3 .   ? 9.952   15.093  0.731   1.000 17.380 ? 1011 HOH A O   1 ? 
HETATM 1177 O O   . HOH D 3 .   ? -3.742  -6.970  -12.626 1.000 44.920 ? 1012 HOH A O   1 ? 
HETATM 1178 O O   . HOH D 3 .   ? 14.251  -1.403  2.167   1.000 10.340 ? 1013 HOH A O   1 ? 
HETATM 1179 O O   . HOH D 3 .   ? -9.527  3.037   -5.156  1.000 15.680 ? 1014 HOH A O   1 ? 
HETATM 1180 O O   . HOH D 3 .   ? -2.153  -10.754 -7.312  1.000 35.430 ? 1015 HOH A O   1 ? 
HETATM 1181 O O   . HOH D 3 .   ? 15.493  -11.824 0.482   1.000 24.360 ? 1016 HOH A O   1 ? 
HETATM 1182 O O   . HOH D 3 .   ? 6.793   13.578  7.202   1.000 31.550 ? 1017 HOH A O   1 ? 
HETATM 1183 O O   . HOH D 3 .   ? -3.789  -3.550  -5.739  1.000 17.870 ? 1018 HOH A O   1 ? 
HETATM 1184 O O   . HOH D 3 .   ? 16.387  -0.731  0.588   1.000 15.070 ? 1019 HOH A O   1 ? 
HETATM 1185 O O   . HOH D 3 .   ? -7.495  -10.760 -7.069  1.000 25.780 ? 1020 HOH A O   1 ? 
HETATM 1186 O O   . HOH D 3 .   ? 9.339   8.683   -11.527 1.000 18.770 ? 1021 HOH A O   1 ? 
HETATM 1187 O O   . HOH D 3 .   ? 8.665   -10.532 -7.924  1.000 37.940 ? 1022 HOH A O   1 ? 
HETATM 1188 O O   . HOH D 3 .   ? 10.584  17.340  2.323   1.000 46.200 ? 1023 HOH A O   1 ? 
HETATM 1189 O O   . HOH D 3 .   ? -12.279 3.544   -11.089 1.000 49.800 ? 1024 HOH A O   1 ? 
HETATM 1190 O O   . HOH D 3 .   ? -9.741  -11.533 -7.755  1.000 42.260 ? 1025 HOH A O   1 ? 
HETATM 1191 O O   . HOH D 3 .   ? 13.142  4.202   -0.329  1.000 14.800 ? 1026 HOH A O   1 ? 
HETATM 1192 O O   . HOH D 3 .   ? -18.312 -7.202  9.429   1.000 12.310 ? 1027 HOH A O   1 ? 
HETATM 1193 O O   . HOH D 3 .   ? 12.023  -4.855  -7.819  1.000 26.810 ? 1028 HOH A O   1 ? 
HETATM 1194 O O   . HOH D 3 .   ? -2.480  -11.185 -11.537 1.000 47.030 ? 1029 HOH A O   1 ? 
HETATM 1195 O O   . HOH D 3 .   ? -6.833  9.150   6.545   1.000 20.420 ? 1030 HOH A O   1 ? 
HETATM 1196 O O   . HOH D 3 .   ? 15.707  1.199   -7.495  1.000 28.050 ? 1031 HOH A O   1 ? 
HETATM 1197 O O   . HOH D 3 .   ? 0.673   -5.768  -12.660 1.000 25.910 ? 1032 HOH A O   1 ? 
HETATM 1198 O O   . HOH D 3 .   ? -5.594  14.573  -8.819  1.000 22.150 ? 1033 HOH A O   1 ? 
HETATM 1199 O O   . HOH D 3 .   ? -10.760 -17.157 3.094   1.000 38.560 ? 1034 HOH A O   1 ? 
HETATM 1200 O O   . HOH D 3 .   ? -12.461 6.232   -3.910  1.000 13.820 ? 1035 HOH A O   1 ? 
HETATM 1201 O O   . HOH D 3 .   ? 11.342  11.479  5.576   1.000 51.360 ? 1036 HOH A O   1 ? 
HETATM 1202 O O   . HOH D 3 .   ? 14.401  10.191  -8.541  1.000 12.910 ? 1037 HOH A O   1 ? 
HETATM 1203 O O   . HOH D 3 .   ? 9.255   8.766   5.140   1.000 30.200 ? 1038 HOH A O   1 ? 
HETATM 1204 O O   . HOH D 3 .   ? 14.874  2.733   -9.769  1.000 33.250 ? 1039 HOH A O   1 ? 
HETATM 1205 O O   . HOH D 3 .   ? -7.801  8.168   10.307  1.000 36.410 ? 1040 HOH A O   1 ? 
HETATM 1206 O O   . HOH D 3 .   ? -14.580 -11.070 8.772   1.000 38.350 ? 1041 HOH A O   1 ? 
HETATM 1207 O O   . HOH D 3 .   ? -12.542 -6.816  -7.361  1.000 37.910 ? 1042 HOH A O   1 ? 
HETATM 1208 O O   . HOH D 3 .   ? -15.534 -1.591  1.116   0.500 30.640 ? 1043 HOH A O   1 ? 
HETATM 1209 O O   . HOH D 3 .   ? -10.847 -13.544 -2.323  1.000 42.690 ? 1044 HOH A O   1 ? 
HETATM 1210 O O   . HOH D 3 .   ? -4.297  -12.275 -6.692  1.000 38.420 ? 1045 HOH A O   1 ? 
HETATM 1211 O O   . HOH D 3 .   ? -12.672 -3.751  -3.595  1.000 27.310 ? 1046 HOH A O   1 ? 
HETATM 1212 O O   . HOH D 3 .   ? 5.111   -14.762 11.508  1.000 39.150 ? 1047 HOH A O   1 ? 
HETATM 1213 O O   . HOH D 3 .   ? 15.755  6.702   -14.364 1.000 37.140 ? 1048 HOH A O   1 ? 
HETATM 1214 O O   . HOH D 3 .   ? -5.757  10.601  8.735   1.000 28.810 ? 1049 HOH A O   1 ? 
HETATM 1215 O O   . HOH D 3 .   ? 4.505   -16.869 3.656   1.000 28.950 ? 1050 HOH A O   1 ? 
HETATM 1216 O O   . HOH D 3 .   ? 4.082   19.712  1.026   1.000 38.950 ? 1051 HOH A O   1 ? 
HETATM 1217 O O   . HOH D 3 .   ? 13.786  -10.503 -4.737  1.000 39.470 ? 1052 HOH A O   1 ? 
HETATM 1218 O O   . HOH D 3 .   ? 0.487   3.125   -17.293 1.000 48.190 ? 1053 HOH A O   1 ? 
HETATM 1219 O O   . HOH D 3 .   ? -11.863 1.706   -12.319 1.000 34.420 ? 1054 HOH A O   1 ? 
HETATM 1220 O O   . HOH D 3 .   ? -0.751  7.674   14.539  1.000 40.170 ? 1055 HOH A O   1 ? 
HETATM 1221 O O   . HOH D 3 .   ? -2.996  9.922   10.463  1.000 27.210 ? 1056 HOH A O   1 ? 
HETATM 1222 O O   . HOH D 3 .   ? 13.828  -3.582  -3.677  1.000 18.320 ? 1057 HOH A O   1 ? 
HETATM 1223 O O   . HOH D 3 .   ? 14.830  -8.059  -4.699  1.000 41.830 ? 1058 HOH A O   1 ? 
HETATM 1224 O O   . HOH D 3 .   ? 12.664  -6.224  -5.087  1.000 29.560 ? 1059 HOH A O   1 ? 
HETATM 1225 O O   . HOH D 3 .   ? 16.500  -6.973  -2.778  1.000 36.850 ? 1060 HOH A O   1 ? 
HETATM 1226 O O   . HOH D 3 .   ? -8.718  9.460   8.504   1.000 47.780 ? 1061 HOH A O   1 ? 
HETATM 1227 O O   . HOH D 3 .   ? -11.753 0.139   -1.363  1.000 24.820 ? 1062 HOH A O   1 ? 
HETATM 1228 O O   . HOH D 3 .   ? -9.912  12.933  0.976   1.000 28.560 ? 1063 HOH A O   1 ? 
HETATM 1229 O O   . HOH D 3 .   ? -13.550 3.384   14.918  1.000 43.870 ? 1064 HOH A O   1 ? 
HETATM 1230 O O   . HOH D 3 .   ? -1.627  -4.338  -13.343 1.000 38.850 ? 1065 HOH A O   1 ? 
HETATM 1231 O O   . HOH D 3 .   ? 7.779   -1.681  -14.757 1.000 51.230 ? 1066 HOH A O   1 ? 
HETATM 1232 O O   . HOH D 3 .   ? 11.671  -17.947 4.971   1.000 37.340 ? 1067 HOH A O   1 ? 
HETATM 1233 O O   . HOH D 3 .   ? 2.414   14.895  11.264  1.000 42.160 ? 1068 HOH A O   1 ? 
HETATM 1234 O O   . HOH D 3 .   ? 8.286   -16.179 2.449   1.000 28.680 ? 1069 HOH A O   1 ? 
HETATM 1235 O O   . HOH D 3 .   ? 2.668   12.098  10.544  1.000 37.940 ? 1070 HOH A O   1 ? 
HETATM 1236 O O   . HOH D 3 .   ? 17.441  8.688   -5.909  1.000 43.200 ? 1071 HOH A O   1 ? 
HETATM 1237 O O   . HOH D 3 .   ? -9.113  13.991  -5.278  1.000 32.180 ? 1072 HOH A O   1 ? 
HETATM 1238 O O   . HOH D 3 .   ? -8.587  16.051  -7.879  1.000 48.130 ? 1073 HOH A O   1 ? 
HETATM 1239 O O   . HOH D 3 .   ? -12.206 9.054   4.476   1.000 21.770 ? 1074 HOH A O   1 ? 
HETATM 1240 O O   . HOH D 3 .   ? 4.624   -17.238 0.889   1.000 35.150 ? 1075 HOH A O   1 ? 
HETATM 1241 O O   . HOH D 3 .   ? 12.974  5.708   4.595   1.000 17.420 ? 1076 HOH A O   1 ? 
HETATM 1242 O O   . HOH D 3 .   ? 17.252  3.583   -10.362 1.000 50.980 ? 1077 HOH A O   1 ? 
HETATM 1243 O O   . HOH D 3 .   ? 15.808  -2.846  -1.459  1.000 19.020 ? 1078 HOH A O   1 ? 
HETATM 1244 O O   . HOH D 3 .   ? -11.441 1.655   -3.714  1.000 24.820 ? 1079 HOH A O   1 ? 
HETATM 1245 O O   . HOH D 3 .   ? -4.745  -13.124 8.968   1.000 26.940 ? 1080 HOH A O   1 ? 
HETATM 1246 O O   . HOH D 3 .   ? 10.456  -8.890  -6.645  1.000 30.680 ? 1081 HOH A O   1 ? 
HETATM 1247 O O   . HOH D 3 .   ? 14.130  14.297  2.244   1.000 40.720 ? 1082 HOH A O   1 ? 
HETATM 1248 O O   . HOH D 3 .   ? -15.087 -3.034  -2.183  0.500 23.290 ? 1083 HOH A O   1 ? 
HETATM 1249 O O   . HOH D 3 .   ? 4.457   5.488   -18.188 1.000 32.110 ? 1084 HOH A O   1 ? 
HETATM 1250 O O   . HOH D 3 .   ? -5.554  -14.609 6.661   1.000 30.350 ? 1085 HOH A O   1 ? 
HETATM 1251 O O   . HOH D 3 .   ? -0.015  0.837   -16.017 1.000 38.630 ? 1086 HOH A O   1 ? 
HETATM 1252 O O   . HOH D 3 .   ? -11.048 10.286  -6.667  1.000 24.430 ? 1087 HOH A O   1 ? 
HETATM 1253 O O   . HOH D 3 .   ? 5.609   8.520   11.116  1.000 23.280 ? 1088 HOH A O   1 ? 
HETATM 1254 O O   . HOH D 3 .   ? -2.304  6.915   16.412  1.000 46.050 ? 1089 HOH A O   1 ? 
HETATM 1255 O O   . HOH D 3 .   ? -10.832 7.912   10.839  1.000 30.080 ? 1090 HOH A O   1 ? 
HETATM 1256 O O   . HOH D 3 .   ? 5.894   11.034  7.157   1.000 29.950 ? 1091 HOH A O   1 ? 
HETATM 1257 O O   . HOH D 3 .   ? 12.465  20.079  -10.868 1.000 35.680 ? 1092 HOH A O   1 ? 
HETATM 1258 O O   . HOH D 3 .   ? 0.796   9.473   12.660  1.000 45.300 ? 1093 HOH A O   1 ? 
HETATM 1259 O O   . HOH D 3 .   ? -12.781 8.305   -5.310  1.000 36.180 ? 1094 HOH A O   1 ? 
HETATM 1260 O O   . HOH D 3 .   ? 14.084  -1.162  -7.383  1.000 21.520 ? 1095 HOH A O   1 ? 
HETATM 1261 O O   . HOH D 3 .   ? 5.907   20.122  5.570   1.000 43.130 ? 1096 HOH A O   1 ? 
HETATM 1262 O O   . HOH D 3 .   ? 12.622  -1.250  -9.653  1.000 38.290 ? 1097 HOH A O   1 ? 
HETATM 1263 O O   . HOH D 3 .   ? -13.702 -11.619 1.905   1.000 36.970 ? 1098 HOH A O   1 ? 
HETATM 1264 O O   . HOH D 3 .   ? 17.210  11.684  -1.468  1.000 35.170 ? 1099 HOH A O   1 ? 
HETATM 1265 O O   . HOH D 3 .   ? 13.426  6.822   0.501   1.000 18.350 ? 1100 HOH A O   1 ? 
HETATM 1266 O O   . HOH D 3 .   ? 12.271  -20.886 5.279   1.000 44.740 ? 1101 HOH A O   1 ? 
HETATM 1267 O O   . HOH D 3 .   ? 14.387  -15.094 -1.140  1.000 49.630 ? 1102 HOH A O   1 ? 
HETATM 1268 O O   . HOH D 3 .   ? -13.078 7.683   12.583  1.000 48.330 ? 1103 HOH A O   1 ? 
HETATM 1269 O O   . HOH D 3 .   ? 3.275   7.942   9.817   1.000 20.290 ? 1104 HOH A O   1 ? 
HETATM 1270 O O   . HOH D 3 .   ? 17.021  13.103  1.057   1.000 47.080 ? 1105 HOH A O   1 ? 
HETATM 1271 O O   . HOH D 3 .   ? -12.859 12.345  -7.790  1.000 43.110 ? 1106 HOH A O   1 ? 
HETATM 1272 O O   . HOH D 3 .   ? -12.031 14.461  -6.658  1.000 39.660 ? 1107 HOH A O   1 ? 
HETATM 1273 O O   . HOH D 3 .   ? 15.996  -2.871  -6.843  1.000 38.180 ? 1108 HOH A O   1 ? 
HETATM 1274 O O   . HOH D 3 .   ? -4.817  11.381  17.625  1.000 52.330 ? 1109 HOH A O   1 ? 
# 
loop_
_pdbx_poly_seq_scheme.asym_id 
_pdbx_poly_seq_scheme.entity_id 
_pdbx_poly_seq_scheme.seq_id 
_pdbx_poly_seq_scheme.mon_id 
_pdbx_poly_seq_scheme.ndb_seq_num 
_pdbx_poly_seq_scheme.pdb_seq_num 
_pdbx_poly_seq_scheme.auth_seq_num 
_pdbx_poly_seq_scheme.pdb_mon_id 
_pdbx_poly_seq_scheme.auth_mon_id 
_pdbx_poly_seq_scheme.pdb_strand_id 
_pdbx_poly_seq_scheme.pdb_ins_code 
_pdbx_poly_seq_scheme.hetero 
A 1 1   MET 1   1   ?   ?   ?   A . n 
A 1 2   SER 2   2   ?   ?   ?   A . n 
A 1 3   LYS 3   3   ?   ?   ?   A . n 
A 1 4   PRO 4   4   4   PRO PRO A . n 
A 1 5   VAL 5   5   5   VAL VAL A . n 
A 1 6   LYS 6   6   6   LYS LYS A . n 
A 1 7   ILE 7   7   7   ILE ILE A . n 
A 1 8   GLY 8   8   8   GLY GLY A . n 
A 1 9   PRO 9   9   9   PRO PRO A . n 
A 1 10  TRP 10  10  10  TRP TRP A . n 
A 1 11  GLY 11  11  11  GLY GLY A . n 
A 1 12  GLY 12  12  12  GLY GLY A . n 
A 1 13  ASN 13  13  13  ASN ASN A . n 
A 1 14  GLY 14  14  14  GLY GLY A . n 
A 1 15  GLY 15  15  15  GLY GLY A . n 
A 1 16  SER 16  16  16  SER SER A . n 
A 1 17  GLU 17  17  17  GLU GLU A . n 
A 1 18  ARG 18  18  18  ARG ARG A . n 
A 1 19  ASP 19  19  19  ASP ASP A . n 
A 1 20  VAL 20  20  20  VAL VAL A . n 
A 1 21  GLN 21  21  21  GLN GLN A . n 
A 1 22  PRO 22  22  22  PRO PRO A . n 
A 1 23  LYS 23  23  23  LYS LYS A . n 
A 1 24  PRO 24  24  24  PRO PRO A . n 
A 1 25  ILE 25  25  25  ILE ILE A . n 
A 1 26  ARG 26  26  26  ARG ARG A . n 
A 1 27  MET 27  27  27  MET MET A . n 
A 1 28  VAL 28  28  28  VAL VAL A . n 
A 1 29  SER 29  29  29  SER SER A . n 
A 1 30  MET 30  30  30  MET MET A . n 
A 1 31  THR 31  31  31  THR THR A . n 
A 1 32  VAL 32  32  32  VAL VAL A . n 
A 1 33  SER 33  33  33  SER SER A . n 
A 1 34  SER 34  34  34  SER SER A . n 
A 1 35  GLY 35  35  35  GLY GLY A . n 
A 1 36  ALA 36  36  36  ALA ALA A . n 
A 1 37  ILE 37  37  37  ILE ILE A . n 
A 1 38  VAL 38  38  38  VAL VAL A . n 
A 1 39  ASP 39  39  39  ASP ASP A . n 
A 1 40  ALA 40  40  40  ALA ALA A . n 
A 1 41  ILE 41  41  41  ILE ILE A . n 
A 1 42  ALA 42  42  42  ALA ALA A . n 
A 1 43  PHE 43  43  43  PHE PHE A . n 
A 1 44  THR 44  44  44  THR THR A . n 
A 1 45  TYR 45  45  45  TYR TYR A . n 
A 1 46  VAL 46  46  46  VAL VAL A . n 
A 1 47  GLY 47  47  47  GLY GLY A . n 
A 1 48  THR 48  48  48  THR THR A . n 
A 1 49  ASP 49  49  49  ASP ASP A . n 
A 1 50  ASN 50  50  50  ASN ASN A . n 
A 1 51  VAL 51  51  51  VAL VAL A . n 
A 1 52  GLN 52  52  52  GLN GLN A . n 
A 1 53  HIS 53  53  53  HIS HIS A . n 
A 1 54  SER 54  54  54  SER SER A . n 
A 1 55  SER 55  55  55  SER SER A . n 
A 1 56  GLY 56  56  56  GLY GLY A . n 
A 1 57  ILE 57  57  57  ILE ILE A . n 
A 1 58  LYS 58  58  58  LYS LYS A . n 
A 1 59  TRP 59  59  59  TRP TRP A . n 
A 1 60  GLY 60  60  60  GLY GLY A . n 
A 1 61  GLY 61  61  61  GLY GLY A . n 
A 1 62  THR 62  62  62  THR THR A . n 
A 1 63  GLY 63  63  63  GLY GLY A . n 
A 1 64  GLY 64  64  64  GLY GLY A . n 
A 1 65  THR 65  65  65  THR THR A . n 
A 1 66  GLU 66  66  66  GLU GLU A . n 
A 1 67  ASP 67  67  67  ASP ASP A . n 
A 1 68  THR 68  68  68  THR THR A . n 
A 1 69  ILE 69  69  69  ILE ILE A . n 
A 1 70  ASN 70  70  70  ASN ASN A . n 
A 1 71  LEU 71  71  71  LEU LEU A . n 
A 1 72  ASP 72  72  72  ASP ASP A . n 
A 1 73  ALA 73  73  73  ALA ALA A . n 
A 1 74  THR 74  74  74  THR THR A . n 
A 1 75  ASN 75  75  75  ASN ASN A . n 
A 1 76  TYR 76  76  76  TYR TYR A . n 
A 1 77  VAL 77  77  77  VAL VAL A . n 
A 1 78  THR 78  78  78  THR THR A . n 
A 1 79  GLU 79  79  79  GLU GLU A . n 
A 1 80  ILE 80  80  80  ILE ILE A . n 
A 1 81  SER 81  81  81  SER SER A . n 
A 1 82  GLY 82  82  82  GLY GLY A . n 
A 1 83  THR 83  83  83  THR THR A . n 
A 1 84  VAL 84  84  84  VAL VAL A . n 
A 1 85  GLY 85  85  85  GLY GLY A . n 
A 1 86  LYS 86  86  86  LYS LYS A . n 
A 1 87  PHE 87  87  87  PHE PHE A . n 
A 1 88  GLY 88  88  88  GLY GLY A . n 
A 1 89  THR 89  89  89  THR THR A . n 
A 1 90  ASP 90  90  90  ASP ASP A . n 
A 1 91  ASP 91  91  91  ASP ASP A . n 
A 1 92  ILE 92  92  92  ILE ILE A . n 
A 1 93  VAL 93  93  93  VAL VAL A . n 
A 1 94  THR 94  94  94  THR THR A . n 
A 1 95  SER 95  95  95  SER SER A . n 
A 1 96  LEU 96  96  96  LEU LEU A . n 
A 1 97  LYS 97  97  97  LYS LYS A . n 
A 1 98  ILE 98  98  98  ILE ILE A . n 
A 1 99  ILE 99  99  99  ILE ILE A . n 
A 1 100 THR 100 100 100 THR THR A . n 
A 1 101 SER 101 101 101 SER SER A . n 
A 1 102 LYS 102 102 102 LYS LYS A . n 
A 1 103 GLY 103 103 103 GLY GLY A . n 
A 1 104 VAL 104 104 104 VAL VAL A . n 
A 1 105 THR 105 105 105 THR THR A . n 
A 1 106 ARG 106 106 106 ARG ARG A . n 
A 1 107 THR 107 107 107 THR THR A . n 
A 1 108 TYR 108 108 108 TYR TYR A . n 
A 1 109 GLY 109 109 109 GLY GLY A . n 
A 1 110 SER 110 110 110 SER SER A . n 
A 1 111 GLY 111 111 111 GLY GLY A . n 
A 1 112 THR 112 112 112 THR THR A . n 
A 1 113 GLY 113 113 113 GLY GLY A . n 
A 1 114 ILE 114 114 114 ILE ILE A . n 
A 1 115 PRO 115 115 115 PRO PRO A . n 
A 1 116 PHE 116 116 116 PHE PHE A . n 
A 1 117 ARG 117 117 117 ARG ARG A . n 
A 1 118 VAL 118 118 118 VAL VAL A . n 
A 1 119 PRO 119 119 119 PRO PRO A . n 
A 1 120 VAL 120 120 120 VAL VAL A . n 
A 1 121 LEU 121 121 121 LEU LEU A . n 
A 1 122 ASP 122 122 122 ASP ASP A . n 
A 1 123 GLY 123 123 123 GLY GLY A . n 
A 1 124 GLY 124 124 124 GLY GLY A . n 
A 1 125 LYS 125 125 125 LYS LYS A . n 
A 1 126 ILE 126 126 126 ILE ILE A . n 
A 1 127 ALA 127 127 127 ALA ALA A . n 
A 1 128 GLY 128 128 128 GLY GLY A . n 
A 1 129 PHE 129 129 129 PHE PHE A . n 
A 1 130 PHE 130 130 130 PHE PHE A . n 
A 1 131 GLY 131 131 131 GLY GLY A . n 
A 1 132 ARG 132 132 132 ARG ARG A . n 
A 1 133 ALA 133 133 133 ALA ALA A . n 
A 1 134 GLY 134 134 134 GLY GLY A . n 
A 1 135 ALA 135 135 135 ALA ALA A . n 
A 1 136 PHE 136 136 136 PHE PHE A . n 
A 1 137 LEU 137 137 137 LEU LEU A . n 
A 1 138 ASP 138 138 138 ASP ASP A . n 
A 1 139 ALA 139 139 139 ALA ALA A . n 
A 1 140 ILE 140 140 140 ILE ILE A . n 
A 1 141 GLY 141 141 141 GLY GLY A . n 
A 1 142 PHE 142 142 142 PHE PHE A . n 
A 1 143 TYR 143 143 143 TYR TYR A . n 
A 1 144 ILE 144 144 144 ILE ILE A . n 
A 1 145 THR 145 145 145 THR THR A . n 
A 1 146 PRO 146 146 146 PRO PRO A . n 
# 
loop_
_pdbx_nonpoly_scheme.asym_id 
_pdbx_nonpoly_scheme.entity_id 
_pdbx_nonpoly_scheme.mon_id 
_pdbx_nonpoly_scheme.ndb_seq_num 
_pdbx_nonpoly_scheme.pdb_seq_num 
_pdbx_nonpoly_scheme.auth_seq_num 
_pdbx_nonpoly_scheme.pdb_mon_id 
_pdbx_nonpoly_scheme.auth_mon_id 
_pdbx_nonpoly_scheme.pdb_strand_id 
_pdbx_nonpoly_scheme.pdb_ins_code 
B 2 MMA 1   801  801 MMA MMA A . 
C 2 MMA 1   802  803 MMA MMA A . 
D 3 HOH 1   901  68  HOH HOH A . 
D 3 HOH 2   902  57  HOH HOH A . 
D 3 HOH 3   903  145 HOH HOH A . 
D 3 HOH 4   904  192 HOH HOH A . 
D 3 HOH 5   905  121 HOH HOH A . 
D 3 HOH 6   906  95  HOH HOH A . 
D 3 HOH 7   907  11  HOH HOH A . 
D 3 HOH 8   908  176 HOH HOH A . 
D 3 HOH 9   909  101 HOH HOH A . 
D 3 HOH 10  910  105 HOH HOH A . 
D 3 HOH 11  911  120 HOH HOH A . 
D 3 HOH 12  912  11  HOH HOH A . 
D 3 HOH 13  913  49  HOH HOH A . 
D 3 HOH 14  914  76  HOH HOH A . 
D 3 HOH 15  915  190 HOH HOH A . 
D 3 HOH 16  916  67  HOH HOH A . 
D 3 HOH 17  917  63  HOH HOH A . 
D 3 HOH 18  918  20  HOH HOH A . 
D 3 HOH 19  919  137 HOH HOH A . 
D 3 HOH 20  920  21  HOH HOH A . 
D 3 HOH 21  921  77  HOH HOH A . 
D 3 HOH 22  922  62  HOH HOH A . 
D 3 HOH 23  923  73  HOH HOH A . 
D 3 HOH 24  924  4   HOH HOH A . 
D 3 HOH 25  925  100 HOH HOH A . 
D 3 HOH 26  926  33  HOH HOH A . 
D 3 HOH 27  927  93  HOH HOH A . 
D 3 HOH 28  928  79  HOH HOH A . 
D 3 HOH 29  929  102 HOH HOH A . 
D 3 HOH 30  930  88  HOH HOH A . 
D 3 HOH 31  931  166 HOH HOH A . 
D 3 HOH 32  932  3   HOH HOH A . 
D 3 HOH 33  933  65  HOH HOH A . 
D 3 HOH 34  934  1   HOH HOH A . 
D 3 HOH 35  935  89  HOH HOH A . 
D 3 HOH 36  936  97  HOH HOH A . 
D 3 HOH 37  937  114 HOH HOH A . 
D 3 HOH 38  938  91  HOH HOH A . 
D 3 HOH 39  939  9   HOH HOH A . 
D 3 HOH 40  940  87  HOH HOH A . 
D 3 HOH 41  941  222 HOH HOH A . 
D 3 HOH 42  942  126 HOH HOH A . 
D 3 HOH 43  943  122 HOH HOH A . 
D 3 HOH 44  944  41  HOH HOH A . 
D 3 HOH 45  945  8   HOH HOH A . 
D 3 HOH 46  946  50  HOH HOH A . 
D 3 HOH 47  947  15  HOH HOH A . 
D 3 HOH 48  948  48  HOH HOH A . 
D 3 HOH 49  949  82  HOH HOH A . 
D 3 HOH 50  950  30  HOH HOH A . 
D 3 HOH 51  951  7   HOH HOH A . 
D 3 HOH 52  952  106 HOH HOH A . 
D 3 HOH 53  953  80  HOH HOH A . 
D 3 HOH 54  954  117 HOH HOH A . 
D 3 HOH 55  955  172 HOH HOH A . 
D 3 HOH 56  956  136 HOH HOH A . 
D 3 HOH 57  957  81  HOH HOH A . 
D 3 HOH 58  958  5   HOH HOH A . 
D 3 HOH 59  959  47  HOH HOH A . 
D 3 HOH 60  960  90  HOH HOH A . 
D 3 HOH 61  961  25  HOH HOH A . 
D 3 HOH 62  962  64  HOH HOH A . 
D 3 HOH 63  963  14  HOH HOH A . 
D 3 HOH 64  964  23  HOH HOH A . 
D 3 HOH 65  965  19  HOH HOH A . 
D 3 HOH 66  966  32  HOH HOH A . 
D 3 HOH 67  967  250 HOH HOH A . 
D 3 HOH 68  968  28  HOH HOH A . 
D 3 HOH 69  969  132 HOH HOH A . 
D 3 HOH 70  970  168 HOH HOH A . 
D 3 HOH 71  971  78  HOH HOH A . 
D 3 HOH 72  972  56  HOH HOH A . 
D 3 HOH 73  973  123 HOH HOH A . 
D 3 HOH 74  974  147 HOH HOH A . 
D 3 HOH 75  975  140 HOH HOH A . 
D 3 HOH 76  976  72  HOH HOH A . 
D 3 HOH 77  977  157 HOH HOH A . 
D 3 HOH 78  978  70  HOH HOH A . 
D 3 HOH 79  979  39  HOH HOH A . 
D 3 HOH 80  980  16  HOH HOH A . 
D 3 HOH 81  981  27  HOH HOH A . 
D 3 HOH 82  982  153 HOH HOH A . 
D 3 HOH 83  983  40  HOH HOH A . 
D 3 HOH 84  984  34  HOH HOH A . 
D 3 HOH 85  985  86  HOH HOH A . 
D 3 HOH 86  986  22  HOH HOH A . 
D 3 HOH 87  987  43  HOH HOH A . 
D 3 HOH 88  988  154 HOH HOH A . 
D 3 HOH 89  989  71  HOH HOH A . 
D 3 HOH 90  990  36  HOH HOH A . 
D 3 HOH 91  991  74  HOH HOH A . 
D 3 HOH 92  992  25  HOH HOH A . 
D 3 HOH 93  993  45  HOH HOH A . 
D 3 HOH 94  994  15  HOH HOH A . 
D 3 HOH 95  995  152 HOH HOH A . 
D 3 HOH 96  996  42  HOH HOH A . 
D 3 HOH 97  997  139 HOH HOH A . 
D 3 HOH 98  998  75  HOH HOH A . 
D 3 HOH 99  999  58  HOH HOH A . 
D 3 HOH 100 1000 218 HOH HOH A . 
D 3 HOH 101 1001 21  HOH HOH A . 
D 3 HOH 102 1002 2   HOH HOH A . 
D 3 HOH 103 1003 46  HOH HOH A . 
D 3 HOH 104 1004 98  HOH HOH A . 
D 3 HOH 105 1005 10  HOH HOH A . 
D 3 HOH 106 1006 55  HOH HOH A . 
D 3 HOH 107 1007 35  HOH HOH A . 
D 3 HOH 108 1008 85  HOH HOH A . 
D 3 HOH 109 1009 66  HOH HOH A . 
D 3 HOH 110 1010 104 HOH HOH A . 
D 3 HOH 111 1011 29  HOH HOH A . 
D 3 HOH 112 1012 130 HOH HOH A . 
D 3 HOH 113 1013 10  HOH HOH A . 
D 3 HOH 114 1014 24  HOH HOH A . 
D 3 HOH 115 1015 118 HOH HOH A . 
D 3 HOH 116 1016 61  HOH HOH A . 
D 3 HOH 117 1017 187 HOH HOH A . 
D 3 HOH 118 1018 13  HOH HOH A . 
D 3 HOH 119 1019 37  HOH HOH A . 
D 3 HOH 120 1020 30  HOH HOH A . 
D 3 HOH 121 1021 53  HOH HOH A . 
D 3 HOH 122 1022 125 HOH HOH A . 
D 3 HOH 123 1023 163 HOH HOH A . 
D 3 HOH 124 1024 217 HOH HOH A . 
D 3 HOH 125 1025 146 HOH HOH A . 
D 3 HOH 126 1026 18  HOH HOH A . 
D 3 HOH 127 1027 28  HOH HOH A . 
D 3 HOH 128 1028 128 HOH HOH A . 
D 3 HOH 129 1029 19  HOH HOH A . 
D 3 HOH 130 1030 235 HOH HOH A . 
D 3 HOH 131 1031 109 HOH HOH A . 
D 3 HOH 132 1032 3   HOH HOH A . 
D 3 HOH 133 1033 4   HOH HOH A . 
D 3 HOH 134 1034 212 HOH HOH A . 
D 3 HOH 135 1035 17  HOH HOH A . 
D 3 HOH 136 1036 184 HOH HOH A . 
D 3 HOH 137 1037 6   HOH HOH A . 
D 3 HOH 138 1038 52  HOH HOH A . 
D 3 HOH 139 1039 51  HOH HOH A . 
D 3 HOH 140 1040 165 HOH HOH A . 
D 3 HOH 141 1041 164 HOH HOH A . 
D 3 HOH 142 1042 107 HOH HOH A . 
D 3 HOH 143 1043 151 HOH HOH A . 
D 3 HOH 144 1044 110 HOH HOH A . 
D 3 HOH 145 1045 156 HOH HOH A . 
D 3 HOH 146 1046 233 HOH HOH A . 
D 3 HOH 147 1047 111 HOH HOH A . 
D 3 HOH 148 1048 248 HOH HOH A . 
D 3 HOH 149 1049 236 HOH HOH A . 
D 3 HOH 150 1050 38  HOH HOH A . 
D 3 HOH 151 1051 124 HOH HOH A . 
D 3 HOH 152 1052 162 HOH HOH A . 
D 3 HOH 153 1053 171 HOH HOH A . 
D 3 HOH 154 1054 60  HOH HOH A . 
D 3 HOH 155 1055 143 HOH HOH A . 
D 3 HOH 156 1056 234 HOH HOH A . 
D 3 HOH 157 1057 31  HOH HOH A . 
D 3 HOH 158 1058 177 HOH HOH A . 
D 3 HOH 159 1059 96  HOH HOH A . 
D 3 HOH 160 1060 244 HOH HOH A . 
D 3 HOH 161 1061 39  HOH HOH A . 
D 3 HOH 162 1062 84  HOH HOH A . 
D 3 HOH 163 1063 238 HOH HOH A . 
D 3 HOH 164 1064 169 HOH HOH A . 
D 3 HOH 165 1065 182 HOH HOH A . 
D 3 HOH 166 1066 239 HOH HOH A . 
D 3 HOH 167 1067 119 HOH HOH A . 
D 3 HOH 168 1068 211 HOH HOH A . 
D 3 HOH 169 1069 69  HOH HOH A . 
D 3 HOH 170 1070 133 HOH HOH A . 
D 3 HOH 171 1071 202 HOH HOH A . 
D 3 HOH 172 1072 113 HOH HOH A . 
D 3 HOH 173 1073 247 HOH HOH A . 
D 3 HOH 174 1074 54  HOH HOH A . 
D 3 HOH 175 1075 148 HOH HOH A . 
D 3 HOH 176 1076 232 HOH HOH A . 
D 3 HOH 177 1077 134 HOH HOH A . 
D 3 HOH 178 1078 231 HOH HOH A . 
D 3 HOH 179 1079 116 HOH HOH A . 
D 3 HOH 180 1080 237 HOH HOH A . 
D 3 HOH 181 1081 138 HOH HOH A . 
D 3 HOH 182 1082 150 HOH HOH A . 
D 3 HOH 183 1083 241 HOH HOH A . 
D 3 HOH 184 1084 160 HOH HOH A . 
D 3 HOH 185 1085 174 HOH HOH A . 
D 3 HOH 186 1086 112 HOH HOH A . 
D 3 HOH 187 1087 83  HOH HOH A . 
D 3 HOH 188 1088 92  HOH HOH A . 
D 3 HOH 189 1089 158 HOH HOH A . 
D 3 HOH 190 1090 142 HOH HOH A . 
D 3 HOH 191 1091 141 HOH HOH A . 
D 3 HOH 192 1092 159 HOH HOH A . 
D 3 HOH 193 1093 131 HOH HOH A . 
D 3 HOH 194 1094 94  HOH HOH A . 
D 3 HOH 195 1095 44  HOH HOH A . 
D 3 HOH 196 1096 180 HOH HOH A . 
D 3 HOH 197 1097 144 HOH HOH A . 
D 3 HOH 198 1098 115 HOH HOH A . 
D 3 HOH 199 1099 249 HOH HOH A . 
D 3 HOH 200 1100 230 HOH HOH A . 
D 3 HOH 201 1101 135 HOH HOH A . 
D 3 HOH 202 1102 195 HOH HOH A . 
D 3 HOH 203 1103 207 HOH HOH A . 
D 3 HOH 204 1104 103 HOH HOH A . 
D 3 HOH 205 1105 245 HOH HOH A . 
D 3 HOH 206 1106 196 HOH HOH A . 
D 3 HOH 207 1107 246 HOH HOH A . 
D 3 HOH 208 1108 59  HOH HOH A . 
D 3 HOH 209 1109 226 HOH HOH A . 
# 
_pdbx_struct_assembly.id                   1 
_pdbx_struct_assembly.details              author_and_software_defined_assembly 
_pdbx_struct_assembly.method_details       PISA 
_pdbx_struct_assembly.oligomeric_details   dimeric 
_pdbx_struct_assembly.oligomeric_count     2 
# 
_pdbx_struct_assembly_gen.assembly_id       1 
_pdbx_struct_assembly_gen.oper_expression   1,2 
_pdbx_struct_assembly_gen.asym_id_list      A,B,C,D 
# 
loop_
_pdbx_struct_assembly_prop.biol_id 
_pdbx_struct_assembly_prop.type 
_pdbx_struct_assembly_prop.value 
_pdbx_struct_assembly_prop.details 
1 'ABSA (A^2)' 1490  ? 
1 MORE         -11   ? 
1 'SSA (A^2)'  11930 ? 
# 
loop_
_pdbx_struct_oper_list.id 
_pdbx_struct_oper_list.type 
_pdbx_struct_oper_list.name 
_pdbx_struct_oper_list.symmetry_operation 
_pdbx_struct_oper_list.matrix[1][1] 
_pdbx_struct_oper_list.matrix[1][2] 
_pdbx_struct_oper_list.matrix[1][3] 
_pdbx_struct_oper_list.vector[1] 
_pdbx_struct_oper_list.matrix[2][1] 
_pdbx_struct_oper_list.matrix[2][2] 
_pdbx_struct_oper_list.matrix[2][3] 
_pdbx_struct_oper_list.vector[2] 
_pdbx_struct_oper_list.matrix[3][1] 
_pdbx_struct_oper_list.matrix[3][2] 
_pdbx_struct_oper_list.matrix[3][3] 
_pdbx_struct_oper_list.vector[3] 
1 'identity operation'         1_555 x,y,z          1.0000000000  0.0000000000 0.0000000000  0.0000000000  0.0000000000 1.0000000000  0.0000000000  0.0000000000  0.0000000000  0.0000000000  1.0000000000  0.0000000000  
2 'crystal symmetry operation' 6_555 -x,-x+y,-z+1/3 -0.3171504403 0.5341431344 -0.7836496093 20.9094977231 0.5341431344 -0.5821789968 -0.6129916212 -6.0916565101 -0.7836496093 -0.6129916212 -0.1006705628 14.0677985155 
# 
loop_
_pdbx_struct_special_symmetry.id 
_pdbx_struct_special_symmetry.PDB_model_num 
_pdbx_struct_special_symmetry.auth_asym_id 
_pdbx_struct_special_symmetry.auth_comp_id 
_pdbx_struct_special_symmetry.auth_seq_id 
_pdbx_struct_special_symmetry.PDB_ins_code 
_pdbx_struct_special_symmetry.label_asym_id 
_pdbx_struct_special_symmetry.label_comp_id 
_pdbx_struct_special_symmetry.label_seq_id 
1 1 A HOH 1043 ? D HOH . 
2 1 A HOH 1083 ? D HOH . 
# 
loop_
_pdbx_audit_revision_history.ordinal 
_pdbx_audit_revision_history.data_content_type 
_pdbx_audit_revision_history.major_revision 
_pdbx_audit_revision_history.minor_revision 
_pdbx_audit_revision_history.revision_date 
1 'Structure model' 1 0 2022-03-09 
2 'Structure model' 1 1 2022-03-30 
3 'Structure model' 1 2 2023-11-29 
# 
_pdbx_audit_revision_details.ordinal             1 
_pdbx_audit_revision_details.revision_ordinal    1 
_pdbx_audit_revision_details.data_content_type   'Structure model' 
_pdbx_audit_revision_details.provider            repository 
_pdbx_audit_revision_details.type                'Initial release' 
_pdbx_audit_revision_details.description         ? 
_pdbx_audit_revision_details.details             ? 
# 
loop_
_pdbx_audit_revision_group.ordinal 
_pdbx_audit_revision_group.revision_ordinal 
_pdbx_audit_revision_group.data_content_type 
_pdbx_audit_revision_group.group 
1 2 'Structure model' 'Database references'    
2 3 'Structure model' 'Data collection'        
3 3 'Structure model' 'Derived calculations'   
4 3 'Structure model' 'Refinement description' 
# 
loop_
_pdbx_audit_revision_category.ordinal 
_pdbx_audit_revision_category.revision_ordinal 
_pdbx_audit_revision_category.data_content_type 
_pdbx_audit_revision_category.category 
1 2 'Structure model' citation                      
2 2 'Structure model' citation_author               
3 3 'Structure model' atom_type                     
4 3 'Structure model' chem_comp_atom                
5 3 'Structure model' chem_comp_bond                
6 3 'Structure model' pdbx_initial_refinement_model 
# 
loop_
_pdbx_audit_revision_item.ordinal 
_pdbx_audit_revision_item.revision_ordinal 
_pdbx_audit_revision_item.data_content_type 
_pdbx_audit_revision_item.item 
1 2 'Structure model' '_citation.journal_volume'          
2 2 'Structure model' '_citation.page_first'              
3 2 'Structure model' '_citation.page_last'               
4 2 'Structure model' '_citation_author.identifier_ORCID' 
5 3 'Structure model' '_atom_type.pdbx_N_electrons'       
6 3 'Structure model' '_atom_type.pdbx_scat_Z'            
# 
loop_
_software.citation_id 
_software.classification 
_software.compiler_name 
_software.compiler_version 
_software.contact_author 
_software.contact_author_email 
_software.date 
_software.description 
_software.dependencies 
_software.hardware 
_software.language 
_software.location 
_software.mods 
_software.name 
_software.os 
_software.os_version 
_software.type 
_software.version 
_software.pdbx_ordinal 
? refinement       ? ? ? ? ? ? ? ? ? ? ? REFMAC  ? ? ? 5.8.0258 1 
? 'data reduction' ? ? ? ? ? ? ? ? ? ? ? iMOSFLM ? ? ? .        2 
? 'data scaling'   ? ? ? ? ? ? ? ? ? ? ? SCALA   ? ? ? .        3 
? phasing          ? ? ? ? ? ? ? ? ? ? ? PHASER  ? ? ? .        4 
# 
_pdbx_entry_details.entry_id                 7V4S 
_pdbx_entry_details.has_ligand_of_interest   Y 
_pdbx_entry_details.compound_details         ? 
_pdbx_entry_details.source_details           ? 
_pdbx_entry_details.nonpolymer_details       ? 
_pdbx_entry_details.sequence_details         ? 
# 
loop_
_pdbx_distant_solvent_atoms.id 
_pdbx_distant_solvent_atoms.PDB_model_num 
_pdbx_distant_solvent_atoms.auth_atom_id 
_pdbx_distant_solvent_atoms.label_alt_id 
_pdbx_distant_solvent_atoms.auth_asym_id 
_pdbx_distant_solvent_atoms.auth_comp_id 
_pdbx_distant_solvent_atoms.auth_seq_id 
_pdbx_distant_solvent_atoms.PDB_ins_code 
_pdbx_distant_solvent_atoms.neighbor_macromolecule_distance 
_pdbx_distant_solvent_atoms.neighbor_ligand_distance 
1 1 O ? A HOH 1107 ? 5.82 . 
2 1 O ? A HOH 1108 ? 6.16 . 
3 1 O ? A HOH 1109 ? 7.43 . 
# 
loop_
_pdbx_unobs_or_zero_occ_atoms.id 
_pdbx_unobs_or_zero_occ_atoms.PDB_model_num 
_pdbx_unobs_or_zero_occ_atoms.polymer_flag 
_pdbx_unobs_or_zero_occ_atoms.occupancy_flag 
_pdbx_unobs_or_zero_occ_atoms.auth_asym_id 
_pdbx_unobs_or_zero_occ_atoms.auth_comp_id 
_pdbx_unobs_or_zero_occ_atoms.auth_seq_id 
_pdbx_unobs_or_zero_occ_atoms.PDB_ins_code 
_pdbx_unobs_or_zero_occ_atoms.auth_atom_id 
_pdbx_unobs_or_zero_occ_atoms.label_alt_id 
_pdbx_unobs_or_zero_occ_atoms.label_asym_id 
_pdbx_unobs_or_zero_occ_atoms.label_comp_id 
_pdbx_unobs_or_zero_occ_atoms.label_seq_id 
_pdbx_unobs_or_zero_occ_atoms.label_atom_id 
1 1 Y 1 A GLN 21 ? CD  ? A GLN 21 CD  
2 1 Y 1 A GLN 21 ? OE1 ? A GLN 21 OE1 
3 1 Y 1 A GLN 21 ? NE2 ? A GLN 21 NE2 
# 
loop_
_pdbx_unobs_or_zero_occ_residues.id 
_pdbx_unobs_or_zero_occ_residues.PDB_model_num 
_pdbx_unobs_or_zero_occ_residues.polymer_flag 
_pdbx_unobs_or_zero_occ_residues.occupancy_flag 
_pdbx_unobs_or_zero_occ_residues.auth_asym_id 
_pdbx_unobs_or_zero_occ_residues.auth_comp_id 
_pdbx_unobs_or_zero_occ_residues.auth_seq_id 
_pdbx_unobs_or_zero_occ_residues.PDB_ins_code 
_pdbx_unobs_or_zero_occ_residues.label_asym_id 
_pdbx_unobs_or_zero_occ_residues.label_comp_id 
_pdbx_unobs_or_zero_occ_residues.label_seq_id 
1 1 Y 1 A MET 1 ? A MET 1 
2 1 Y 1 A SER 2 ? A SER 2 
3 1 Y 1 A LYS 3 ? A LYS 3 
# 
loop_
_chem_comp_atom.comp_id 
_chem_comp_atom.atom_id 
_chem_comp_atom.type_symbol 
_chem_comp_atom.pdbx_aromatic_flag 
_chem_comp_atom.pdbx_stereo_config 
_chem_comp_atom.pdbx_ordinal 
ALA N    N N N 1   
ALA CA   C N S 2   
ALA C    C N N 3   
ALA O    O N N 4   
ALA CB   C N N 5   
ALA OXT  O N N 6   
ALA H    H N N 7   
ALA H2   H N N 8   
ALA HA   H N N 9   
ALA HB1  H N N 10  
ALA HB2  H N N 11  
ALA HB3  H N N 12  
ALA HXT  H N N 13  
ARG N    N N N 14  
ARG CA   C N S 15  
ARG C    C N N 16  
ARG O    O N N 17  
ARG CB   C N N 18  
ARG CG   C N N 19  
ARG CD   C N N 20  
ARG NE   N N N 21  
ARG CZ   C N N 22  
ARG NH1  N N N 23  
ARG NH2  N N N 24  
ARG OXT  O N N 25  
ARG H    H N N 26  
ARG H2   H N N 27  
ARG HA   H N N 28  
ARG HB2  H N N 29  
ARG HB3  H N N 30  
ARG HG2  H N N 31  
ARG HG3  H N N 32  
ARG HD2  H N N 33  
ARG HD3  H N N 34  
ARG HE   H N N 35  
ARG HH11 H N N 36  
ARG HH12 H N N 37  
ARG HH21 H N N 38  
ARG HH22 H N N 39  
ARG HXT  H N N 40  
ASN N    N N N 41  
ASN CA   C N S 42  
ASN C    C N N 43  
ASN O    O N N 44  
ASN CB   C N N 45  
ASN CG   C N N 46  
ASN OD1  O N N 47  
ASN ND2  N N N 48  
ASN OXT  O N N 49  
ASN H    H N N 50  
ASN H2   H N N 51  
ASN HA   H N N 52  
ASN HB2  H N N 53  
ASN HB3  H N N 54  
ASN HD21 H N N 55  
ASN HD22 H N N 56  
ASN HXT  H N N 57  
ASP N    N N N 58  
ASP CA   C N S 59  
ASP C    C N N 60  
ASP O    O N N 61  
ASP CB   C N N 62  
ASP CG   C N N 63  
ASP OD1  O N N 64  
ASP OD2  O N N 65  
ASP OXT  O N N 66  
ASP H    H N N 67  
ASP H2   H N N 68  
ASP HA   H N N 69  
ASP HB2  H N N 70  
ASP HB3  H N N 71  
ASP HD2  H N N 72  
ASP HXT  H N N 73  
GLN N    N N N 74  
GLN CA   C N S 75  
GLN C    C N N 76  
GLN O    O N N 77  
GLN CB   C N N 78  
GLN CG   C N N 79  
GLN CD   C N N 80  
GLN OE1  O N N 81  
GLN NE2  N N N 82  
GLN OXT  O N N 83  
GLN H    H N N 84  
GLN H2   H N N 85  
GLN HA   H N N 86  
GLN HB2  H N N 87  
GLN HB3  H N N 88  
GLN HG2  H N N 89  
GLN HG3  H N N 90  
GLN HE21 H N N 91  
GLN HE22 H N N 92  
GLN HXT  H N N 93  
GLU N    N N N 94  
GLU CA   C N S 95  
GLU C    C N N 96  
GLU O    O N N 97  
GLU CB   C N N 98  
GLU CG   C N N 99  
GLU CD   C N N 100 
GLU OE1  O N N 101 
GLU OE2  O N N 102 
GLU OXT  O N N 103 
GLU H    H N N 104 
GLU H2   H N N 105 
GLU HA   H N N 106 
GLU HB2  H N N 107 
GLU HB3  H N N 108 
GLU HG2  H N N 109 
GLU HG3  H N N 110 
GLU HE2  H N N 111 
GLU HXT  H N N 112 
GLY N    N N N 113 
GLY CA   C N N 114 
GLY C    C N N 115 
GLY O    O N N 116 
GLY OXT  O N N 117 
GLY H    H N N 118 
GLY H2   H N N 119 
GLY HA2  H N N 120 
GLY HA3  H N N 121 
GLY HXT  H N N 122 
HIS N    N N N 123 
HIS CA   C N S 124 
HIS C    C N N 125 
HIS O    O N N 126 
HIS CB   C N N 127 
HIS CG   C Y N 128 
HIS ND1  N Y N 129 
HIS CD2  C Y N 130 
HIS CE1  C Y N 131 
HIS NE2  N Y N 132 
HIS OXT  O N N 133 
HIS H    H N N 134 
HIS H2   H N N 135 
HIS HA   H N N 136 
HIS HB2  H N N 137 
HIS HB3  H N N 138 
HIS HD1  H N N 139 
HIS HD2  H N N 140 
HIS HE1  H N N 141 
HIS HE2  H N N 142 
HIS HXT  H N N 143 
HOH O    O N N 144 
HOH H1   H N N 145 
HOH H2   H N N 146 
ILE N    N N N 147 
ILE CA   C N S 148 
ILE C    C N N 149 
ILE O    O N N 150 
ILE CB   C N S 151 
ILE CG1  C N N 152 
ILE CG2  C N N 153 
ILE CD1  C N N 154 
ILE OXT  O N N 155 
ILE H    H N N 156 
ILE H2   H N N 157 
ILE HA   H N N 158 
ILE HB   H N N 159 
ILE HG12 H N N 160 
ILE HG13 H N N 161 
ILE HG21 H N N 162 
ILE HG22 H N N 163 
ILE HG23 H N N 164 
ILE HD11 H N N 165 
ILE HD12 H N N 166 
ILE HD13 H N N 167 
ILE HXT  H N N 168 
LEU N    N N N 169 
LEU CA   C N S 170 
LEU C    C N N 171 
LEU O    O N N 172 
LEU CB   C N N 173 
LEU CG   C N N 174 
LEU CD1  C N N 175 
LEU CD2  C N N 176 
LEU OXT  O N N 177 
LEU H    H N N 178 
LEU H2   H N N 179 
LEU HA   H N N 180 
LEU HB2  H N N 181 
LEU HB3  H N N 182 
LEU HG   H N N 183 
LEU HD11 H N N 184 
LEU HD12 H N N 185 
LEU HD13 H N N 186 
LEU HD21 H N N 187 
LEU HD22 H N N 188 
LEU HD23 H N N 189 
LEU HXT  H N N 190 
LYS N    N N N 191 
LYS CA   C N S 192 
LYS C    C N N 193 
LYS O    O N N 194 
LYS CB   C N N 195 
LYS CG   C N N 196 
LYS CD   C N N 197 
LYS CE   C N N 198 
LYS NZ   N N N 199 
LYS OXT  O N N 200 
LYS H    H N N 201 
LYS H2   H N N 202 
LYS HA   H N N 203 
LYS HB2  H N N 204 
LYS HB3  H N N 205 
LYS HG2  H N N 206 
LYS HG3  H N N 207 
LYS HD2  H N N 208 
LYS HD3  H N N 209 
LYS HE2  H N N 210 
LYS HE3  H N N 211 
LYS HZ1  H N N 212 
LYS HZ2  H N N 213 
LYS HZ3  H N N 214 
LYS HXT  H N N 215 
MET N    N N N 216 
MET CA   C N S 217 
MET C    C N N 218 
MET O    O N N 219 
MET CB   C N N 220 
MET CG   C N N 221 
MET SD   S N N 222 
MET CE   C N N 223 
MET OXT  O N N 224 
MET H    H N N 225 
MET H2   H N N 226 
MET HA   H N N 227 
MET HB2  H N N 228 
MET HB3  H N N 229 
MET HG2  H N N 230 
MET HG3  H N N 231 
MET HE1  H N N 232 
MET HE2  H N N 233 
MET HE3  H N N 234 
MET HXT  H N N 235 
MMA C1   C N S 236 
MMA C2   C N S 237 
MMA C3   C N S 238 
MMA C4   C N S 239 
MMA C5   C N R 240 
MMA C6   C N N 241 
MMA C7   C N N 242 
MMA O1   O N N 243 
MMA O2   O N N 244 
MMA O3   O N N 245 
MMA O4   O N N 246 
MMA O5   O N N 247 
MMA O6   O N N 248 
MMA H1   H N N 249 
MMA H2   H N N 250 
MMA H3   H N N 251 
MMA H4   H N N 252 
MMA H5   H N N 253 
MMA H61  H N N 254 
MMA H62  H N N 255 
MMA H71  H N N 256 
MMA H72  H N N 257 
MMA H73  H N N 258 
MMA HO2  H N N 259 
MMA HO3  H N N 260 
MMA HO4  H N N 261 
MMA HO6  H N N 262 
PHE N    N N N 263 
PHE CA   C N S 264 
PHE C    C N N 265 
PHE O    O N N 266 
PHE CB   C N N 267 
PHE CG   C Y N 268 
PHE CD1  C Y N 269 
PHE CD2  C Y N 270 
PHE CE1  C Y N 271 
PHE CE2  C Y N 272 
PHE CZ   C Y N 273 
PHE OXT  O N N 274 
PHE H    H N N 275 
PHE H2   H N N 276 
PHE HA   H N N 277 
PHE HB2  H N N 278 
PHE HB3  H N N 279 
PHE HD1  H N N 280 
PHE HD2  H N N 281 
PHE HE1  H N N 282 
PHE HE2  H N N 283 
PHE HZ   H N N 284 
PHE HXT  H N N 285 
PRO N    N N N 286 
PRO CA   C N S 287 
PRO C    C N N 288 
PRO O    O N N 289 
PRO CB   C N N 290 
PRO CG   C N N 291 
PRO CD   C N N 292 
PRO OXT  O N N 293 
PRO H    H N N 294 
PRO HA   H N N 295 
PRO HB2  H N N 296 
PRO HB3  H N N 297 
PRO HG2  H N N 298 
PRO HG3  H N N 299 
PRO HD2  H N N 300 
PRO HD3  H N N 301 
PRO HXT  H N N 302 
SER N    N N N 303 
SER CA   C N S 304 
SER C    C N N 305 
SER O    O N N 306 
SER CB   C N N 307 
SER OG   O N N 308 
SER OXT  O N N 309 
SER H    H N N 310 
SER H2   H N N 311 
SER HA   H N N 312 
SER HB2  H N N 313 
SER HB3  H N N 314 
SER HG   H N N 315 
SER HXT  H N N 316 
THR N    N N N 317 
THR CA   C N S 318 
THR C    C N N 319 
THR O    O N N 320 
THR CB   C N R 321 
THR OG1  O N N 322 
THR CG2  C N N 323 
THR OXT  O N N 324 
THR H    H N N 325 
THR H2   H N N 326 
THR HA   H N N 327 
THR HB   H N N 328 
THR HG1  H N N 329 
THR HG21 H N N 330 
THR HG22 H N N 331 
THR HG23 H N N 332 
THR HXT  H N N 333 
TRP N    N N N 334 
TRP CA   C N S 335 
TRP C    C N N 336 
TRP O    O N N 337 
TRP CB   C N N 338 
TRP CG   C Y N 339 
TRP CD1  C Y N 340 
TRP CD2  C Y N 341 
TRP NE1  N Y N 342 
TRP CE2  C Y N 343 
TRP CE3  C Y N 344 
TRP CZ2  C Y N 345 
TRP CZ3  C Y N 346 
TRP CH2  C Y N 347 
TRP OXT  O N N 348 
TRP H    H N N 349 
TRP H2   H N N 350 
TRP HA   H N N 351 
TRP HB2  H N N 352 
TRP HB3  H N N 353 
TRP HD1  H N N 354 
TRP HE1  H N N 355 
TRP HE3  H N N 356 
TRP HZ2  H N N 357 
TRP HZ3  H N N 358 
TRP HH2  H N N 359 
TRP HXT  H N N 360 
TYR N    N N N 361 
TYR CA   C N S 362 
TYR C    C N N 363 
TYR O    O N N 364 
TYR CB   C N N 365 
TYR CG   C Y N 366 
TYR CD1  C Y N 367 
TYR CD2  C Y N 368 
TYR CE1  C Y N 369 
TYR CE2  C Y N 370 
TYR CZ   C Y N 371 
TYR OH   O N N 372 
TYR OXT  O N N 373 
TYR H    H N N 374 
TYR H2   H N N 375 
TYR HA   H N N 376 
TYR HB2  H N N 377 
TYR HB3  H N N 378 
TYR HD1  H N N 379 
TYR HD2  H N N 380 
TYR HE1  H N N 381 
TYR HE2  H N N 382 
TYR HH   H N N 383 
TYR HXT  H N N 384 
VAL N    N N N 385 
VAL CA   C N S 386 
VAL C    C N N 387 
VAL O    O N N 388 
VAL CB   C N N 389 
VAL CG1  C N N 390 
VAL CG2  C N N 391 
VAL OXT  O N N 392 
VAL H    H N N 393 
VAL H2   H N N 394 
VAL HA   H N N 395 
VAL HB   H N N 396 
VAL HG11 H N N 397 
VAL HG12 H N N 398 
VAL HG13 H N N 399 
VAL HG21 H N N 400 
VAL HG22 H N N 401 
VAL HG23 H N N 402 
VAL HXT  H N N 403 
# 
loop_
_chem_comp_bond.comp_id 
_chem_comp_bond.atom_id_1 
_chem_comp_bond.atom_id_2 
_chem_comp_bond.value_order 
_chem_comp_bond.pdbx_aromatic_flag 
_chem_comp_bond.pdbx_stereo_config 
_chem_comp_bond.pdbx_ordinal 
ALA N   CA   sing N N 1   
ALA N   H    sing N N 2   
ALA N   H2   sing N N 3   
ALA CA  C    sing N N 4   
ALA CA  CB   sing N N 5   
ALA CA  HA   sing N N 6   
ALA C   O    doub N N 7   
ALA C   OXT  sing N N 8   
ALA CB  HB1  sing N N 9   
ALA CB  HB2  sing N N 10  
ALA CB  HB3  sing N N 11  
ALA OXT HXT  sing N N 12  
ARG N   CA   sing N N 13  
ARG N   H    sing N N 14  
ARG N   H2   sing N N 15  
ARG CA  C    sing N N 16  
ARG CA  CB   sing N N 17  
ARG CA  HA   sing N N 18  
ARG C   O    doub N N 19  
ARG C   OXT  sing N N 20  
ARG CB  CG   sing N N 21  
ARG CB  HB2  sing N N 22  
ARG CB  HB3  sing N N 23  
ARG CG  CD   sing N N 24  
ARG CG  HG2  sing N N 25  
ARG CG  HG3  sing N N 26  
ARG CD  NE   sing N N 27  
ARG CD  HD2  sing N N 28  
ARG CD  HD3  sing N N 29  
ARG NE  CZ   sing N N 30  
ARG NE  HE   sing N N 31  
ARG CZ  NH1  sing N N 32  
ARG CZ  NH2  doub N N 33  
ARG NH1 HH11 sing N N 34  
ARG NH1 HH12 sing N N 35  
ARG NH2 HH21 sing N N 36  
ARG NH2 HH22 sing N N 37  
ARG OXT HXT  sing N N 38  
ASN N   CA   sing N N 39  
ASN N   H    sing N N 40  
ASN N   H2   sing N N 41  
ASN CA  C    sing N N 42  
ASN CA  CB   sing N N 43  
ASN CA  HA   sing N N 44  
ASN C   O    doub N N 45  
ASN C   OXT  sing N N 46  
ASN CB  CG   sing N N 47  
ASN CB  HB2  sing N N 48  
ASN CB  HB3  sing N N 49  
ASN CG  OD1  doub N N 50  
ASN CG  ND2  sing N N 51  
ASN ND2 HD21 sing N N 52  
ASN ND2 HD22 sing N N 53  
ASN OXT HXT  sing N N 54  
ASP N   CA   sing N N 55  
ASP N   H    sing N N 56  
ASP N   H2   sing N N 57  
ASP CA  C    sing N N 58  
ASP CA  CB   sing N N 59  
ASP CA  HA   sing N N 60  
ASP C   O    doub N N 61  
ASP C   OXT  sing N N 62  
ASP CB  CG   sing N N 63  
ASP CB  HB2  sing N N 64  
ASP CB  HB3  sing N N 65  
ASP CG  OD1  doub N N 66  
ASP CG  OD2  sing N N 67  
ASP OD2 HD2  sing N N 68  
ASP OXT HXT  sing N N 69  
GLN N   CA   sing N N 70  
GLN N   H    sing N N 71  
GLN N   H2   sing N N 72  
GLN CA  C    sing N N 73  
GLN CA  CB   sing N N 74  
GLN CA  HA   sing N N 75  
GLN C   O    doub N N 76  
GLN C   OXT  sing N N 77  
GLN CB  CG   sing N N 78  
GLN CB  HB2  sing N N 79  
GLN CB  HB3  sing N N 80  
GLN CG  CD   sing N N 81  
GLN CG  HG2  sing N N 82  
GLN CG  HG3  sing N N 83  
GLN CD  OE1  doub N N 84  
GLN CD  NE2  sing N N 85  
GLN NE2 HE21 sing N N 86  
GLN NE2 HE22 sing N N 87  
GLN OXT HXT  sing N N 88  
GLU N   CA   sing N N 89  
GLU N   H    sing N N 90  
GLU N   H2   sing N N 91  
GLU CA  C    sing N N 92  
GLU CA  CB   sing N N 93  
GLU CA  HA   sing N N 94  
GLU C   O    doub N N 95  
GLU C   OXT  sing N N 96  
GLU CB  CG   sing N N 97  
GLU CB  HB2  sing N N 98  
GLU CB  HB3  sing N N 99  
GLU CG  CD   sing N N 100 
GLU CG  HG2  sing N N 101 
GLU CG  HG3  sing N N 102 
GLU CD  OE1  doub N N 103 
GLU CD  OE2  sing N N 104 
GLU OE2 HE2  sing N N 105 
GLU OXT HXT  sing N N 106 
GLY N   CA   sing N N 107 
GLY N   H    sing N N 108 
GLY N   H2   sing N N 109 
GLY CA  C    sing N N 110 
GLY CA  HA2  sing N N 111 
GLY CA  HA3  sing N N 112 
GLY C   O    doub N N 113 
GLY C   OXT  sing N N 114 
GLY OXT HXT  sing N N 115 
HIS N   CA   sing N N 116 
HIS N   H    sing N N 117 
HIS N   H2   sing N N 118 
HIS CA  C    sing N N 119 
HIS CA  CB   sing N N 120 
HIS CA  HA   sing N N 121 
HIS C   O    doub N N 122 
HIS C   OXT  sing N N 123 
HIS CB  CG   sing N N 124 
HIS CB  HB2  sing N N 125 
HIS CB  HB3  sing N N 126 
HIS CG  ND1  sing Y N 127 
HIS CG  CD2  doub Y N 128 
HIS ND1 CE1  doub Y N 129 
HIS ND1 HD1  sing N N 130 
HIS CD2 NE2  sing Y N 131 
HIS CD2 HD2  sing N N 132 
HIS CE1 NE2  sing Y N 133 
HIS CE1 HE1  sing N N 134 
HIS NE2 HE2  sing N N 135 
HIS OXT HXT  sing N N 136 
HOH O   H1   sing N N 137 
HOH O   H2   sing N N 138 
ILE N   CA   sing N N 139 
ILE N   H    sing N N 140 
ILE N   H2   sing N N 141 
ILE CA  C    sing N N 142 
ILE CA  CB   sing N N 143 
ILE CA  HA   sing N N 144 
ILE C   O    doub N N 145 
ILE C   OXT  sing N N 146 
ILE CB  CG1  sing N N 147 
ILE CB  CG2  sing N N 148 
ILE CB  HB   sing N N 149 
ILE CG1 CD1  sing N N 150 
ILE CG1 HG12 sing N N 151 
ILE CG1 HG13 sing N N 152 
ILE CG2 HG21 sing N N 153 
ILE CG2 HG22 sing N N 154 
ILE CG2 HG23 sing N N 155 
ILE CD1 HD11 sing N N 156 
ILE CD1 HD12 sing N N 157 
ILE CD1 HD13 sing N N 158 
ILE OXT HXT  sing N N 159 
LEU N   CA   sing N N 160 
LEU N   H    sing N N 161 
LEU N   H2   sing N N 162 
LEU CA  C    sing N N 163 
LEU CA  CB   sing N N 164 
LEU CA  HA   sing N N 165 
LEU C   O    doub N N 166 
LEU C   OXT  sing N N 167 
LEU CB  CG   sing N N 168 
LEU CB  HB2  sing N N 169 
LEU CB  HB3  sing N N 170 
LEU CG  CD1  sing N N 171 
LEU CG  CD2  sing N N 172 
LEU CG  HG   sing N N 173 
LEU CD1 HD11 sing N N 174 
LEU CD1 HD12 sing N N 175 
LEU CD1 HD13 sing N N 176 
LEU CD2 HD21 sing N N 177 
LEU CD2 HD22 sing N N 178 
LEU CD2 HD23 sing N N 179 
LEU OXT HXT  sing N N 180 
LYS N   CA   sing N N 181 
LYS N   H    sing N N 182 
LYS N   H2   sing N N 183 
LYS CA  C    sing N N 184 
LYS CA  CB   sing N N 185 
LYS CA  HA   sing N N 186 
LYS C   O    doub N N 187 
LYS C   OXT  sing N N 188 
LYS CB  CG   sing N N 189 
LYS CB  HB2  sing N N 190 
LYS CB  HB3  sing N N 191 
LYS CG  CD   sing N N 192 
LYS CG  HG2  sing N N 193 
LYS CG  HG3  sing N N 194 
LYS CD  CE   sing N N 195 
LYS CD  HD2  sing N N 196 
LYS CD  HD3  sing N N 197 
LYS CE  NZ   sing N N 198 
LYS CE  HE2  sing N N 199 
LYS CE  HE3  sing N N 200 
LYS NZ  HZ1  sing N N 201 
LYS NZ  HZ2  sing N N 202 
LYS NZ  HZ3  sing N N 203 
LYS OXT HXT  sing N N 204 
MET N   CA   sing N N 205 
MET N   H    sing N N 206 
MET N   H2   sing N N 207 
MET CA  C    sing N N 208 
MET CA  CB   sing N N 209 
MET CA  HA   sing N N 210 
MET C   O    doub N N 211 
MET C   OXT  sing N N 212 
MET CB  CG   sing N N 213 
MET CB  HB2  sing N N 214 
MET CB  HB3  sing N N 215 
MET CG  SD   sing N N 216 
MET CG  HG2  sing N N 217 
MET CG  HG3  sing N N 218 
MET SD  CE   sing N N 219 
MET CE  HE1  sing N N 220 
MET CE  HE2  sing N N 221 
MET CE  HE3  sing N N 222 
MET OXT HXT  sing N N 223 
MMA C1  C2   sing N N 224 
MMA C1  O1   sing N N 225 
MMA C1  O5   sing N N 226 
MMA C1  H1   sing N N 227 
MMA C2  C3   sing N N 228 
MMA C2  O2   sing N N 229 
MMA C2  H2   sing N N 230 
MMA C3  C4   sing N N 231 
MMA C3  O3   sing N N 232 
MMA C3  H3   sing N N 233 
MMA C4  C5   sing N N 234 
MMA C4  O4   sing N N 235 
MMA C4  H4   sing N N 236 
MMA C5  C6   sing N N 237 
MMA C5  O5   sing N N 238 
MMA C5  H5   sing N N 239 
MMA C6  O6   sing N N 240 
MMA C6  H61  sing N N 241 
MMA C6  H62  sing N N 242 
MMA C7  O1   sing N N 243 
MMA C7  H71  sing N N 244 
MMA C7  H72  sing N N 245 
MMA C7  H73  sing N N 246 
MMA O2  HO2  sing N N 247 
MMA O3  HO3  sing N N 248 
MMA O4  HO4  sing N N 249 
MMA O6  HO6  sing N N 250 
PHE N   CA   sing N N 251 
PHE N   H    sing N N 252 
PHE N   H2   sing N N 253 
PHE CA  C    sing N N 254 
PHE CA  CB   sing N N 255 
PHE CA  HA   sing N N 256 
PHE C   O    doub N N 257 
PHE C   OXT  sing N N 258 
PHE CB  CG   sing N N 259 
PHE CB  HB2  sing N N 260 
PHE CB  HB3  sing N N 261 
PHE CG  CD1  doub Y N 262 
PHE CG  CD2  sing Y N 263 
PHE CD1 CE1  sing Y N 264 
PHE CD1 HD1  sing N N 265 
PHE CD2 CE2  doub Y N 266 
PHE CD2 HD2  sing N N 267 
PHE CE1 CZ   doub Y N 268 
PHE CE1 HE1  sing N N 269 
PHE CE2 CZ   sing Y N 270 
PHE CE2 HE2  sing N N 271 
PHE CZ  HZ   sing N N 272 
PHE OXT HXT  sing N N 273 
PRO N   CA   sing N N 274 
PRO N   CD   sing N N 275 
PRO N   H    sing N N 276 
PRO CA  C    sing N N 277 
PRO CA  CB   sing N N 278 
PRO CA  HA   sing N N 279 
PRO C   O    doub N N 280 
PRO C   OXT  sing N N 281 
PRO CB  CG   sing N N 282 
PRO CB  HB2  sing N N 283 
PRO CB  HB3  sing N N 284 
PRO CG  CD   sing N N 285 
PRO CG  HG2  sing N N 286 
PRO CG  HG3  sing N N 287 
PRO CD  HD2  sing N N 288 
PRO CD  HD3  sing N N 289 
PRO OXT HXT  sing N N 290 
SER N   CA   sing N N 291 
SER N   H    sing N N 292 
SER N   H2   sing N N 293 
SER CA  C    sing N N 294 
SER CA  CB   sing N N 295 
SER CA  HA   sing N N 296 
SER C   O    doub N N 297 
SER C   OXT  sing N N 298 
SER CB  OG   sing N N 299 
SER CB  HB2  sing N N 300 
SER CB  HB3  sing N N 301 
SER OG  HG   sing N N 302 
SER OXT HXT  sing N N 303 
THR N   CA   sing N N 304 
THR N   H    sing N N 305 
THR N   H2   sing N N 306 
THR CA  C    sing N N 307 
THR CA  CB   sing N N 308 
THR CA  HA   sing N N 309 
THR C   O    doub N N 310 
THR C   OXT  sing N N 311 
THR CB  OG1  sing N N 312 
THR CB  CG2  sing N N 313 
THR CB  HB   sing N N 314 
THR OG1 HG1  sing N N 315 
THR CG2 HG21 sing N N 316 
THR CG2 HG22 sing N N 317 
THR CG2 HG23 sing N N 318 
THR OXT HXT  sing N N 319 
TRP N   CA   sing N N 320 
TRP N   H    sing N N 321 
TRP N   H2   sing N N 322 
TRP CA  C    sing N N 323 
TRP CA  CB   sing N N 324 
TRP CA  HA   sing N N 325 
TRP C   O    doub N N 326 
TRP C   OXT  sing N N 327 
TRP CB  CG   sing N N 328 
TRP CB  HB2  sing N N 329 
TRP CB  HB3  sing N N 330 
TRP CG  CD1  doub Y N 331 
TRP CG  CD2  sing Y N 332 
TRP CD1 NE1  sing Y N 333 
TRP CD1 HD1  sing N N 334 
TRP CD2 CE2  doub Y N 335 
TRP CD2 CE3  sing Y N 336 
TRP NE1 CE2  sing Y N 337 
TRP NE1 HE1  sing N N 338 
TRP CE2 CZ2  sing Y N 339 
TRP CE3 CZ3  doub Y N 340 
TRP CE3 HE3  sing N N 341 
TRP CZ2 CH2  doub Y N 342 
TRP CZ2 HZ2  sing N N 343 
TRP CZ3 CH2  sing Y N 344 
TRP CZ3 HZ3  sing N N 345 
TRP CH2 HH2  sing N N 346 
TRP OXT HXT  sing N N 347 
TYR N   CA   sing N N 348 
TYR N   H    sing N N 349 
TYR N   H2   sing N N 350 
TYR CA  C    sing N N 351 
TYR CA  CB   sing N N 352 
TYR CA  HA   sing N N 353 
TYR C   O    doub N N 354 
TYR C   OXT  sing N N 355 
TYR CB  CG   sing N N 356 
TYR CB  HB2  sing N N 357 
TYR CB  HB3  sing N N 358 
TYR CG  CD1  doub Y N 359 
TYR CG  CD2  sing Y N 360 
TYR CD1 CE1  sing Y N 361 
TYR CD1 HD1  sing N N 362 
TYR CD2 CE2  doub Y N 363 
TYR CD2 HD2  sing N N 364 
TYR CE1 CZ   doub Y N 365 
TYR CE1 HE1  sing N N 366 
TYR CE2 CZ   sing Y N 367 
TYR CE2 HE2  sing N N 368 
TYR CZ  OH   sing N N 369 
TYR OH  HH   sing N N 370 
TYR OXT HXT  sing N N 371 
VAL N   CA   sing N N 372 
VAL N   H    sing N N 373 
VAL N   H2   sing N N 374 
VAL CA  C    sing N N 375 
VAL CA  CB   sing N N 376 
VAL CA  HA   sing N N 377 
VAL C   O    doub N N 378 
VAL C   OXT  sing N N 379 
VAL CB  CG1  sing N N 380 
VAL CB  CG2  sing N N 381 
VAL CB  HB   sing N N 382 
VAL CG1 HG11 sing N N 383 
VAL CG1 HG12 sing N N 384 
VAL CG1 HG13 sing N N 385 
VAL CG2 HG21 sing N N 386 
VAL CG2 HG22 sing N N 387 
VAL CG2 HG23 sing N N 388 
VAL OXT HXT  sing N N 389 
# 
_pdbx_audit_support.funding_organization   'Department of Biotechnology (DBT, India)' 
_pdbx_audit_support.country                India 
_pdbx_audit_support.grant_number           ? 
_pdbx_audit_support.ordinal                1 
# 
loop_
_pdbx_chem_comp_identifier.comp_id 
_pdbx_chem_comp_identifier.type 
_pdbx_chem_comp_identifier.program 
_pdbx_chem_comp_identifier.program_version 
_pdbx_chem_comp_identifier.identifier 
MMA 'CONDENSED IUPAC CARBOHYDRATE SYMBOL' GMML     1.0 'DManp[1Me]a'              
MMA 'COMMON NAME'                         GMML     1.0 1-methyl-a-D-mannopyranose 
MMA 'IUPAC CARBOHYDRATE SYMBOL'           PDB-CARE 1.0 o1-methyl-mannose          
# 
_pdbx_entity_instance_feature.ordinal        1 
_pdbx_entity_instance_feature.comp_id        MMA 
_pdbx_entity_instance_feature.asym_id        ? 
_pdbx_entity_instance_feature.seq_num        ? 
_pdbx_entity_instance_feature.auth_comp_id   MMA 
_pdbx_entity_instance_feature.auth_asym_id   ? 
_pdbx_entity_instance_feature.auth_seq_num   ? 
_pdbx_entity_instance_feature.feature_type   'SUBJECT OF INVESTIGATION' 
_pdbx_entity_instance_feature.details        ? 
# 
loop_
_pdbx_entity_nonpoly.entity_id 
_pdbx_entity_nonpoly.name 
_pdbx_entity_nonpoly.comp_id 
2 'methyl alpha-D-mannopyranoside' MMA 
3 water                            HOH 
# 
_pdbx_initial_refinement_model.id               1 
_pdbx_initial_refinement_model.entity_id_list   ? 
_pdbx_initial_refinement_model.type             'experimental model' 
_pdbx_initial_refinement_model.source_name      PDB 
_pdbx_initial_refinement_model.accession_code   1X1V 
_pdbx_initial_refinement_model.details          ? 
# 
_pdbx_struct_assembly_auth_evidence.id                     1 
_pdbx_struct_assembly_auth_evidence.assembly_id            1 
_pdbx_struct_assembly_auth_evidence.experimental_support   'gel filtration' 
_pdbx_struct_assembly_auth_evidence.details                ? 
# 
